data_2CRJ
#
_entry.id   2CRJ
#
_entity_poly.entity_id   1
_entity_poly.type   'polypeptide(L)'
_entity_poly.pdbx_seq_one_letter_code
;GSSGSSGPKAPVTGYVRFLNERREQIRTRHPDLPFPEITKMLGAEWSKLQPAEKQRYLDEAEKEKQQYLKELWAYQQSEA
YKVCTESGPSSG
;
_entity_poly.pdbx_strand_id   A
#
# COMPACT_ATOMS: atom_id res chain seq x y z
N GLY A 1 0.65 -18.48 -7.99
CA GLY A 1 0.33 -17.08 -8.25
C GLY A 1 1.57 -16.21 -8.29
N SER A 2 1.46 -15.07 -8.96
CA SER A 2 2.59 -14.14 -9.08
C SER A 2 2.22 -12.77 -8.51
N SER A 3 3.10 -12.23 -7.67
CA SER A 3 2.88 -10.94 -7.06
C SER A 3 3.96 -9.93 -7.48
N GLY A 4 3.65 -8.65 -7.33
CA GLY A 4 4.60 -7.62 -7.70
C GLY A 4 4.70 -7.44 -9.20
N SER A 5 4.66 -6.18 -9.65
CA SER A 5 4.75 -5.89 -11.08
C SER A 5 5.23 -4.45 -11.30
N SER A 6 5.97 -4.25 -12.38
CA SER A 6 6.50 -2.93 -12.72
C SER A 6 6.97 -2.21 -11.45
N GLY A 7 7.77 -2.89 -10.65
CA GLY A 7 8.28 -2.30 -9.42
C GLY A 7 7.60 -2.86 -8.19
N PRO A 8 7.90 -2.26 -7.02
CA PRO A 8 7.32 -2.69 -5.74
C PRO A 8 5.83 -2.39 -5.64
N LYS A 9 5.09 -3.29 -5.02
CA LYS A 9 3.66 -3.11 -4.85
C LYS A 9 3.35 -2.05 -3.79
N ALA A 10 3.06 -0.84 -4.26
CA ALA A 10 2.75 0.26 -3.35
C ALA A 10 1.78 -0.18 -2.25
N PRO A 11 2.26 -0.13 -1.00
CA PRO A 11 1.46 -0.53 0.16
C PRO A 11 0.33 0.46 0.45
N VAL A 12 -0.75 -0.04 1.05
CA VAL A 12 -1.89 0.80 1.38
C VAL A 12 -1.55 1.79 2.49
N THR A 13 -1.95 3.04 2.31
CA THR A 13 -1.69 4.08 3.30
C THR A 13 -2.29 3.72 4.65
N GLY A 14 -2.03 4.57 5.65
CA GLY A 14 -2.57 4.32 6.98
C GLY A 14 -4.08 4.41 7.02
N TYR A 15 -4.64 5.28 6.20
CA TYR A 15 -6.09 5.47 6.15
C TYR A 15 -6.77 4.27 5.52
N VAL A 16 -6.14 3.70 4.49
CA VAL A 16 -6.68 2.54 3.81
C VAL A 16 -6.39 1.26 4.58
N ARG A 17 -5.21 1.20 5.18
CA ARG A 17 -4.80 0.02 5.95
C ARG A 17 -5.94 -0.47 6.83
N PHE A 18 -6.54 0.44 7.58
CA PHE A 18 -7.65 0.08 8.46
C PHE A 18 -8.87 -0.34 7.66
N LEU A 19 -9.06 0.28 6.50
CA LEU A 19 -10.19 -0.03 5.64
C LEU A 19 -10.04 -1.41 5.00
N ASN A 20 -8.79 -1.83 4.80
CA ASN A 20 -8.51 -3.12 4.21
C ASN A 20 -9.07 -4.26 5.07
N GLU A 21 -8.60 -4.32 6.32
CA GLU A 21 -9.06 -5.35 7.24
C GLU A 21 -10.56 -5.25 7.49
N ARG A 22 -11.01 -4.04 7.82
CA ARG A 22 -12.42 -3.79 8.09
C ARG A 22 -13.28 -4.26 6.91
N ARG A 23 -12.84 -3.93 5.70
CA ARG A 23 -13.58 -4.32 4.50
C ARG A 23 -14.15 -5.72 4.64
N GLU A 24 -13.36 -6.62 5.20
CA GLU A 24 -13.78 -8.01 5.39
C GLU A 24 -14.93 -8.09 6.40
N GLN A 25 -14.73 -7.47 7.56
CA GLN A 25 -15.75 -7.47 8.60
C GLN A 25 -17.13 -7.23 8.02
N ILE A 26 -17.25 -6.22 7.17
CA ILE A 26 -18.52 -5.88 6.54
C ILE A 26 -18.98 -7.00 5.61
N ARG A 27 -18.16 -7.33 4.63
CA ARG A 27 -18.49 -8.39 3.68
C ARG A 27 -19.25 -9.52 4.37
N THR A 28 -18.77 -9.91 5.55
CA THR A 28 -19.40 -10.98 6.31
C THR A 28 -20.83 -10.63 6.68
N ARG A 29 -21.04 -9.39 7.11
CA ARG A 29 -22.37 -8.92 7.50
C ARG A 29 -23.22 -8.62 6.27
N HIS A 30 -22.72 -7.73 5.41
CA HIS A 30 -23.43 -7.36 4.20
C HIS A 30 -22.74 -7.94 2.96
N PRO A 31 -22.96 -9.25 2.73
CA PRO A 31 -22.38 -9.95 1.60
C PRO A 31 -22.99 -9.52 0.27
N ASP A 32 -23.96 -8.62 0.33
CA ASP A 32 -24.62 -8.11 -0.86
C ASP A 32 -24.09 -6.74 -1.24
N LEU A 33 -23.62 -5.99 -0.25
CA LEU A 33 -23.08 -4.65 -0.48
C LEU A 33 -21.84 -4.72 -1.37
N PRO A 34 -21.86 -3.96 -2.48
CA PRO A 34 -20.75 -3.92 -3.43
C PRO A 34 -19.53 -3.21 -2.85
N PHE A 35 -18.61 -2.81 -3.73
CA PHE A 35 -17.40 -2.12 -3.31
C PHE A 35 -17.71 -0.69 -2.86
N PRO A 36 -18.29 0.10 -3.77
CA PRO A 36 -18.65 1.50 -3.50
C PRO A 36 -19.82 1.61 -2.52
N GLU A 37 -20.06 0.54 -1.77
CA GLU A 37 -21.14 0.52 -0.80
C GLU A 37 -20.62 0.14 0.58
N ILE A 38 -19.52 -0.60 0.62
CA ILE A 38 -18.92 -1.04 1.87
C ILE A 38 -17.94 0.00 2.40
N THR A 39 -17.10 0.52 1.51
CA THR A 39 -16.10 1.52 1.88
C THR A 39 -16.76 2.79 2.39
N LYS A 40 -17.86 3.18 1.76
CA LYS A 40 -18.60 4.37 2.15
C LYS A 40 -19.04 4.29 3.60
N MET A 41 -19.24 3.06 4.08
CA MET A 41 -19.67 2.84 5.46
C MET A 41 -18.50 2.93 6.42
N LEU A 42 -17.41 2.25 6.09
CA LEU A 42 -16.21 2.27 6.91
C LEU A 42 -15.70 3.69 7.12
N GLY A 43 -15.58 4.43 6.03
CA GLY A 43 -15.11 5.81 6.11
C GLY A 43 -15.59 6.51 7.36
N ALA A 44 -16.90 6.50 7.57
CA ALA A 44 -17.50 7.13 8.75
C ALA A 44 -16.78 6.71 10.01
N GLU A 45 -16.47 5.43 10.12
CA GLU A 45 -15.79 4.89 11.29
C GLU A 45 -14.44 5.58 11.50
N TRP A 46 -13.65 5.65 10.44
CA TRP A 46 -12.34 6.29 10.49
C TRP A 46 -12.40 7.61 11.24
N SER A 47 -13.50 8.33 11.05
CA SER A 47 -13.69 9.63 11.70
C SER A 47 -14.11 9.44 13.16
N LYS A 48 -14.81 8.34 13.43
CA LYS A 48 -15.26 8.04 14.79
C LYS A 48 -14.27 7.15 15.52
N LEU A 49 -13.06 7.05 14.98
CA LEU A 49 -12.01 6.24 15.57
C LEU A 49 -11.48 6.89 16.84
N GLN A 50 -10.68 6.13 17.60
CA GLN A 50 -10.10 6.63 18.83
C GLN A 50 -8.76 7.32 18.58
N PRO A 51 -8.34 8.18 19.51
CA PRO A 51 -7.08 8.91 19.39
C PRO A 51 -5.87 8.01 19.55
N ALA A 52 -6.11 6.71 19.74
CA ALA A 52 -5.05 5.73 19.90
C ALA A 52 -4.96 4.82 18.69
N GLU A 53 -6.11 4.47 18.13
CA GLU A 53 -6.16 3.59 16.96
C GLU A 53 -5.83 4.36 15.69
N LYS A 54 -6.54 5.46 15.47
CA LYS A 54 -6.32 6.29 14.29
C LYS A 54 -4.86 6.70 14.17
N GLN A 55 -4.28 7.13 15.28
CA GLN A 55 -2.87 7.54 15.30
C GLN A 55 -1.96 6.37 14.98
N ARG A 56 -2.23 5.22 15.60
CA ARG A 56 -1.42 4.03 15.38
C ARG A 56 -1.46 3.61 13.91
N TYR A 57 -2.67 3.41 13.38
CA TYR A 57 -2.83 3.01 12.00
C TYR A 57 -1.88 3.77 11.08
N LEU A 58 -1.85 5.09 11.25
CA LEU A 58 -0.98 5.94 10.44
C LEU A 58 0.48 5.56 10.63
N ASP A 59 0.84 5.17 11.85
CA ASP A 59 2.20 4.77 12.15
C ASP A 59 2.52 3.41 11.55
N GLU A 60 1.57 2.49 11.66
CA GLU A 60 1.74 1.15 11.13
C GLU A 60 2.09 1.19 9.64
N ALA A 61 1.60 2.21 8.96
CA ALA A 61 1.86 2.37 7.53
C ALA A 61 3.16 3.12 7.28
N GLU A 62 3.95 3.27 8.34
CA GLU A 62 5.23 3.98 8.24
C GLU A 62 6.39 2.99 8.13
N LYS A 63 6.54 2.15 9.15
CA LYS A 63 7.60 1.16 9.17
C LYS A 63 7.55 0.28 7.93
N GLU A 64 6.37 -0.26 7.63
CA GLU A 64 6.19 -1.11 6.46
C GLU A 64 6.59 -0.37 5.18
N LYS A 65 6.07 0.83 5.01
CA LYS A 65 6.36 1.64 3.83
C LYS A 65 7.83 1.54 3.47
N GLN A 66 8.70 1.90 4.41
CA GLN A 66 10.14 1.85 4.18
C GLN A 66 10.51 0.64 3.33
N GLN A 67 10.05 -0.54 3.75
CA GLN A 67 10.34 -1.77 3.02
C GLN A 67 10.08 -1.60 1.53
N TYR A 68 8.89 -1.10 1.20
CA TYR A 68 8.51 -0.91 -0.19
C TYR A 68 9.42 0.12 -0.86
N LEU A 69 9.65 1.23 -0.18
CA LEU A 69 10.51 2.29 -0.70
C LEU A 69 11.80 1.71 -1.28
N LYS A 70 12.55 1.00 -0.45
CA LYS A 70 13.80 0.38 -0.87
C LYS A 70 13.57 -0.57 -2.04
N GLU A 71 12.39 -1.17 -2.08
CA GLU A 71 12.04 -2.10 -3.15
C GLU A 71 11.69 -1.35 -4.43
N LEU A 72 11.85 -0.03 -4.40
CA LEU A 72 11.55 0.80 -5.56
C LEU A 72 12.82 1.28 -6.24
N TRP A 73 13.76 1.75 -5.43
CA TRP A 73 15.04 2.25 -5.96
C TRP A 73 16.13 1.19 -5.81
N ALA A 74 16.31 0.69 -4.59
CA ALA A 74 17.32 -0.33 -4.33
C ALA A 74 17.30 -1.41 -5.40
N TYR A 75 16.17 -1.54 -6.09
CA TYR A 75 16.03 -2.54 -7.14
C TYR A 75 16.33 -1.93 -8.51
N GLN A 76 15.66 -0.83 -8.82
CA GLN A 76 15.86 -0.16 -10.09
C GLN A 76 17.35 0.04 -10.39
N GLN A 77 18.09 0.44 -9.36
CA GLN A 77 19.53 0.67 -9.51
C GLN A 77 20.31 -0.58 -9.12
N SER A 78 20.20 -1.63 -9.91
CA SER A 78 20.89 -2.88 -9.66
C SER A 78 21.27 -3.58 -10.96
N GLU A 79 22.44 -4.21 -10.97
CA GLU A 79 22.92 -4.91 -12.16
C GLU A 79 21.80 -5.71 -12.81
N ALA A 80 21.08 -6.47 -11.99
CA ALA A 80 19.97 -7.28 -12.48
C ALA A 80 18.98 -6.44 -13.27
N TYR A 81 18.79 -5.20 -12.84
CA TYR A 81 17.86 -4.29 -13.50
C TYR A 81 18.32 -3.99 -14.93
N LYS A 82 19.60 -3.70 -15.08
CA LYS A 82 20.17 -3.39 -16.39
C LYS A 82 20.33 -4.66 -17.23
N VAL A 83 21.08 -5.63 -16.69
CA VAL A 83 21.30 -6.88 -17.39
C VAL A 83 19.97 -7.55 -17.76
N CYS A 84 19.76 -7.76 -19.05
CA CYS A 84 18.54 -8.39 -19.54
C CYS A 84 18.75 -9.01 -20.91
N THR A 85 17.71 -9.61 -21.45
CA THR A 85 17.77 -10.25 -22.76
C THR A 85 17.61 -9.22 -23.88
N GLU A 86 18.22 -8.06 -23.70
CA GLU A 86 18.13 -6.99 -24.69
C GLU A 86 19.48 -6.78 -25.38
N SER A 87 19.47 -5.97 -26.44
CA SER A 87 20.69 -5.69 -27.19
C SER A 87 20.77 -4.22 -27.57
N GLY A 88 21.98 -3.73 -27.81
CA GLY A 88 22.17 -2.35 -28.18
C GLY A 88 23.43 -1.74 -27.59
N PRO A 89 23.29 -1.14 -26.40
CA PRO A 89 24.41 -0.52 -25.69
C PRO A 89 25.41 -1.55 -25.17
N SER A 90 26.58 -1.60 -25.80
CA SER A 90 27.62 -2.53 -25.39
C SER A 90 28.97 -1.83 -25.24
N SER A 91 29.22 -1.30 -24.05
CA SER A 91 30.47 -0.59 -23.78
C SER A 91 30.91 0.23 -24.99
N GLY A 92 29.96 0.94 -25.59
CA GLY A 92 30.27 1.77 -26.75
C GLY A 92 30.00 1.04 -28.05
N GLY A 1 -3.41 -13.29 -10.80
CA GLY A 1 -2.26 -12.81 -11.54
C GLY A 1 -1.60 -11.61 -10.89
N SER A 2 -1.13 -10.67 -11.70
CA SER A 2 -0.48 -9.47 -11.19
C SER A 2 0.57 -9.83 -10.14
N SER A 3 1.37 -10.85 -10.43
CA SER A 3 2.40 -11.29 -9.52
C SER A 3 3.78 -10.78 -9.96
N GLY A 4 4.30 -9.82 -9.20
CA GLY A 4 5.60 -9.25 -9.52
C GLY A 4 5.49 -8.01 -10.38
N SER A 5 6.38 -7.05 -10.16
CA SER A 5 6.38 -5.81 -10.92
C SER A 5 7.72 -5.09 -10.80
N SER A 6 7.87 -3.99 -11.52
CA SER A 6 9.10 -3.21 -11.49
C SER A 6 9.20 -2.39 -10.21
N GLY A 7 10.40 -2.35 -9.63
CA GLY A 7 10.61 -1.60 -8.41
C GLY A 7 9.79 -2.14 -7.25
N PRO A 8 10.04 -1.60 -6.04
CA PRO A 8 9.33 -2.02 -4.83
C PRO A 8 7.87 -1.60 -4.83
N LYS A 9 7.02 -2.44 -4.25
CA LYS A 9 5.59 -2.16 -4.18
C LYS A 9 5.26 -1.25 -3.00
N ALA A 10 4.87 -0.02 -3.30
CA ALA A 10 4.53 0.95 -2.26
C ALA A 10 3.40 0.44 -1.38
N PRO A 11 3.61 0.47 -0.06
CA PRO A 11 2.62 0.01 0.91
C PRO A 11 1.41 0.93 1.00
N VAL A 12 0.31 0.41 1.52
CA VAL A 12 -0.92 1.19 1.65
C VAL A 12 -0.84 2.15 2.83
N THR A 13 -1.41 3.34 2.65
CA THR A 13 -1.39 4.35 3.70
C THR A 13 -2.29 3.95 4.86
N GLY A 14 -1.86 4.27 6.08
CA GLY A 14 -2.64 3.94 7.26
C GLY A 14 -4.13 4.03 7.01
N TYR A 15 -4.54 5.01 6.22
CA TYR A 15 -5.96 5.20 5.89
C TYR A 15 -6.53 3.99 5.18
N VAL A 16 -5.95 3.66 4.03
CA VAL A 16 -6.40 2.52 3.25
C VAL A 16 -6.23 1.21 4.02
N ARG A 17 -5.09 1.09 4.70
CA ARG A 17 -4.81 -0.11 5.49
C ARG A 17 -6.01 -0.52 6.32
N PHE A 18 -6.63 0.47 6.97
CA PHE A 18 -7.80 0.22 7.81
C PHE A 18 -9.01 -0.17 6.95
N LEU A 19 -9.19 0.54 5.85
CA LEU A 19 -10.31 0.28 4.95
C LEU A 19 -10.37 -1.20 4.57
N ASN A 20 -9.24 -1.74 4.10
CA ASN A 20 -9.17 -3.13 3.71
C ASN A 20 -9.34 -4.05 4.92
N GLU A 21 -8.59 -3.75 5.98
CA GLU A 21 -8.65 -4.55 7.20
C GLU A 21 -10.10 -4.77 7.64
N ARG A 22 -10.89 -3.69 7.62
CA ARG A 22 -12.29 -3.76 8.01
C ARG A 22 -13.15 -4.27 6.86
N ARG A 23 -12.75 -3.92 5.64
CA ARG A 23 -13.49 -4.33 4.45
C ARG A 23 -13.99 -5.75 4.59
N GLU A 24 -13.13 -6.64 5.08
CA GLU A 24 -13.49 -8.04 5.27
C GLU A 24 -14.57 -8.19 6.32
N GLN A 25 -14.39 -7.51 7.46
CA GLN A 25 -15.36 -7.56 8.54
C GLN A 25 -16.77 -7.29 8.04
N ILE A 26 -16.89 -6.34 7.12
CA ILE A 26 -18.19 -5.99 6.56
C ILE A 26 -18.72 -7.09 5.67
N ARG A 27 -17.96 -7.43 4.62
CA ARG A 27 -18.36 -8.48 3.69
C ARG A 27 -19.07 -9.62 4.42
N THR A 28 -18.64 -9.87 5.66
CA THR A 28 -19.23 -10.94 6.47
C THR A 28 -20.67 -10.59 6.85
N ARG A 29 -20.88 -9.36 7.30
CA ARG A 29 -22.19 -8.92 7.72
C ARG A 29 -23.04 -8.52 6.51
N HIS A 30 -22.48 -7.67 5.65
CA HIS A 30 -23.18 -7.22 4.45
C HIS A 30 -22.59 -7.85 3.20
N PRO A 31 -22.85 -9.15 3.02
CA PRO A 31 -22.34 -9.91 1.86
C PRO A 31 -23.01 -9.48 0.56
N ASP A 32 -23.96 -8.56 0.65
CA ASP A 32 -24.67 -8.06 -0.52
C ASP A 32 -24.15 -6.69 -0.94
N LEU A 33 -23.61 -5.95 0.03
CA LEU A 33 -23.08 -4.62 -0.22
C LEU A 33 -21.86 -4.69 -1.14
N PRO A 34 -21.90 -3.95 -2.25
CA PRO A 34 -20.80 -3.91 -3.22
C PRO A 34 -19.57 -3.20 -2.68
N PHE A 35 -18.67 -2.81 -3.57
CA PHE A 35 -17.44 -2.12 -3.18
C PHE A 35 -17.75 -0.70 -2.74
N PRO A 36 -18.34 0.09 -3.65
CA PRO A 36 -18.69 1.49 -3.39
C PRO A 36 -19.84 1.61 -2.39
N GLU A 37 -20.07 0.56 -1.62
CA GLU A 37 -21.14 0.54 -0.62
C GLU A 37 -20.60 0.17 0.75
N ILE A 38 -19.50 -0.59 0.76
CA ILE A 38 -18.88 -1.03 2.01
C ILE A 38 -17.90 0.02 2.53
N THR A 39 -17.11 0.57 1.62
CA THR A 39 -16.12 1.59 1.97
C THR A 39 -16.78 2.81 2.58
N LYS A 40 -17.82 3.31 1.91
CA LYS A 40 -18.54 4.48 2.39
C LYS A 40 -18.87 4.36 3.87
N MET A 41 -19.14 3.13 4.31
CA MET A 41 -19.47 2.87 5.71
C MET A 41 -18.23 2.99 6.59
N LEU A 42 -17.17 2.30 6.19
CA LEU A 42 -15.91 2.33 6.93
C LEU A 42 -15.39 3.75 7.09
N GLY A 43 -15.32 4.46 5.97
CA GLY A 43 -14.84 5.84 6.00
C GLY A 43 -15.39 6.62 7.18
N ALA A 44 -16.70 6.54 7.37
CA ALA A 44 -17.36 7.24 8.47
C ALA A 44 -16.80 6.80 9.82
N GLU A 45 -16.44 5.52 9.92
CA GLU A 45 -15.90 4.97 11.15
C GLU A 45 -14.50 5.53 11.43
N TRP A 46 -13.74 5.74 10.35
CA TRP A 46 -12.39 6.27 10.48
C TRP A 46 -12.38 7.60 11.23
N SER A 47 -13.34 8.46 10.90
CA SER A 47 -13.45 9.76 11.54
C SER A 47 -13.97 9.62 12.97
N LYS A 48 -14.66 8.52 13.24
CA LYS A 48 -15.21 8.27 14.57
C LYS A 48 -14.29 7.37 15.37
N LEU A 49 -13.09 7.13 14.84
CA LEU A 49 -12.11 6.29 15.52
C LEU A 49 -11.55 6.97 16.76
N GLN A 50 -11.00 6.19 17.67
CA GLN A 50 -10.43 6.73 18.90
C GLN A 50 -9.07 7.36 18.63
N PRO A 51 -8.66 8.28 19.52
CA PRO A 51 -7.37 8.97 19.40
C PRO A 51 -6.18 8.05 19.66
N ALA A 52 -6.47 6.77 19.89
CA ALA A 52 -5.43 5.79 20.16
C ALA A 52 -5.33 4.79 19.01
N GLU A 53 -6.46 4.44 18.41
CA GLU A 53 -6.49 3.50 17.30
C GLU A 53 -6.12 4.18 16.00
N LYS A 54 -6.81 5.28 15.69
CA LYS A 54 -6.55 6.02 14.46
C LYS A 54 -5.08 6.38 14.35
N GLN A 55 -4.48 6.79 15.46
CA GLN A 55 -3.07 7.16 15.48
C GLN A 55 -2.19 5.94 15.26
N ARG A 56 -2.65 4.78 15.72
CA ARG A 56 -1.90 3.55 15.58
C ARG A 56 -1.87 3.09 14.12
N TYR A 57 -3.00 3.24 13.44
CA TYR A 57 -3.10 2.85 12.04
C TYR A 57 -2.08 3.58 11.19
N LEU A 58 -2.02 4.90 11.35
CA LEU A 58 -1.09 5.73 10.59
C LEU A 58 0.33 5.18 10.70
N ASP A 59 0.80 5.01 11.93
CA ASP A 59 2.14 4.49 12.17
C ASP A 59 2.34 3.15 11.47
N GLU A 60 1.43 2.22 11.71
CA GLU A 60 1.50 0.89 11.11
C GLU A 60 1.97 0.99 9.65
N ALA A 61 1.23 1.78 8.86
CA ALA A 61 1.57 1.96 7.45
C ALA A 61 3.01 2.45 7.29
N GLU A 62 3.43 3.33 8.17
CA GLU A 62 4.78 3.89 8.12
C GLU A 62 5.82 2.79 8.31
N LYS A 63 5.73 2.09 9.44
CA LYS A 63 6.66 1.00 9.75
C LYS A 63 6.88 0.12 8.53
N GLU A 64 5.84 -0.04 7.72
CA GLU A 64 5.93 -0.86 6.52
C GLU A 64 6.80 -0.20 5.46
N LYS A 65 6.71 1.13 5.36
CA LYS A 65 7.49 1.88 4.40
C LYS A 65 8.98 1.75 4.68
N GLN A 66 9.38 2.03 5.91
CA GLN A 66 10.78 1.94 6.31
C GLN A 66 11.47 0.80 5.58
N GLN A 67 10.74 -0.28 5.35
CA GLN A 67 11.28 -1.45 4.66
C GLN A 67 11.18 -1.29 3.15
N TYR A 68 10.02 -0.82 2.69
CA TYR A 68 9.78 -0.62 1.26
C TYR A 68 10.77 0.38 0.68
N LEU A 69 11.44 1.12 1.55
CA LEU A 69 12.43 2.12 1.13
C LEU A 69 13.67 1.44 0.57
N LYS A 70 14.34 0.64 1.40
CA LYS A 70 15.55 -0.07 0.99
C LYS A 70 15.30 -0.85 -0.29
N GLU A 71 14.04 -1.25 -0.51
CA GLU A 71 13.69 -2.01 -1.70
C GLU A 71 13.52 -1.08 -2.90
N LEU A 72 13.94 0.17 -2.75
CA LEU A 72 13.83 1.15 -3.82
C LEU A 72 15.22 1.64 -4.25
N TRP A 73 16.10 1.82 -3.27
CA TRP A 73 17.45 2.29 -3.55
C TRP A 73 18.47 1.16 -3.37
N ALA A 74 18.30 0.39 -2.29
CA ALA A 74 19.20 -0.73 -2.01
C ALA A 74 19.19 -1.73 -3.16
N TYR A 75 18.20 -1.64 -4.02
CA TYR A 75 18.09 -2.55 -5.16
C TYR A 75 18.52 -1.86 -6.45
N GLN A 76 18.00 -0.66 -6.68
CA GLN A 76 18.34 0.10 -7.88
C GLN A 76 19.85 0.24 -8.03
N GLN A 77 20.57 0.15 -6.92
CA GLN A 77 22.02 0.27 -6.92
C GLN A 77 22.67 -1.10 -6.94
N SER A 78 21.94 -2.10 -7.43
CA SER A 78 22.45 -3.47 -7.50
C SER A 78 22.83 -3.83 -8.93
N GLU A 79 23.73 -4.80 -9.07
CA GLU A 79 24.18 -5.24 -10.38
C GLU A 79 23.01 -5.71 -11.23
N ALA A 80 22.09 -6.43 -10.60
CA ALA A 80 20.92 -6.94 -11.30
C ALA A 80 20.14 -5.80 -11.98
N TYR A 81 20.38 -4.58 -11.51
CA TYR A 81 19.70 -3.41 -12.07
C TYR A 81 20.36 -2.97 -13.37
N LYS A 82 21.68 -3.06 -13.43
CA LYS A 82 22.42 -2.68 -14.63
C LYS A 82 22.28 -3.73 -15.72
N VAL A 83 22.51 -4.98 -15.36
CA VAL A 83 22.41 -6.08 -16.32
C VAL A 83 21.13 -5.98 -17.14
N CYS A 84 20.05 -5.57 -16.49
CA CYS A 84 18.76 -5.42 -17.15
C CYS A 84 18.91 -4.67 -18.47
N THR A 85 17.83 -4.58 -19.23
CA THR A 85 17.84 -3.90 -20.52
C THR A 85 17.32 -2.47 -20.38
N GLU A 86 18.24 -1.53 -20.17
CA GLU A 86 17.87 -0.12 -20.02
C GLU A 86 19.07 0.78 -20.28
N SER A 87 18.92 1.71 -21.23
CA SER A 87 19.99 2.62 -21.57
C SER A 87 20.60 3.26 -20.32
N GLY A 88 21.78 3.86 -20.49
CA GLY A 88 22.44 4.49 -19.35
C GLY A 88 23.73 5.18 -19.76
N PRO A 89 24.37 5.85 -18.79
CA PRO A 89 25.62 6.59 -19.03
C PRO A 89 26.80 5.64 -19.29
N SER A 90 27.79 6.13 -20.01
CA SER A 90 28.98 5.34 -20.34
C SER A 90 30.23 5.96 -19.73
N SER A 91 30.50 5.61 -18.47
CA SER A 91 31.67 6.13 -17.78
C SER A 91 32.89 6.13 -18.69
N GLY A 92 33.15 4.99 -19.34
CA GLY A 92 34.29 4.89 -20.24
C GLY A 92 34.27 5.95 -21.31
N GLY A 1 -4.43 -12.23 -9.74
CA GLY A 1 -3.76 -12.54 -10.98
C GLY A 1 -2.27 -12.26 -10.92
N SER A 2 -1.71 -11.72 -11.99
CA SER A 2 -0.29 -11.42 -12.05
C SER A 2 -0.06 -10.01 -12.60
N SER A 3 0.23 -9.07 -11.70
CA SER A 3 0.46 -7.68 -12.09
C SER A 3 1.94 -7.46 -12.43
N GLY A 4 2.81 -8.22 -11.77
CA GLY A 4 4.24 -8.09 -12.01
C GLY A 4 4.70 -6.65 -11.97
N SER A 5 4.29 -5.92 -10.94
CA SER A 5 4.66 -4.52 -10.78
C SER A 5 6.18 -4.36 -10.88
N SER A 6 6.61 -3.33 -11.60
CA SER A 6 8.03 -3.06 -11.77
C SER A 6 8.61 -2.35 -10.54
N GLY A 7 9.11 -3.15 -9.60
CA GLY A 7 9.68 -2.60 -8.38
C GLY A 7 8.94 -3.05 -7.14
N PRO A 8 9.14 -2.32 -6.03
CA PRO A 8 8.49 -2.63 -4.75
C PRO A 8 6.99 -2.39 -4.78
N LYS A 9 6.24 -3.27 -4.14
CA LYS A 9 4.78 -3.15 -4.09
C LYS A 9 4.37 -2.12 -3.05
N ALA A 10 4.21 -0.87 -3.49
CA ALA A 10 3.81 0.21 -2.59
C ALA A 10 2.71 -0.25 -1.64
N PRO A 11 2.98 -0.16 -0.34
CA PRO A 11 2.03 -0.56 0.70
C PRO A 11 0.84 0.39 0.79
N VAL A 12 -0.20 -0.04 1.51
CA VAL A 12 -1.39 0.78 1.67
C VAL A 12 -1.21 1.80 2.80
N THR A 13 -1.77 2.99 2.60
CA THR A 13 -1.68 4.06 3.59
C THR A 13 -2.52 3.75 4.82
N GLY A 14 -2.00 4.09 5.99
CA GLY A 14 -2.72 3.84 7.23
C GLY A 14 -4.22 3.99 7.06
N TYR A 15 -4.63 4.96 6.25
CA TYR A 15 -6.04 5.21 6.01
C TYR A 15 -6.69 4.04 5.29
N VAL A 16 -6.06 3.58 4.23
CA VAL A 16 -6.57 2.46 3.45
C VAL A 16 -6.45 1.15 4.22
N ARG A 17 -5.28 0.94 4.83
CA ARG A 17 -5.03 -0.27 5.60
C ARG A 17 -6.26 -0.64 6.44
N PHE A 18 -6.64 0.25 7.34
CA PHE A 18 -7.80 0.02 8.20
C PHE A 18 -9.02 -0.35 7.38
N LEU A 19 -9.28 0.42 6.32
CA LEU A 19 -10.42 0.17 5.46
C LEU A 19 -10.42 -1.27 4.96
N ASN A 20 -9.25 -1.75 4.55
CA ASN A 20 -9.12 -3.12 4.05
C ASN A 20 -9.36 -4.13 5.17
N GLU A 21 -8.57 -4.01 6.24
CA GLU A 21 -8.70 -4.91 7.37
C GLU A 21 -10.17 -5.09 7.77
N ARG A 22 -10.91 -3.99 7.77
CA ARG A 22 -12.32 -4.02 8.13
C ARG A 22 -13.18 -4.46 6.95
N ARG A 23 -12.77 -4.08 5.75
CA ARG A 23 -13.50 -4.43 4.54
C ARG A 23 -14.01 -5.86 4.62
N GLU A 24 -13.13 -6.79 4.99
CA GLU A 24 -13.49 -8.19 5.09
C GLU A 24 -14.58 -8.39 6.16
N GLN A 25 -14.44 -7.67 7.27
CA GLN A 25 -15.39 -7.77 8.37
C GLN A 25 -16.80 -7.45 7.89
N ILE A 26 -16.92 -6.44 7.03
CA ILE A 26 -18.21 -6.04 6.51
C ILE A 26 -18.78 -7.12 5.58
N ARG A 27 -18.07 -7.41 4.50
CA ARG A 27 -18.51 -8.42 3.55
C ARG A 27 -19.26 -9.54 4.26
N THR A 28 -18.67 -10.04 5.35
CA THR A 28 -19.27 -11.13 6.11
C THR A 28 -20.68 -10.76 6.56
N ARG A 29 -20.84 -9.54 7.07
CA ARG A 29 -22.14 -9.07 7.54
C ARG A 29 -23.03 -8.68 6.37
N HIS A 30 -22.53 -7.79 5.52
CA HIS A 30 -23.29 -7.33 4.35
C HIS A 30 -22.68 -7.88 3.06
N PRO A 31 -22.91 -9.18 2.80
CA PRO A 31 -22.39 -9.85 1.61
C PRO A 31 -23.07 -9.36 0.33
N ASP A 32 -24.05 -8.47 0.48
CA ASP A 32 -24.78 -7.93 -0.65
C ASP A 32 -24.26 -6.55 -1.03
N LEU A 33 -23.72 -5.83 -0.04
CA LEU A 33 -23.19 -4.49 -0.27
C LEU A 33 -22.01 -4.54 -1.24
N PRO A 34 -22.09 -3.74 -2.31
CA PRO A 34 -21.04 -3.66 -3.33
C PRO A 34 -19.77 -2.99 -2.80
N PHE A 35 -18.91 -2.57 -3.72
CA PHE A 35 -17.66 -1.92 -3.35
C PHE A 35 -17.91 -0.51 -2.82
N PRO A 36 -18.54 0.33 -3.65
CA PRO A 36 -18.85 1.72 -3.30
C PRO A 36 -19.94 1.81 -2.23
N GLU A 37 -20.16 0.71 -1.52
CA GLU A 37 -21.18 0.66 -0.48
C GLU A 37 -20.58 0.20 0.84
N ILE A 38 -19.49 -0.55 0.76
CA ILE A 38 -18.81 -1.06 1.95
C ILE A 38 -17.78 -0.07 2.47
N THR A 39 -17.01 0.50 1.54
CA THR A 39 -15.98 1.46 1.90
C THR A 39 -16.58 2.73 2.50
N LYS A 40 -17.72 3.15 1.95
CA LYS A 40 -18.41 4.34 2.44
C LYS A 40 -18.74 4.21 3.93
N MET A 41 -19.07 2.99 4.35
CA MET A 41 -19.41 2.74 5.73
C MET A 41 -18.16 2.77 6.62
N LEU A 42 -17.07 2.21 6.10
CA LEU A 42 -15.81 2.18 6.84
C LEU A 42 -15.25 3.58 7.03
N GLY A 43 -15.34 4.39 5.97
CA GLY A 43 -14.83 5.75 6.04
C GLY A 43 -15.33 6.50 7.25
N ALA A 44 -16.65 6.44 7.48
CA ALA A 44 -17.26 7.11 8.62
C ALA A 44 -16.62 6.67 9.93
N GLU A 45 -16.37 5.37 10.05
CA GLU A 45 -15.76 4.81 11.25
C GLU A 45 -14.40 5.42 11.50
N TRP A 46 -13.63 5.61 10.43
CA TRP A 46 -12.29 6.18 10.53
C TRP A 46 -12.34 7.55 11.20
N SER A 47 -13.39 8.32 10.90
CA SER A 47 -13.54 9.66 11.47
C SER A 47 -14.05 9.57 12.91
N LYS A 48 -14.75 8.48 13.22
CA LYS A 48 -15.29 8.28 14.56
C LYS A 48 -14.34 7.44 15.41
N LEU A 49 -13.16 7.15 14.86
CA LEU A 49 -12.17 6.36 15.57
C LEU A 49 -11.63 7.11 16.79
N GLN A 50 -10.85 6.41 17.61
CA GLN A 50 -10.28 7.01 18.81
C GLN A 50 -8.92 7.64 18.51
N PRO A 51 -8.49 8.56 19.38
CA PRO A 51 -7.20 9.25 19.23
C PRO A 51 -6.02 8.32 19.46
N ALA A 52 -6.31 7.05 19.74
CA ALA A 52 -5.26 6.07 19.98
C ALA A 52 -5.21 5.04 18.85
N GLU A 53 -6.38 4.69 18.31
CA GLU A 53 -6.46 3.72 17.24
C GLU A 53 -6.13 4.35 15.90
N LYS A 54 -6.82 5.45 15.59
CA LYS A 54 -6.60 6.16 14.33
C LYS A 54 -5.11 6.49 14.14
N GLN A 55 -4.47 6.94 15.22
CA GLN A 55 -3.05 7.28 15.17
C GLN A 55 -2.20 6.03 14.98
N ARG A 56 -2.49 5.00 15.76
CA ARG A 56 -1.75 3.74 15.67
C ARG A 56 -1.72 3.22 14.24
N TYR A 57 -2.82 3.43 13.52
CA TYR A 57 -2.93 2.98 12.13
C TYR A 57 -1.91 3.71 11.25
N LEU A 58 -1.82 5.02 11.41
CA LEU A 58 -0.90 5.83 10.63
C LEU A 58 0.53 5.33 10.78
N ASP A 59 0.99 5.23 12.03
CA ASP A 59 2.34 4.76 12.31
C ASP A 59 2.58 3.38 11.69
N GLU A 60 1.75 2.42 12.06
CA GLU A 60 1.86 1.06 11.55
C GLU A 60 2.14 1.07 10.05
N ALA A 61 1.39 1.90 9.33
CA ALA A 61 1.55 2.00 7.88
C ALA A 61 2.88 2.64 7.52
N GLU A 62 3.23 3.72 8.21
CA GLU A 62 4.49 4.41 7.97
C GLU A 62 5.65 3.43 7.88
N LYS A 63 5.88 2.70 8.97
CA LYS A 63 6.96 1.72 9.01
C LYS A 63 6.98 0.86 7.75
N GLU A 64 5.84 0.26 7.44
CA GLU A 64 5.71 -0.59 6.26
C GLU A 64 6.30 0.11 5.04
N LYS A 65 5.95 1.38 4.85
CA LYS A 65 6.43 2.16 3.72
C LYS A 65 7.92 1.90 3.49
N GLN A 66 8.72 2.16 4.51
CA GLN A 66 10.16 1.95 4.42
C GLN A 66 10.49 0.70 3.62
N GLN A 67 10.06 -0.45 4.13
CA GLN A 67 10.31 -1.73 3.47
C GLN A 67 10.20 -1.57 1.96
N TYR A 68 9.28 -0.72 1.51
CA TYR A 68 9.08 -0.50 0.08
C TYR A 68 10.08 0.52 -0.45
N LEU A 69 10.28 1.59 0.30
CA LEU A 69 11.21 2.65 -0.10
C LEU A 69 12.57 2.05 -0.46
N LYS A 70 13.16 1.34 0.49
CA LYS A 70 14.46 0.72 0.28
C LYS A 70 14.49 -0.06 -1.03
N GLU A 71 13.64 -1.09 -1.12
CA GLU A 71 13.57 -1.91 -2.33
C GLU A 71 13.63 -1.04 -3.58
N LEU A 72 12.69 -0.11 -3.69
CA LEU A 72 12.63 0.78 -4.84
C LEU A 72 14.03 1.06 -5.38
N TRP A 73 14.77 1.91 -4.67
CA TRP A 73 16.13 2.26 -5.08
C TRP A 73 17.09 1.10 -4.83
N ALA A 74 17.13 0.63 -3.60
CA ALA A 74 18.00 -0.48 -3.23
C ALA A 74 18.16 -1.47 -4.38
N TYR A 75 17.09 -1.63 -5.16
CA TYR A 75 17.10 -2.54 -6.29
C TYR A 75 17.66 -1.86 -7.53
N GLN A 76 17.12 -0.68 -7.85
CA GLN A 76 17.57 0.07 -9.03
C GLN A 76 19.10 0.18 -9.04
N GLN A 77 19.71 0.10 -7.86
CA GLN A 77 21.16 0.19 -7.75
C GLN A 77 21.82 -1.11 -8.18
N SER A 78 21.17 -2.23 -7.87
CA SER A 78 21.71 -3.54 -8.21
C SER A 78 22.16 -3.58 -9.67
N GLU A 79 23.40 -3.99 -9.89
CA GLU A 79 23.96 -4.07 -11.23
C GLU A 79 22.98 -4.76 -12.18
N ALA A 80 22.49 -5.93 -11.78
CA ALA A 80 21.54 -6.67 -12.60
C ALA A 80 20.52 -5.75 -13.25
N TYR A 81 20.28 -4.61 -12.62
CA TYR A 81 19.32 -3.64 -13.15
C TYR A 81 19.86 -2.95 -14.39
N LYS A 82 20.93 -2.18 -14.22
CA LYS A 82 21.55 -1.47 -15.33
C LYS A 82 21.77 -2.41 -16.52
N VAL A 83 22.33 -3.59 -16.24
CA VAL A 83 22.59 -4.57 -17.28
C VAL A 83 21.29 -5.05 -17.93
N CYS A 84 20.23 -5.08 -17.13
CA CYS A 84 18.92 -5.52 -17.64
C CYS A 84 18.34 -4.50 -18.61
N THR A 85 18.58 -4.73 -19.90
CA THR A 85 18.09 -3.83 -20.94
C THR A 85 16.70 -4.26 -21.42
N GLU A 86 15.87 -3.27 -21.74
CA GLU A 86 14.52 -3.54 -22.21
C GLU A 86 14.39 -3.26 -23.71
N SER A 87 14.31 -4.33 -24.50
CA SER A 87 14.20 -4.20 -25.95
C SER A 87 13.05 -5.05 -26.48
N GLY A 88 12.84 -5.01 -27.79
CA GLY A 88 11.77 -5.78 -28.40
C GLY A 88 12.29 -6.74 -29.45
N PRO A 89 12.68 -7.95 -29.00
CA PRO A 89 13.20 -8.99 -29.89
C PRO A 89 12.13 -9.57 -30.81
N SER A 90 12.54 -10.41 -31.75
CA SER A 90 11.61 -11.02 -32.70
C SER A 90 11.37 -12.48 -32.34
N SER A 91 10.58 -13.16 -33.17
CA SER A 91 10.26 -14.56 -32.95
C SER A 91 11.27 -15.46 -33.65
N GLY A 92 12.32 -15.84 -32.91
CA GLY A 92 13.35 -16.69 -33.48
C GLY A 92 12.77 -17.86 -34.26
N GLY A 1 -4.96 -2.90 -16.56
CA GLY A 1 -3.53 -3.18 -16.52
C GLY A 1 -2.80 -2.34 -15.50
N SER A 2 -1.99 -2.99 -14.67
CA SER A 2 -1.24 -2.29 -13.63
C SER A 2 -0.20 -1.35 -14.25
N SER A 3 0.08 -0.25 -13.57
CA SER A 3 1.05 0.72 -14.05
C SER A 3 2.32 0.71 -13.20
N GLY A 4 3.43 0.35 -13.81
CA GLY A 4 4.69 0.29 -13.10
C GLY A 4 5.23 -1.12 -12.97
N SER A 5 6.42 -1.34 -13.52
CA SER A 5 7.05 -2.66 -13.48
C SER A 5 8.15 -2.70 -12.42
N SER A 6 8.98 -1.67 -12.40
CA SER A 6 10.08 -1.59 -11.44
C SER A 6 9.76 -0.58 -10.34
N GLY A 7 10.62 -0.53 -9.32
CA GLY A 7 10.42 0.39 -8.23
C GLY A 7 9.71 -0.25 -7.05
N PRO A 8 9.74 0.42 -5.89
CA PRO A 8 9.09 -0.07 -4.67
C PRO A 8 7.58 -0.02 -4.76
N LYS A 9 6.93 -1.01 -4.17
CA LYS A 9 5.47 -1.09 -4.17
C LYS A 9 4.87 -0.23 -3.07
N ALA A 10 4.40 0.96 -3.44
CA ALA A 10 3.81 1.89 -2.49
C ALA A 10 2.91 1.15 -1.50
N PRO A 11 3.40 0.99 -0.26
CA PRO A 11 2.66 0.31 0.80
C PRO A 11 1.46 1.10 1.28
N VAL A 12 0.31 0.44 1.35
CA VAL A 12 -0.93 1.08 1.80
C VAL A 12 -0.70 1.86 3.09
N THR A 13 -1.29 3.05 3.16
CA THR A 13 -1.16 3.90 4.34
C THR A 13 -2.16 3.50 5.41
N GLY A 14 -1.91 3.95 6.64
CA GLY A 14 -2.81 3.64 7.74
C GLY A 14 -4.27 3.71 7.34
N TYR A 15 -4.60 4.69 6.51
CA TYR A 15 -5.98 4.88 6.05
C TYR A 15 -6.49 3.62 5.34
N VAL A 16 -5.86 3.30 4.22
CA VAL A 16 -6.25 2.12 3.45
C VAL A 16 -6.06 0.85 4.25
N ARG A 17 -4.86 0.67 4.79
CA ARG A 17 -4.54 -0.51 5.59
C ARG A 17 -5.72 -0.91 6.46
N PHE A 18 -6.29 0.06 7.16
CA PHE A 18 -7.44 -0.19 8.03
C PHE A 18 -8.69 -0.50 7.22
N LEU A 19 -8.85 0.21 6.10
CA LEU A 19 -10.00 0.02 5.23
C LEU A 19 -10.07 -1.42 4.72
N ASN A 20 -8.92 -1.97 4.36
CA ASN A 20 -8.86 -3.34 3.86
C ASN A 20 -9.21 -4.34 4.95
N GLU A 21 -8.39 -4.37 6.01
CA GLU A 21 -8.63 -5.27 7.12
C GLU A 21 -10.10 -5.26 7.54
N ARG A 22 -10.67 -4.06 7.63
CA ARG A 22 -12.05 -3.91 8.03
C ARG A 22 -12.99 -4.34 6.90
N ARG A 23 -12.64 -3.95 5.67
CA ARG A 23 -13.45 -4.30 4.51
C ARG A 23 -14.02 -5.70 4.64
N GLU A 24 -13.17 -6.65 5.02
CA GLU A 24 -13.60 -8.04 5.17
C GLU A 24 -14.70 -8.15 6.24
N GLN A 25 -14.54 -7.39 7.32
CA GLN A 25 -15.50 -7.41 8.42
C GLN A 25 -16.88 -6.96 7.94
N ILE A 26 -16.89 -6.07 6.95
CA ILE A 26 -18.14 -5.57 6.39
C ILE A 26 -18.76 -6.56 5.42
N ARG A 27 -17.91 -7.21 4.63
CA ARG A 27 -18.38 -8.19 3.66
C ARG A 27 -19.00 -9.40 4.36
N THR A 28 -18.44 -9.76 5.50
CA THR A 28 -18.94 -10.90 6.27
C THR A 28 -20.34 -10.63 6.80
N ARG A 29 -20.59 -9.39 7.19
CA ARG A 29 -21.90 -8.99 7.72
C ARG A 29 -22.88 -8.73 6.58
N HIS A 30 -22.43 -7.98 5.57
CA HIS A 30 -23.27 -7.65 4.43
C HIS A 30 -22.62 -8.10 3.13
N PRO A 31 -22.73 -9.40 2.82
CA PRO A 31 -22.15 -9.98 1.60
C PRO A 31 -22.88 -9.52 0.34
N ASP A 32 -23.91 -8.71 0.52
CA ASP A 32 -24.69 -8.20 -0.60
C ASP A 32 -24.30 -6.77 -0.93
N LEU A 33 -23.69 -6.09 0.05
CA LEU A 33 -23.26 -4.71 -0.14
C LEU A 33 -22.16 -4.61 -1.19
N PRO A 34 -22.38 -3.77 -2.21
CA PRO A 34 -21.42 -3.56 -3.30
C PRO A 34 -20.18 -2.83 -2.83
N PHE A 35 -19.41 -2.30 -3.78
CA PHE A 35 -18.19 -1.56 -3.47
C PHE A 35 -18.51 -0.20 -2.86
N PRO A 36 -19.26 0.62 -3.62
CA PRO A 36 -19.65 1.96 -3.18
C PRO A 36 -20.68 1.92 -2.04
N GLU A 37 -20.75 0.78 -1.36
CA GLU A 37 -21.69 0.61 -0.25
C GLU A 37 -20.96 0.15 1.01
N ILE A 38 -19.80 -0.47 0.82
CA ILE A 38 -19.00 -0.95 1.94
C ILE A 38 -17.99 0.09 2.40
N THR A 39 -17.34 0.74 1.43
CA THR A 39 -16.35 1.77 1.74
C THR A 39 -17.00 2.99 2.39
N LYS A 40 -18.18 3.35 1.89
CA LYS A 40 -18.91 4.49 2.44
C LYS A 40 -19.14 4.34 3.93
N MET A 41 -19.29 3.09 4.37
CA MET A 41 -19.53 2.81 5.78
C MET A 41 -18.23 2.90 6.58
N LEU A 42 -17.15 2.36 6.02
CA LEU A 42 -15.86 2.39 6.68
C LEU A 42 -15.32 3.82 6.78
N GLY A 43 -15.24 4.49 5.63
CA GLY A 43 -14.75 5.85 5.61
C GLY A 43 -15.18 6.65 6.82
N ALA A 44 -16.42 6.43 7.26
CA ALA A 44 -16.96 7.14 8.41
C ALA A 44 -16.36 6.60 9.71
N GLU A 45 -16.24 5.27 9.79
CA GLU A 45 -15.68 4.64 10.97
C GLU A 45 -14.30 5.19 11.29
N TRP A 46 -13.48 5.36 10.26
CA TRP A 46 -12.12 5.88 10.42
C TRP A 46 -12.15 7.26 11.07
N SER A 47 -13.10 8.09 10.65
CA SER A 47 -13.22 9.44 11.18
C SER A 47 -13.83 9.41 12.58
N LYS A 48 -14.48 8.31 12.92
CA LYS A 48 -15.10 8.15 14.23
C LYS A 48 -14.19 7.37 15.17
N LEU A 49 -13.12 6.82 14.63
CA LEU A 49 -12.16 6.06 15.42
C LEU A 49 -11.72 6.84 16.66
N GLN A 50 -11.04 6.16 17.56
CA GLN A 50 -10.56 6.79 18.79
C GLN A 50 -9.25 7.53 18.54
N PRO A 51 -8.93 8.50 19.41
CA PRO A 51 -7.70 9.29 19.30
C PRO A 51 -6.45 8.47 19.61
N ALA A 52 -6.64 7.18 19.87
CA ALA A 52 -5.53 6.29 20.17
C ALA A 52 -5.37 5.23 19.09
N GLU A 53 -6.48 4.80 18.50
CA GLU A 53 -6.45 3.79 17.45
C GLU A 53 -6.12 4.42 16.10
N LYS A 54 -6.85 5.46 15.74
CA LYS A 54 -6.63 6.15 14.49
C LYS A 54 -5.17 6.57 14.33
N GLN A 55 -4.57 7.03 15.42
CA GLN A 55 -3.17 7.45 15.40
C GLN A 55 -2.25 6.26 15.20
N ARG A 56 -2.48 5.20 15.96
CA ARG A 56 -1.66 3.99 15.87
C ARG A 56 -1.59 3.51 14.43
N TYR A 57 -2.74 3.36 13.80
CA TYR A 57 -2.80 2.90 12.41
C TYR A 57 -1.80 3.65 11.54
N LEU A 58 -1.73 4.97 11.72
CA LEU A 58 -0.81 5.80 10.96
C LEU A 58 0.62 5.32 11.12
N ASP A 59 1.08 5.24 12.36
CA ASP A 59 2.44 4.79 12.65
C ASP A 59 2.69 3.41 12.05
N GLU A 60 1.80 2.47 12.31
CA GLU A 60 1.92 1.11 11.80
C GLU A 60 2.38 1.13 10.34
N ALA A 61 1.64 1.86 9.51
CA ALA A 61 1.96 1.96 8.09
C ALA A 61 3.27 2.71 7.87
N GLU A 62 3.41 3.87 8.53
CA GLU A 62 4.62 4.67 8.41
C GLU A 62 5.87 3.79 8.41
N LYS A 63 5.97 2.94 9.43
CA LYS A 63 7.11 2.04 9.56
C LYS A 63 7.54 1.50 8.20
N GLU A 64 6.55 1.17 7.36
CA GLU A 64 6.82 0.64 6.03
C GLU A 64 7.29 1.75 5.09
N LYS A 65 6.48 2.79 4.95
CA LYS A 65 6.81 3.92 4.09
C LYS A 65 8.28 4.28 4.22
N GLN A 66 8.85 4.06 5.39
CA GLN A 66 10.25 4.36 5.65
C GLN A 66 11.16 3.53 4.74
N GLN A 67 11.19 2.22 4.98
CA GLN A 67 12.02 1.32 4.19
C GLN A 67 11.66 1.42 2.71
N TYR A 68 10.41 1.72 2.42
CA TYR A 68 9.95 1.84 1.05
C TYR A 68 10.65 3.00 0.34
N LEU A 69 10.70 4.15 1.00
CA LEU A 69 11.33 5.33 0.43
C LEU A 69 12.66 4.96 -0.22
N LYS A 70 13.59 4.44 0.58
CA LYS A 70 14.91 4.05 0.08
C LYS A 70 14.77 3.16 -1.16
N GLU A 71 13.89 2.16 -1.07
CA GLU A 71 13.67 1.24 -2.18
C GLU A 71 13.35 2.00 -3.46
N LEU A 72 12.90 3.24 -3.31
CA LEU A 72 12.55 4.08 -4.45
C LEU A 72 13.79 4.74 -5.04
N TRP A 73 14.50 5.50 -4.21
CA TRP A 73 15.70 6.20 -4.65
C TRP A 73 16.94 5.33 -4.41
N ALA A 74 17.11 4.87 -3.18
CA ALA A 74 18.24 4.03 -2.83
C ALA A 74 18.51 2.99 -3.90
N TYR A 75 17.48 2.63 -4.65
CA TYR A 75 17.60 1.65 -5.72
C TYR A 75 17.94 2.31 -7.05
N GLN A 76 17.23 3.40 -7.34
CA GLN A 76 17.44 4.14 -8.58
C GLN A 76 18.88 4.61 -8.70
N GLN A 77 19.40 5.19 -7.62
CA GLN A 77 20.77 5.68 -7.59
C GLN A 77 21.75 4.55 -7.27
N SER A 78 21.29 3.32 -7.41
CA SER A 78 22.12 2.15 -7.13
C SER A 78 22.82 1.66 -8.39
N GLU A 79 23.97 1.03 -8.22
CA GLU A 79 24.74 0.52 -9.35
C GLU A 79 23.90 -0.43 -10.20
N ALA A 80 23.17 -1.32 -9.54
CA ALA A 80 22.32 -2.28 -10.22
C ALA A 80 21.48 -1.60 -11.29
N TYR A 81 21.30 -0.29 -11.16
CA TYR A 81 20.52 0.48 -12.11
C TYR A 81 21.33 0.76 -13.37
N LYS A 82 22.56 1.20 -13.18
CA LYS A 82 23.44 1.51 -14.31
C LYS A 82 23.80 0.24 -15.09
N VAL A 83 24.31 -0.76 -14.38
CA VAL A 83 24.69 -2.03 -15.00
C VAL A 83 23.57 -2.57 -15.87
N CYS A 84 22.34 -2.26 -15.49
CA CYS A 84 21.16 -2.71 -16.24
C CYS A 84 20.72 -1.66 -17.25
N THR A 85 20.11 -2.11 -18.33
CA THR A 85 19.63 -1.22 -19.38
C THR A 85 18.56 -0.26 -18.84
N GLU A 86 18.29 0.79 -19.60
CA GLU A 86 17.29 1.77 -19.20
C GLU A 86 16.64 2.43 -20.42
N SER A 87 15.48 3.03 -20.21
CA SER A 87 14.75 3.69 -21.30
C SER A 87 15.71 4.41 -22.23
N GLY A 88 16.66 5.14 -21.65
CA GLY A 88 17.63 5.87 -22.45
C GLY A 88 18.82 5.01 -22.84
N PRO A 89 19.92 5.67 -23.23
CA PRO A 89 21.15 4.97 -23.64
C PRO A 89 21.85 4.30 -22.48
N SER A 90 22.32 3.07 -22.70
CA SER A 90 23.01 2.32 -21.67
C SER A 90 24.51 2.58 -21.71
N SER A 91 25.10 2.40 -22.89
CA SER A 91 26.54 2.62 -23.06
C SER A 91 26.97 3.94 -22.44
N GLY A 92 26.21 4.99 -22.72
CA GLY A 92 26.52 6.31 -22.18
C GLY A 92 26.55 7.37 -23.26
N GLY A 1 -4.78 -11.32 -6.19
CA GLY A 1 -4.92 -11.69 -7.59
C GLY A 1 -4.30 -10.68 -8.51
N SER A 2 -3.21 -11.06 -9.17
CA SER A 2 -2.51 -10.17 -10.10
C SER A 2 -1.54 -10.94 -10.97
N SER A 3 -0.88 -10.23 -11.89
CA SER A 3 0.08 -10.85 -12.79
C SER A 3 1.10 -9.83 -13.29
N GLY A 4 2.31 -10.30 -13.57
CA GLY A 4 3.35 -9.41 -14.05
C GLY A 4 3.49 -8.16 -13.21
N SER A 5 4.40 -8.20 -12.24
CA SER A 5 4.64 -7.06 -11.36
C SER A 5 6.10 -6.62 -11.40
N SER A 6 6.31 -5.31 -11.45
CA SER A 6 7.66 -4.77 -11.49
C SER A 6 8.09 -4.28 -10.11
N GLY A 7 9.40 -4.37 -9.83
CA GLY A 7 9.91 -3.94 -8.56
C GLY A 7 9.07 -4.42 -7.39
N PRO A 8 9.18 -3.73 -6.25
CA PRO A 8 8.43 -4.08 -5.03
C PRO A 8 6.94 -3.80 -5.18
N LYS A 9 6.15 -4.29 -4.23
CA LYS A 9 4.71 -4.08 -4.24
C LYS A 9 4.32 -2.92 -3.34
N ALA A 10 3.86 -1.83 -3.96
CA ALA A 10 3.44 -0.65 -3.21
C ALA A 10 2.31 -0.98 -2.25
N PRO A 11 2.57 -0.84 -0.95
CA PRO A 11 1.59 -1.11 0.10
C PRO A 11 0.47 -0.08 0.12
N VAL A 12 -0.28 -0.05 1.23
CA VAL A 12 -1.38 0.89 1.38
C VAL A 12 -1.15 1.81 2.57
N THR A 13 -1.61 3.06 2.45
CA THR A 13 -1.46 4.04 3.52
C THR A 13 -2.24 3.62 4.76
N GLY A 14 -1.95 4.26 5.88
CA GLY A 14 -2.63 3.94 7.12
C GLY A 14 -4.14 4.05 6.99
N TYR A 15 -4.60 4.98 6.17
CA TYR A 15 -6.02 5.18 5.96
C TYR A 15 -6.65 3.95 5.32
N VAL A 16 -6.20 3.63 4.11
CA VAL A 16 -6.73 2.47 3.38
C VAL A 16 -6.50 1.18 4.17
N ARG A 17 -5.32 1.06 4.77
CA ARG A 17 -4.98 -0.12 5.55
C ARG A 17 -6.14 -0.52 6.46
N PHE A 18 -6.75 0.46 7.10
CA PHE A 18 -7.87 0.20 8.00
C PHE A 18 -9.11 -0.22 7.22
N LEU A 19 -9.23 0.30 6.00
CA LEU A 19 -10.38 -0.02 5.14
C LEU A 19 -10.23 -1.40 4.53
N ASN A 20 -9.01 -1.93 4.55
CA ASN A 20 -8.74 -3.25 4.00
C ASN A 20 -9.15 -4.35 4.97
N GLU A 21 -8.65 -4.27 6.20
CA GLU A 21 -8.97 -5.25 7.23
C GLU A 21 -10.47 -5.26 7.52
N ARG A 22 -11.03 -4.07 7.71
CA ARG A 22 -12.46 -3.96 8.01
C ARG A 22 -13.30 -4.49 6.84
N ARG A 23 -12.90 -4.14 5.63
CA ARG A 23 -13.62 -4.57 4.44
C ARG A 23 -14.13 -6.00 4.60
N GLU A 24 -13.28 -6.87 5.14
CA GLU A 24 -13.64 -8.27 5.36
C GLU A 24 -14.76 -8.39 6.39
N GLN A 25 -14.60 -7.70 7.51
CA GLN A 25 -15.60 -7.73 8.57
C GLN A 25 -16.98 -7.39 8.04
N ILE A 26 -17.05 -6.34 7.22
CA ILE A 26 -18.31 -5.91 6.64
C ILE A 26 -18.90 -6.98 5.72
N ARG A 27 -18.14 -7.33 4.68
CA ARG A 27 -18.58 -8.35 3.73
C ARG A 27 -19.37 -9.45 4.44
N THR A 28 -18.80 -9.95 5.54
CA THR A 28 -19.45 -11.01 6.31
C THR A 28 -20.86 -10.61 6.72
N ARG A 29 -21.01 -9.37 7.19
CA ARG A 29 -22.31 -8.86 7.62
C ARG A 29 -23.17 -8.49 6.42
N HIS A 30 -22.65 -7.61 5.56
CA HIS A 30 -23.37 -7.17 4.38
C HIS A 30 -22.75 -7.76 3.12
N PRO A 31 -23.00 -9.05 2.88
CA PRO A 31 -22.49 -9.76 1.71
C PRO A 31 -23.14 -9.30 0.42
N ASP A 32 -24.09 -8.38 0.53
CA ASP A 32 -24.78 -7.84 -0.64
C ASP A 32 -24.23 -6.48 -1.03
N LEU A 33 -23.62 -5.80 -0.07
CA LEU A 33 -23.04 -4.48 -0.31
C LEU A 33 -21.83 -4.58 -1.23
N PRO A 34 -21.86 -3.82 -2.34
CA PRO A 34 -20.76 -3.80 -3.32
C PRO A 34 -19.51 -3.13 -2.77
N PHE A 35 -18.61 -2.76 -3.67
CA PHE A 35 -17.36 -2.11 -3.29
C PHE A 35 -17.62 -0.68 -2.82
N PRO A 36 -18.20 0.14 -3.72
CA PRO A 36 -18.50 1.54 -3.43
C PRO A 36 -19.63 1.69 -2.42
N GLU A 37 -19.89 0.62 -1.66
CA GLU A 37 -20.95 0.64 -0.66
C GLU A 37 -20.41 0.22 0.70
N ILE A 38 -19.32 -0.55 0.69
CA ILE A 38 -18.71 -1.01 1.93
C ILE A 38 -17.70 0.00 2.45
N THR A 39 -16.89 0.54 1.55
CA THR A 39 -15.87 1.52 1.92
C THR A 39 -16.51 2.78 2.50
N LYS A 40 -17.61 3.22 1.89
CA LYS A 40 -18.32 4.41 2.35
C LYS A 40 -18.75 4.26 3.80
N MET A 41 -19.09 3.03 4.19
CA MET A 41 -19.51 2.76 5.55
C MET A 41 -18.33 2.83 6.52
N LEU A 42 -17.24 2.15 6.17
CA LEU A 42 -16.05 2.14 7.01
C LEU A 42 -15.43 3.53 7.09
N GLY A 43 -15.51 4.28 5.99
CA GLY A 43 -14.96 5.61 5.96
C GLY A 43 -15.42 6.47 7.13
N ALA A 44 -16.70 6.38 7.45
CA ALA A 44 -17.27 7.14 8.55
C ALA A 44 -16.66 6.72 9.88
N GLU A 45 -16.37 5.44 10.02
CA GLU A 45 -15.78 4.91 11.24
C GLU A 45 -14.40 5.52 11.49
N TRP A 46 -13.62 5.66 10.42
CA TRP A 46 -12.29 6.23 10.52
C TRP A 46 -12.31 7.54 11.28
N SER A 47 -13.37 8.33 11.09
CA SER A 47 -13.51 9.61 11.75
C SER A 47 -14.05 9.43 13.17
N LYS A 48 -14.74 8.32 13.39
CA LYS A 48 -15.32 8.02 14.70
C LYS A 48 -14.39 7.13 15.51
N LEU A 49 -13.17 6.95 15.02
CA LEU A 49 -12.18 6.12 15.70
C LEU A 49 -11.67 6.80 16.96
N GLN A 50 -10.83 6.09 17.72
CA GLN A 50 -10.29 6.64 18.95
C GLN A 50 -8.96 7.35 18.69
N PRO A 51 -8.56 8.23 19.61
CA PRO A 51 -7.31 8.99 19.50
C PRO A 51 -6.09 8.12 19.68
N ALA A 52 -6.31 6.82 19.86
CA ALA A 52 -5.22 5.87 20.05
C ALA A 52 -5.13 4.91 18.87
N GLU A 53 -6.28 4.54 18.32
CA GLU A 53 -6.32 3.62 17.18
C GLU A 53 -6.04 4.35 15.88
N LYS A 54 -6.79 5.42 15.63
CA LYS A 54 -6.62 6.22 14.42
C LYS A 54 -5.16 6.59 14.21
N GLN A 55 -4.50 7.01 15.30
CA GLN A 55 -3.10 7.40 15.23
C GLN A 55 -2.21 6.21 14.89
N ARG A 56 -2.33 5.16 15.69
CA ARG A 56 -1.53 3.95 15.47
C ARG A 56 -1.54 3.55 14.00
N TYR A 57 -2.73 3.56 13.40
CA TYR A 57 -2.88 3.20 11.99
C TYR A 57 -1.93 4.01 11.12
N LEU A 58 -1.85 5.30 11.37
CA LEU A 58 -0.98 6.19 10.62
C LEU A 58 0.47 5.70 10.67
N ASP A 59 1.00 5.60 11.88
CA ASP A 59 2.38 5.14 12.07
C ASP A 59 2.58 3.76 11.46
N GLU A 60 1.73 2.81 11.83
CA GLU A 60 1.82 1.46 11.31
C GLU A 60 2.05 1.46 9.80
N ALA A 61 1.37 2.38 9.11
CA ALA A 61 1.50 2.48 7.67
C ALA A 61 2.82 3.12 7.28
N GLU A 62 3.35 3.97 8.17
CA GLU A 62 4.61 4.65 7.92
C GLU A 62 5.78 3.67 8.03
N LYS A 63 5.69 2.74 8.96
CA LYS A 63 6.74 1.75 9.17
C LYS A 63 6.72 0.70 8.07
N GLU A 64 5.53 0.37 7.58
CA GLU A 64 5.37 -0.62 6.53
C GLU A 64 5.76 -0.03 5.17
N LYS A 65 5.79 1.29 5.09
CA LYS A 65 6.15 1.97 3.86
C LYS A 65 7.66 1.93 3.62
N GLN A 66 8.41 2.49 4.56
CA GLN A 66 9.86 2.50 4.45
C GLN A 66 10.40 1.12 4.13
N GLN A 67 9.71 0.09 4.61
CA GLN A 67 10.11 -1.29 4.38
C GLN A 67 10.02 -1.64 2.90
N TYR A 68 9.09 -1.01 2.19
CA TYR A 68 8.90 -1.26 0.77
C TYR A 68 9.76 -0.32 -0.06
N LEU A 69 9.94 0.90 0.43
CA LEU A 69 10.74 1.90 -0.27
C LEU A 69 12.08 1.32 -0.69
N LYS A 70 12.84 0.82 0.29
CA LYS A 70 14.14 0.22 0.01
C LYS A 70 14.03 -0.93 -0.96
N GLU A 71 12.89 -1.63 -0.92
CA GLU A 71 12.66 -2.76 -1.81
C GLU A 71 12.52 -2.30 -3.26
N LEU A 72 12.56 -0.99 -3.46
CA LEU A 72 12.43 -0.41 -4.79
C LEU A 72 13.79 0.04 -5.32
N TRP A 73 14.51 0.81 -4.51
CA TRP A 73 15.83 1.31 -4.90
C TRP A 73 16.93 0.41 -4.34
N ALA A 74 16.89 0.16 -3.04
CA ALA A 74 17.89 -0.68 -2.39
C ALA A 74 18.12 -1.96 -3.19
N TYR A 75 17.15 -2.33 -4.01
CA TYR A 75 17.25 -3.53 -4.82
C TYR A 75 17.84 -3.21 -6.19
N GLN A 76 17.22 -2.27 -6.90
CA GLN A 76 17.68 -1.87 -8.21
C GLN A 76 19.17 -1.55 -8.20
N GLN A 77 19.63 -0.93 -7.11
CA GLN A 77 21.03 -0.56 -6.98
C GLN A 77 21.91 -1.81 -6.90
N SER A 78 21.45 -2.82 -6.17
CA SER A 78 22.19 -4.06 -6.01
C SER A 78 22.88 -4.45 -7.32
N GLU A 79 24.18 -4.72 -7.23
CA GLU A 79 24.95 -5.11 -8.42
C GLU A 79 24.17 -6.10 -9.27
N ALA A 80 23.68 -7.16 -8.64
CA ALA A 80 22.91 -8.18 -9.34
C ALA A 80 21.96 -7.56 -10.36
N TYR A 81 21.27 -6.51 -9.94
CA TYR A 81 20.32 -5.83 -10.82
C TYR A 81 20.98 -5.43 -12.13
N LYS A 82 22.13 -4.78 -12.03
CA LYS A 82 22.87 -4.35 -13.21
C LYS A 82 23.55 -5.53 -13.90
N VAL A 83 24.45 -6.19 -13.17
CA VAL A 83 25.17 -7.34 -13.70
C VAL A 83 25.46 -7.17 -15.19
N CYS A 84 25.73 -5.94 -15.59
CA CYS A 84 26.02 -5.65 -16.99
C CYS A 84 27.21 -4.71 -17.11
N THR A 85 27.63 -4.44 -18.35
CA THR A 85 28.76 -3.55 -18.60
C THR A 85 28.60 -2.24 -17.85
N GLU A 86 29.70 -1.76 -17.26
CA GLU A 86 29.68 -0.51 -16.52
C GLU A 86 30.91 0.33 -16.85
N SER A 87 30.74 1.65 -16.81
CA SER A 87 31.84 2.57 -17.11
C SER A 87 32.75 2.73 -15.90
N GLY A 88 33.80 3.53 -16.05
CA GLY A 88 34.74 3.76 -14.96
C GLY A 88 35.67 4.92 -15.24
N PRO A 89 36.06 5.62 -14.16
CA PRO A 89 36.95 6.78 -14.25
C PRO A 89 38.37 6.39 -14.63
N SER A 90 39.28 7.36 -14.57
CA SER A 90 40.68 7.13 -14.92
C SER A 90 41.56 7.13 -13.67
N SER A 91 42.65 6.38 -13.72
CA SER A 91 43.57 6.29 -12.60
C SER A 91 44.21 7.64 -12.32
N GLY A 92 44.78 7.79 -11.12
CA GLY A 92 45.42 9.04 -10.75
C GLY A 92 45.19 9.40 -9.30
N GLY A 1 2.41 -12.22 -16.28
CA GLY A 1 3.17 -11.32 -17.12
C GLY A 1 2.60 -9.91 -17.13
N SER A 2 3.26 -9.01 -16.40
CA SER A 2 2.80 -7.63 -16.32
C SER A 2 3.39 -6.79 -17.45
N SER A 3 2.56 -5.93 -18.04
CA SER A 3 3.00 -5.07 -19.13
C SER A 3 4.36 -4.47 -18.83
N GLY A 4 4.46 -3.79 -17.70
CA GLY A 4 5.73 -3.17 -17.31
C GLY A 4 5.73 -2.73 -15.86
N SER A 5 6.55 -3.40 -15.05
CA SER A 5 6.65 -3.07 -13.63
C SER A 5 8.00 -2.45 -13.30
N SER A 6 7.96 -1.23 -12.76
CA SER A 6 9.18 -0.51 -12.41
C SER A 6 8.95 0.40 -11.21
N GLY A 7 10.01 0.66 -10.45
CA GLY A 7 9.91 1.52 -9.29
C GLY A 7 9.33 0.79 -8.09
N PRO A 8 9.46 1.42 -6.90
CA PRO A 8 8.96 0.84 -5.66
C PRO A 8 7.43 0.82 -5.59
N LYS A 9 6.88 -0.20 -4.96
CA LYS A 9 5.44 -0.34 -4.82
C LYS A 9 4.90 0.60 -3.75
N ALA A 10 4.10 1.58 -4.18
CA ALA A 10 3.52 2.55 -3.26
C ALA A 10 2.67 1.85 -2.20
N PRO A 11 3.15 1.87 -0.94
CA PRO A 11 2.45 1.24 0.18
C PRO A 11 1.18 1.99 0.56
N VAL A 12 0.15 1.25 0.95
CA VAL A 12 -1.11 1.84 1.34
C VAL A 12 -0.95 2.76 2.55
N THR A 13 -1.83 3.75 2.66
CA THR A 13 -1.78 4.70 3.76
C THR A 13 -2.52 4.17 4.98
N GLY A 14 -2.12 4.62 6.16
CA GLY A 14 -2.75 4.17 7.39
C GLY A 14 -4.26 4.22 7.31
N TYR A 15 -4.78 5.01 6.36
CA TYR A 15 -6.21 5.14 6.19
C TYR A 15 -6.79 3.94 5.46
N VAL A 16 -6.01 3.40 4.52
CA VAL A 16 -6.45 2.24 3.75
C VAL A 16 -6.34 0.96 4.57
N ARG A 17 -5.16 0.73 5.15
CA ARG A 17 -4.94 -0.46 5.96
C ARG A 17 -6.18 -0.81 6.78
N PHE A 18 -6.88 0.22 7.26
CA PHE A 18 -8.08 0.02 8.06
C PHE A 18 -9.26 -0.39 7.17
N LEU A 19 -9.35 0.22 6.00
CA LEU A 19 -10.43 -0.08 5.06
C LEU A 19 -10.38 -1.55 4.63
N ASN A 20 -9.17 -2.06 4.41
CA ASN A 20 -8.99 -3.44 4.00
C ASN A 20 -9.46 -4.40 5.08
N GLU A 21 -8.68 -4.53 6.15
CA GLU A 21 -9.03 -5.42 7.25
C GLU A 21 -10.52 -5.33 7.57
N ARG A 22 -11.02 -4.10 7.70
CA ARG A 22 -12.42 -3.87 8.01
C ARG A 22 -13.32 -4.42 6.90
N ARG A 23 -13.03 -4.02 5.67
CA ARG A 23 -13.81 -4.47 4.52
C ARG A 23 -14.24 -5.92 4.69
N GLU A 24 -13.42 -6.70 5.38
CA GLU A 24 -13.73 -8.10 5.62
C GLU A 24 -14.88 -8.26 6.60
N GLN A 25 -14.81 -7.53 7.71
CA GLN A 25 -15.85 -7.59 8.74
C GLN A 25 -17.22 -7.27 8.14
N ILE A 26 -17.25 -6.28 7.25
CA ILE A 26 -18.50 -5.88 6.60
C ILE A 26 -19.01 -6.97 5.66
N ARG A 27 -18.19 -7.33 4.69
CA ARG A 27 -18.56 -8.36 3.72
C ARG A 27 -19.36 -9.47 4.39
N THR A 28 -18.93 -9.86 5.58
CA THR A 28 -19.61 -10.92 6.33
C THR A 28 -21.05 -10.54 6.62
N ARG A 29 -21.27 -9.32 7.10
CA ARG A 29 -22.60 -8.84 7.41
C ARG A 29 -23.37 -8.48 6.14
N HIS A 30 -22.78 -7.63 5.32
CA HIS A 30 -23.39 -7.21 4.07
C HIS A 30 -22.69 -7.85 2.87
N PRO A 31 -22.97 -9.15 2.66
CA PRO A 31 -22.37 -9.90 1.54
C PRO A 31 -22.92 -9.46 0.19
N ASP A 32 -23.86 -8.53 0.21
CA ASP A 32 -24.46 -8.02 -1.02
C ASP A 32 -23.88 -6.66 -1.39
N LEU A 33 -23.50 -5.88 -0.38
CA LEU A 33 -22.92 -4.57 -0.61
C LEU A 33 -21.65 -4.65 -1.44
N PRO A 34 -21.62 -3.91 -2.55
CA PRO A 34 -20.46 -3.89 -3.45
C PRO A 34 -19.25 -3.20 -2.83
N PHE A 35 -18.29 -2.83 -3.68
CA PHE A 35 -17.08 -2.16 -3.22
C PHE A 35 -17.39 -0.73 -2.79
N PRO A 36 -17.91 0.07 -3.74
CA PRO A 36 -18.26 1.47 -3.48
C PRO A 36 -19.45 1.62 -2.55
N GLU A 37 -19.75 0.56 -1.80
CA GLU A 37 -20.88 0.57 -0.87
C GLU A 37 -20.42 0.17 0.54
N ILE A 38 -19.33 -0.58 0.60
CA ILE A 38 -18.80 -1.03 1.89
C ILE A 38 -17.82 0.00 2.46
N THR A 39 -16.99 0.57 1.59
CA THR A 39 -16.02 1.57 2.00
C THR A 39 -16.71 2.82 2.56
N LYS A 40 -17.73 3.28 1.84
CA LYS A 40 -18.47 4.47 2.25
C LYS A 40 -18.92 4.34 3.70
N MET A 41 -19.23 3.12 4.13
CA MET A 41 -19.66 2.88 5.50
C MET A 41 -18.50 2.97 6.47
N LEU A 42 -17.39 2.32 6.13
CA LEU A 42 -16.20 2.34 6.97
C LEU A 42 -15.69 3.75 7.18
N GLY A 43 -15.71 4.54 6.11
CA GLY A 43 -15.25 5.92 6.19
C GLY A 43 -15.78 6.63 7.42
N ALA A 44 -17.03 6.35 7.79
CA ALA A 44 -17.64 6.97 8.96
C ALA A 44 -16.94 6.52 10.24
N GLU A 45 -16.54 5.26 10.28
CA GLU A 45 -15.86 4.71 11.45
C GLU A 45 -14.51 5.37 11.66
N TRP A 46 -13.81 5.65 10.56
CA TRP A 46 -12.50 6.28 10.62
C TRP A 46 -12.57 7.60 11.38
N SER A 47 -13.70 8.29 11.27
CA SER A 47 -13.89 9.56 11.95
C SER A 47 -14.29 9.35 13.41
N LYS A 48 -14.79 8.16 13.71
CA LYS A 48 -15.20 7.83 15.07
C LYS A 48 -14.12 7.00 15.77
N LEU A 49 -12.95 6.94 15.18
CA LEU A 49 -11.84 6.18 15.75
C LEU A 49 -11.26 6.90 16.97
N GLN A 50 -10.61 6.14 17.84
CA GLN A 50 -10.01 6.70 19.04
C GLN A 50 -8.73 7.46 18.71
N PRO A 51 -8.31 8.36 19.61
CA PRO A 51 -7.09 9.15 19.43
C PRO A 51 -5.83 8.31 19.55
N ALA A 52 -6.00 7.01 19.75
CA ALA A 52 -4.87 6.09 19.88
C ALA A 52 -4.81 5.14 18.69
N GLU A 53 -5.97 4.68 18.24
CA GLU A 53 -6.04 3.75 17.12
C GLU A 53 -5.80 4.48 15.80
N LYS A 54 -6.59 5.53 15.55
CA LYS A 54 -6.47 6.30 14.34
C LYS A 54 -5.02 6.69 14.08
N GLN A 55 -4.31 7.08 15.14
CA GLN A 55 -2.91 7.48 15.03
C GLN A 55 -2.03 6.28 14.75
N ARG A 56 -2.26 5.19 15.48
CA ARG A 56 -1.48 3.97 15.30
C ARG A 56 -1.49 3.53 13.84
N TYR A 57 -2.64 3.62 13.20
CA TYR A 57 -2.78 3.23 11.80
C TYR A 57 -1.85 4.05 10.92
N LEU A 58 -1.78 5.35 11.18
CA LEU A 58 -0.94 6.25 10.42
C LEU A 58 0.53 5.82 10.49
N ASP A 59 1.03 5.71 11.72
CA ASP A 59 2.42 5.31 11.94
C ASP A 59 2.71 3.98 11.26
N GLU A 60 1.83 3.00 11.48
CA GLU A 60 2.00 1.68 10.89
C GLU A 60 2.38 1.78 9.41
N ALA A 61 1.52 2.44 8.64
CA ALA A 61 1.76 2.61 7.22
C ALA A 61 3.04 3.40 6.97
N GLU A 62 3.25 4.45 7.76
CA GLU A 62 4.44 5.29 7.62
C GLU A 62 5.71 4.44 7.66
N LYS A 63 5.83 3.63 8.72
CA LYS A 63 6.99 2.78 8.88
C LYS A 63 7.32 2.04 7.58
N GLU A 64 6.29 1.74 6.80
CA GLU A 64 6.47 1.04 5.54
C GLU A 64 6.81 2.03 4.42
N LYS A 65 6.41 3.28 4.60
CA LYS A 65 6.66 4.32 3.61
C LYS A 65 8.17 4.57 3.47
N GLN A 66 8.86 4.61 4.59
CA GLN A 66 10.30 4.84 4.59
C GLN A 66 11.00 3.96 3.56
N GLN A 67 10.75 2.66 3.64
CA GLN A 67 11.35 1.71 2.72
C GLN A 67 11.10 2.12 1.27
N TYR A 68 9.84 2.12 0.87
CA TYR A 68 9.47 2.49 -0.49
C TYR A 68 10.21 3.76 -0.93
N LEU A 69 10.15 4.79 -0.09
CA LEU A 69 10.81 6.06 -0.39
C LEU A 69 12.24 5.82 -0.86
N LYS A 70 13.06 5.24 0.00
CA LYS A 70 14.45 4.96 -0.33
C LYS A 70 14.56 4.28 -1.68
N GLU A 71 13.91 3.11 -1.81
CA GLU A 71 13.93 2.35 -3.05
C GLU A 71 13.80 3.27 -4.25
N LEU A 72 12.69 4.00 -4.31
CA LEU A 72 12.43 4.92 -5.41
C LEU A 72 13.74 5.50 -5.95
N TRP A 73 14.31 6.44 -5.21
CA TRP A 73 15.57 7.08 -5.62
C TRP A 73 16.75 6.12 -5.42
N ALA A 74 16.90 5.63 -4.20
CA ALA A 74 17.99 4.71 -3.88
C ALA A 74 18.32 3.82 -5.09
N TYR A 75 17.30 3.46 -5.85
CA TYR A 75 17.47 2.61 -7.02
C TYR A 75 17.83 3.44 -8.25
N GLN A 76 16.99 4.43 -8.55
CA GLN A 76 17.22 5.29 -9.71
C GLN A 76 18.70 5.64 -9.84
N GLN A 77 19.39 5.73 -8.70
CA GLN A 77 20.81 6.05 -8.70
C GLN A 77 21.66 4.80 -8.48
N SER A 78 21.35 3.76 -9.25
CA SER A 78 22.08 2.50 -9.13
C SER A 78 22.39 1.92 -10.51
N GLU A 79 23.49 1.18 -10.60
CA GLU A 79 23.89 0.57 -11.87
C GLU A 79 22.71 -0.12 -12.55
N ALA A 80 21.94 -0.87 -11.76
CA ALA A 80 20.79 -1.59 -12.28
C ALA A 80 19.90 -0.66 -13.11
N TYR A 81 19.77 0.58 -12.66
CA TYR A 81 18.94 1.56 -13.36
C TYR A 81 19.54 1.89 -14.73
N LYS A 82 20.84 2.14 -14.76
CA LYS A 82 21.53 2.46 -16.00
C LYS A 82 21.54 1.26 -16.94
N VAL A 83 22.09 0.14 -16.47
CA VAL A 83 22.16 -1.07 -17.28
C VAL A 83 20.79 -1.45 -17.83
N CYS A 84 19.77 -1.29 -16.99
CA CYS A 84 18.40 -1.61 -17.40
C CYS A 84 17.83 -0.52 -18.30
N THR A 85 16.82 -0.88 -19.10
CA THR A 85 16.19 0.07 -20.00
C THR A 85 15.27 1.02 -19.25
N GLU A 86 15.35 2.31 -19.58
CA GLU A 86 14.52 3.31 -18.93
C GLU A 86 13.62 4.02 -19.95
N SER A 87 12.33 4.11 -19.63
CA SER A 87 11.37 4.75 -20.51
C SER A 87 11.92 6.06 -21.06
N GLY A 88 12.22 6.08 -22.35
CA GLY A 88 12.76 7.28 -22.98
C GLY A 88 12.67 7.24 -24.49
N PRO A 89 11.47 7.51 -25.02
CA PRO A 89 11.22 7.52 -26.47
C PRO A 89 11.91 8.67 -27.17
N SER A 90 12.94 8.36 -27.95
CA SER A 90 13.69 9.38 -28.68
C SER A 90 14.28 8.81 -29.96
N SER A 91 14.04 9.51 -31.07
CA SER A 91 14.54 9.06 -32.37
C SER A 91 16.01 8.66 -32.28
N GLY A 92 16.27 7.35 -32.28
CA GLY A 92 17.63 6.87 -32.19
C GLY A 92 18.55 7.57 -33.18
N GLY A 1 -8.14 -10.56 -11.25
CA GLY A 1 -7.90 -9.15 -11.52
C GLY A 1 -6.76 -8.93 -12.48
N SER A 2 -5.58 -8.63 -11.94
CA SER A 2 -4.40 -8.38 -12.77
C SER A 2 -3.18 -9.11 -12.21
N SER A 3 -2.38 -9.67 -13.11
CA SER A 3 -1.18 -10.40 -12.70
C SER A 3 0.08 -9.57 -12.99
N GLY A 4 0.39 -8.65 -12.08
CA GLY A 4 1.56 -7.81 -12.26
C GLY A 4 2.56 -7.97 -11.13
N SER A 5 3.67 -8.66 -11.41
CA SER A 5 4.70 -8.88 -10.40
C SER A 5 6.02 -8.24 -10.83
N SER A 6 6.30 -7.06 -10.27
CA SER A 6 7.52 -6.34 -10.59
C SER A 6 7.77 -5.22 -9.58
N GLY A 7 9.00 -5.14 -9.07
CA GLY A 7 9.34 -4.11 -8.11
C GLY A 7 8.76 -4.39 -6.74
N PRO A 8 8.89 -3.41 -5.83
CA PRO A 8 8.38 -3.53 -4.46
C PRO A 8 6.85 -3.52 -4.40
N LYS A 9 6.29 -4.21 -3.41
CA LYS A 9 4.85 -4.27 -3.25
C LYS A 9 4.31 -2.98 -2.64
N ALA A 10 3.84 -2.09 -3.51
CA ALA A 10 3.30 -0.81 -3.06
C ALA A 10 2.31 -1.01 -1.91
N PRO A 11 2.74 -0.66 -0.69
CA PRO A 11 1.91 -0.79 0.51
C PRO A 11 0.75 0.20 0.53
N VAL A 12 -0.13 0.08 1.51
CA VAL A 12 -1.28 0.96 1.64
C VAL A 12 -1.07 1.96 2.78
N THR A 13 -1.82 3.05 2.72
CA THR A 13 -1.73 4.09 3.75
C THR A 13 -2.60 3.76 4.96
N GLY A 14 -2.16 4.19 6.14
CA GLY A 14 -2.92 3.93 7.35
C GLY A 14 -4.42 3.97 7.11
N TYR A 15 -4.86 4.93 6.32
CA TYR A 15 -6.28 5.08 6.02
C TYR A 15 -6.83 3.84 5.33
N VAL A 16 -6.23 3.50 4.19
CA VAL A 16 -6.67 2.33 3.43
C VAL A 16 -6.45 1.05 4.22
N ARG A 17 -5.23 0.87 4.72
CA ARG A 17 -4.90 -0.32 5.50
C ARG A 17 -6.06 -0.73 6.38
N PHE A 18 -6.48 0.17 7.27
CA PHE A 18 -7.58 -0.11 8.17
C PHE A 18 -8.84 -0.48 7.40
N LEU A 19 -9.08 0.21 6.28
CA LEU A 19 -10.24 -0.04 5.45
C LEU A 19 -10.22 -1.47 4.90
N ASN A 20 -9.01 -1.98 4.67
CA ASN A 20 -8.85 -3.34 4.13
C ASN A 20 -9.28 -4.37 5.16
N GLU A 21 -8.61 -4.38 6.31
CA GLU A 21 -8.93 -5.32 7.38
C GLU A 21 -10.42 -5.30 7.71
N ARG A 22 -10.98 -4.10 7.80
CA ARG A 22 -12.40 -3.94 8.11
C ARG A 22 -13.26 -4.44 6.95
N ARG A 23 -12.90 -4.05 5.73
CA ARG A 23 -13.64 -4.45 4.54
C ARG A 23 -14.14 -5.89 4.68
N GLU A 24 -13.33 -6.73 5.32
CA GLU A 24 -13.69 -8.13 5.51
C GLU A 24 -14.83 -8.27 6.51
N GLN A 25 -14.70 -7.60 7.65
CA GLN A 25 -15.73 -7.65 8.68
C GLN A 25 -17.10 -7.32 8.11
N ILE A 26 -17.15 -6.33 7.23
CA ILE A 26 -18.40 -5.92 6.61
C ILE A 26 -18.92 -7.00 5.67
N ARG A 27 -18.14 -7.32 4.65
CA ARG A 27 -18.53 -8.34 3.68
C ARG A 27 -19.30 -9.47 4.36
N THR A 28 -18.75 -9.98 5.47
CA THR A 28 -19.39 -11.06 6.21
C THR A 28 -20.81 -10.69 6.59
N ARG A 29 -21.00 -9.46 7.07
CA ARG A 29 -22.31 -8.99 7.48
C ARG A 29 -23.17 -8.64 6.26
N HIS A 30 -22.67 -7.73 5.43
CA HIS A 30 -23.39 -7.31 4.24
C HIS A 30 -22.72 -7.87 2.98
N PRO A 31 -22.95 -9.16 2.72
CA PRO A 31 -22.39 -9.84 1.54
C PRO A 31 -23.00 -9.37 0.24
N ASP A 32 -23.97 -8.47 0.35
CA ASP A 32 -24.65 -7.92 -0.83
C ASP A 32 -24.10 -6.54 -1.17
N LEU A 33 -23.49 -5.89 -0.20
CA LEU A 33 -22.93 -4.56 -0.40
C LEU A 33 -21.69 -4.62 -1.29
N PRO A 34 -21.72 -3.86 -2.40
CA PRO A 34 -20.60 -3.80 -3.35
C PRO A 34 -19.38 -3.10 -2.78
N PHE A 35 -18.46 -2.70 -3.66
CA PHE A 35 -17.25 -2.02 -3.23
C PHE A 35 -17.55 -0.59 -2.78
N PRO A 36 -18.14 0.20 -3.70
CA PRO A 36 -18.49 1.60 -3.41
C PRO A 36 -19.65 1.71 -2.43
N GLU A 37 -19.90 0.64 -1.69
CA GLU A 37 -20.98 0.63 -0.71
C GLU A 37 -20.46 0.24 0.66
N ILE A 38 -19.35 -0.50 0.70
CA ILE A 38 -18.76 -0.94 1.95
C ILE A 38 -17.78 0.11 2.49
N THR A 39 -16.97 0.66 1.60
CA THR A 39 -15.99 1.67 2.00
C THR A 39 -16.69 2.91 2.56
N LYS A 40 -17.71 3.38 1.86
CA LYS A 40 -18.46 4.55 2.30
C LYS A 40 -18.90 4.42 3.75
N MET A 41 -19.22 3.20 4.16
CA MET A 41 -19.65 2.93 5.53
C MET A 41 -18.48 3.04 6.49
N LEU A 42 -17.34 2.44 6.11
CA LEU A 42 -16.14 2.48 6.94
C LEU A 42 -15.66 3.90 7.15
N GLY A 43 -15.53 4.65 6.06
CA GLY A 43 -15.08 6.03 6.15
C GLY A 43 -15.59 6.72 7.40
N ALA A 44 -16.85 6.50 7.73
CA ALA A 44 -17.46 7.10 8.90
C ALA A 44 -16.79 6.62 10.18
N GLU A 45 -16.50 5.33 10.24
CA GLU A 45 -15.85 4.74 11.40
C GLU A 45 -14.47 5.35 11.63
N TRP A 46 -13.69 5.45 10.56
CA TRP A 46 -12.35 6.02 10.65
C TRP A 46 -12.37 7.38 11.34
N SER A 47 -13.40 8.17 11.05
CA SER A 47 -13.54 9.50 11.65
C SER A 47 -14.01 9.39 13.09
N LYS A 48 -14.69 8.29 13.41
CA LYS A 48 -15.20 8.06 14.76
C LYS A 48 -14.24 7.20 15.56
N LEU A 49 -13.07 6.93 14.98
CA LEU A 49 -12.06 6.11 15.65
C LEU A 49 -11.47 6.85 16.85
N GLN A 50 -10.84 6.10 17.74
CA GLN A 50 -10.23 6.67 18.94
C GLN A 50 -8.92 7.38 18.58
N PRO A 51 -8.50 8.32 19.45
CA PRO A 51 -7.27 9.09 19.24
C PRO A 51 -6.01 8.22 19.42
N ALA A 52 -6.23 6.94 19.67
CA ALA A 52 -5.11 6.01 19.85
C ALA A 52 -5.03 5.02 18.68
N GLU A 53 -6.19 4.56 18.22
CA GLU A 53 -6.24 3.62 17.11
C GLU A 53 -5.97 4.32 15.78
N LYS A 54 -6.73 5.37 15.50
CA LYS A 54 -6.58 6.13 14.27
C LYS A 54 -5.14 6.57 14.09
N GLN A 55 -4.56 7.14 15.14
CA GLN A 55 -3.17 7.61 15.09
C GLN A 55 -2.21 6.45 14.83
N ARG A 56 -2.39 5.36 15.57
CA ARG A 56 -1.54 4.19 15.42
C ARG A 56 -1.55 3.68 13.98
N TYR A 57 -2.75 3.61 13.40
CA TYR A 57 -2.90 3.15 12.03
C TYR A 57 -1.98 3.91 11.09
N LEU A 58 -1.87 5.22 11.31
CA LEU A 58 -1.02 6.07 10.49
C LEU A 58 0.43 5.62 10.54
N ASP A 59 0.90 5.33 11.75
CA ASP A 59 2.28 4.89 11.95
C ASP A 59 2.47 3.49 11.39
N GLU A 60 1.42 2.67 11.42
CA GLU A 60 1.47 1.31 10.93
C GLU A 60 1.76 1.29 9.43
N ALA A 61 1.28 2.32 8.73
CA ALA A 61 1.48 2.41 7.29
C ALA A 61 2.79 3.12 6.97
N GLU A 62 2.99 4.30 7.57
CA GLU A 62 4.20 5.07 7.34
C GLU A 62 5.44 4.19 7.44
N LYS A 63 5.52 3.40 8.50
CA LYS A 63 6.66 2.51 8.71
C LYS A 63 6.81 1.54 7.55
N GLU A 64 5.70 0.92 7.16
CA GLU A 64 5.72 -0.04 6.05
C GLU A 64 6.28 0.60 4.79
N LYS A 65 5.80 1.80 4.48
CA LYS A 65 6.25 2.52 3.30
C LYS A 65 7.76 2.79 3.36
N GLN A 66 8.20 3.35 4.48
CA GLN A 66 9.62 3.66 4.67
C GLN A 66 10.49 2.55 4.09
N GLN A 67 9.97 1.33 4.06
CA GLN A 67 10.70 0.20 3.52
C GLN A 67 10.46 0.05 2.02
N TYR A 68 9.21 -0.01 1.63
CA TYR A 68 8.85 -0.14 0.22
C TYR A 68 9.70 0.77 -0.66
N LEU A 69 10.17 1.87 -0.06
CA LEU A 69 11.00 2.82 -0.79
C LEU A 69 12.36 2.22 -1.14
N LYS A 70 13.04 1.71 -0.13
CA LYS A 70 14.35 1.09 -0.33
C LYS A 70 14.23 -0.18 -1.16
N GLU A 71 13.00 -0.56 -1.47
CA GLU A 71 12.74 -1.77 -2.26
C GLU A 71 12.38 -1.41 -3.70
N LEU A 72 12.39 -0.11 -4.00
CA LEU A 72 12.06 0.36 -5.33
C LEU A 72 13.31 0.69 -6.13
N TRP A 73 14.30 1.27 -5.46
CA TRP A 73 15.56 1.63 -6.09
C TRP A 73 16.65 0.62 -5.76
N ALA A 74 16.87 0.40 -4.47
CA ALA A 74 17.88 -0.55 -4.02
C ALA A 74 17.87 -1.81 -4.87
N TYR A 75 16.73 -2.09 -5.51
CA TYR A 75 16.60 -3.27 -6.34
C TYR A 75 16.94 -2.94 -7.80
N GLN A 76 16.35 -1.87 -8.31
CA GLN A 76 16.59 -1.46 -9.69
C GLN A 76 18.08 -1.37 -9.98
N GLN A 77 18.87 -1.04 -8.95
CA GLN A 77 20.30 -0.93 -9.10
C GLN A 77 21.02 -2.04 -8.33
N SER A 78 20.41 -3.22 -8.30
CA SER A 78 20.99 -4.36 -7.60
C SER A 78 21.91 -5.16 -8.51
N GLU A 79 22.64 -6.09 -7.93
CA GLU A 79 23.57 -6.92 -8.70
C GLU A 79 22.82 -7.89 -9.59
N ALA A 80 21.59 -8.20 -9.22
CA ALA A 80 20.76 -9.12 -9.99
C ALA A 80 20.20 -8.43 -11.24
N TYR A 81 19.75 -7.20 -11.07
CA TYR A 81 19.18 -6.43 -12.17
C TYR A 81 20.19 -6.29 -13.30
N LYS A 82 21.43 -5.97 -12.94
CA LYS A 82 22.49 -5.80 -13.93
C LYS A 82 23.04 -7.15 -14.38
N VAL A 83 23.57 -7.91 -13.44
CA VAL A 83 24.13 -9.23 -13.73
C VAL A 83 24.76 -9.26 -15.12
N CYS A 84 25.44 -8.17 -15.47
CA CYS A 84 26.09 -8.08 -16.78
C CYS A 84 27.33 -7.20 -16.70
N THR A 85 28.27 -7.42 -17.62
CA THR A 85 29.51 -6.65 -17.65
C THR A 85 29.41 -5.48 -18.62
N GLU A 86 29.86 -4.31 -18.17
CA GLU A 86 29.82 -3.11 -19.00
C GLU A 86 31.18 -2.83 -19.64
N SER A 87 31.21 -1.87 -20.55
CA SER A 87 32.45 -1.52 -21.24
C SER A 87 32.70 -0.01 -21.16
N GLY A 88 33.97 0.37 -21.03
CA GLY A 88 34.32 1.77 -20.94
C GLY A 88 35.53 2.02 -20.06
N PRO A 89 35.27 2.46 -18.83
CA PRO A 89 36.34 2.75 -17.85
C PRO A 89 37.03 1.48 -17.36
N SER A 90 38.19 1.66 -16.73
CA SER A 90 38.95 0.52 -16.22
C SER A 90 39.90 0.96 -15.11
N SER A 91 39.84 0.27 -13.98
CA SER A 91 40.69 0.60 -12.84
C SER A 91 41.81 -0.43 -12.69
N GLY A 92 42.75 -0.15 -11.78
CA GLY A 92 43.85 -1.05 -11.57
C GLY A 92 44.33 -1.03 -10.13
N GLY A 1 -5.21 9.40 -12.22
CA GLY A 1 -5.91 8.13 -12.14
C GLY A 1 -5.32 7.08 -13.05
N SER A 2 -3.99 6.96 -13.04
CA SER A 2 -3.29 5.99 -13.88
C SER A 2 -2.22 5.26 -13.08
N SER A 3 -2.43 3.98 -12.84
CA SER A 3 -1.49 3.16 -12.09
C SER A 3 -0.49 2.48 -13.02
N GLY A 4 0.67 2.14 -12.49
CA GLY A 4 1.69 1.48 -13.29
C GLY A 4 2.91 2.36 -13.50
N SER A 5 3.76 2.45 -12.49
CA SER A 5 4.97 3.28 -12.57
C SER A 5 6.22 2.41 -12.43
N SER A 6 7.38 3.06 -12.39
CA SER A 6 8.63 2.36 -12.26
C SER A 6 9.36 2.76 -10.98
N GLY A 7 9.51 1.80 -10.06
CA GLY A 7 10.18 2.08 -8.80
C GLY A 7 9.58 1.29 -7.65
N PRO A 8 9.78 1.79 -6.42
CA PRO A 8 9.27 1.15 -5.21
C PRO A 8 7.75 1.22 -5.11
N LYS A 9 7.12 0.07 -4.89
CA LYS A 9 5.67 0.01 -4.77
C LYS A 9 5.17 0.95 -3.68
N ALA A 10 4.65 2.10 -4.09
CA ALA A 10 4.14 3.09 -3.14
C ALA A 10 3.29 2.43 -2.07
N PRO A 11 3.61 2.71 -0.80
CA PRO A 11 2.88 2.15 0.34
C PRO A 11 1.47 2.72 0.47
N VAL A 12 0.77 2.32 1.53
CA VAL A 12 -0.58 2.80 1.77
C VAL A 12 -0.63 3.76 2.96
N THR A 13 -1.77 4.42 3.13
CA THR A 13 -1.94 5.37 4.22
C THR A 13 -2.84 4.78 5.32
N GLY A 14 -2.54 5.14 6.56
CA GLY A 14 -3.33 4.65 7.68
C GLY A 14 -4.80 4.52 7.35
N TYR A 15 -5.29 5.42 6.50
CA TYR A 15 -6.69 5.41 6.09
C TYR A 15 -6.98 4.24 5.16
N VAL A 16 -6.08 4.00 4.22
CA VAL A 16 -6.24 2.91 3.27
C VAL A 16 -6.11 1.56 3.96
N ARG A 17 -4.90 1.24 4.41
CA ARG A 17 -4.64 -0.03 5.08
C ARG A 17 -5.77 -0.38 6.04
N PHE A 18 -6.45 0.65 6.54
CA PHE A 18 -7.57 0.46 7.47
C PHE A 18 -8.83 0.03 6.73
N LEU A 19 -9.04 0.61 5.55
CA LEU A 19 -10.21 0.30 4.74
C LEU A 19 -10.31 -1.21 4.49
N ASN A 20 -9.18 -1.81 4.09
CA ASN A 20 -9.15 -3.24 3.83
C ASN A 20 -9.34 -4.05 5.11
N GLU A 21 -8.46 -3.83 6.07
CA GLU A 21 -8.53 -4.53 7.34
C GLU A 21 -9.97 -4.67 7.81
N ARG A 22 -10.72 -3.57 7.72
CA ARG A 22 -12.12 -3.56 8.13
C ARG A 22 -13.01 -4.09 7.02
N ARG A 23 -12.63 -3.82 5.79
CA ARG A 23 -13.39 -4.26 4.63
C ARG A 23 -13.91 -5.69 4.83
N GLU A 24 -13.07 -6.54 5.41
CA GLU A 24 -13.44 -7.93 5.66
C GLU A 24 -14.54 -8.01 6.72
N GLN A 25 -14.40 -7.21 7.78
CA GLN A 25 -15.38 -7.20 8.86
C GLN A 25 -16.77 -6.92 8.32
N ILE A 26 -16.88 -6.02 7.36
CA ILE A 26 -18.16 -5.67 6.76
C ILE A 26 -18.72 -6.82 5.94
N ARG A 27 -17.95 -7.25 4.94
CA ARG A 27 -18.37 -8.35 4.08
C ARG A 27 -19.11 -9.42 4.88
N THR A 28 -18.55 -9.79 6.02
CA THR A 28 -19.16 -10.80 6.88
C THR A 28 -20.58 -10.40 7.27
N ARG A 29 -20.77 -9.13 7.60
CA ARG A 29 -22.08 -8.62 7.99
C ARG A 29 -22.95 -8.35 6.77
N HIS A 30 -22.46 -7.49 5.87
CA HIS A 30 -23.19 -7.16 4.66
C HIS A 30 -22.55 -7.80 3.44
N PRO A 31 -22.75 -9.12 3.29
CA PRO A 31 -22.19 -9.88 2.17
C PRO A 31 -22.87 -9.53 0.84
N ASP A 32 -23.85 -8.65 0.90
CA ASP A 32 -24.57 -8.21 -0.30
C ASP A 32 -24.08 -6.85 -0.77
N LEU A 33 -23.55 -6.07 0.16
CA LEU A 33 -23.04 -4.74 -0.16
C LEU A 33 -21.84 -4.82 -1.11
N PRO A 34 -21.93 -4.09 -2.23
CA PRO A 34 -20.87 -4.07 -3.23
C PRO A 34 -19.63 -3.33 -2.74
N PHE A 35 -18.75 -2.96 -3.67
CA PHE A 35 -17.53 -2.25 -3.34
C PHE A 35 -17.83 -0.81 -2.91
N PRO A 36 -18.46 -0.05 -3.82
CA PRO A 36 -18.83 1.35 -3.57
C PRO A 36 -19.94 1.48 -2.55
N GLU A 37 -20.14 0.43 -1.75
CA GLU A 37 -21.17 0.44 -0.72
C GLU A 37 -20.59 0.10 0.64
N ILE A 38 -19.47 -0.62 0.63
CA ILE A 38 -18.81 -1.02 1.87
C ILE A 38 -17.81 0.05 2.32
N THR A 39 -17.08 0.61 1.38
CA THR A 39 -16.10 1.65 1.68
C THR A 39 -16.77 2.92 2.19
N LYS A 40 -17.83 3.34 1.51
CA LYS A 40 -18.56 4.53 1.90
C LYS A 40 -18.94 4.48 3.39
N MET A 41 -19.09 3.27 3.90
CA MET A 41 -19.46 3.09 5.31
C MET A 41 -18.24 3.27 6.20
N LEU A 42 -17.14 2.62 5.85
CA LEU A 42 -15.91 2.70 6.62
C LEU A 42 -15.46 4.15 6.77
N GLY A 43 -15.49 4.89 5.66
CA GLY A 43 -15.08 6.27 5.68
C GLY A 43 -15.54 6.99 6.93
N ALA A 44 -16.81 6.81 7.29
CA ALA A 44 -17.36 7.46 8.48
C ALA A 44 -16.73 6.90 9.75
N GLU A 45 -16.38 5.62 9.71
CA GLU A 45 -15.76 4.96 10.87
C GLU A 45 -14.40 5.59 11.18
N TRP A 46 -13.56 5.71 10.17
CA TRP A 46 -12.23 6.28 10.34
C TRP A 46 -12.31 7.59 11.13
N SER A 47 -13.37 8.35 10.91
CA SER A 47 -13.57 9.63 11.59
C SER A 47 -14.07 9.40 13.01
N LYS A 48 -14.74 8.28 13.22
CA LYS A 48 -15.28 7.95 14.54
C LYS A 48 -14.33 7.02 15.30
N LEU A 49 -13.12 6.85 14.77
CA LEU A 49 -12.12 6.00 15.41
C LEU A 49 -11.64 6.60 16.71
N GLN A 50 -11.03 5.76 17.55
CA GLN A 50 -10.52 6.23 18.84
C GLN A 50 -9.15 6.88 18.69
N PRO A 51 -8.76 7.67 19.70
CA PRO A 51 -7.48 8.38 19.70
C PRO A 51 -6.30 7.42 19.87
N ALA A 52 -6.60 6.13 19.94
CA ALA A 52 -5.56 5.11 20.10
C ALA A 52 -5.46 4.23 18.85
N GLU A 53 -6.60 3.92 18.26
CA GLU A 53 -6.63 3.09 17.06
C GLU A 53 -6.21 3.87 15.84
N LYS A 54 -6.84 5.03 15.62
CA LYS A 54 -6.53 5.88 14.48
C LYS A 54 -5.03 6.16 14.42
N GLN A 55 -4.45 6.54 15.56
CA GLN A 55 -3.02 6.84 15.61
C GLN A 55 -2.19 5.62 15.22
N ARG A 56 -2.61 4.45 15.68
CA ARG A 56 -1.90 3.21 15.37
C ARG A 56 -1.89 2.95 13.86
N TYR A 57 -3.06 3.01 13.25
CA TYR A 57 -3.18 2.80 11.81
C TYR A 57 -2.21 3.67 11.04
N LEU A 58 -2.05 4.91 11.50
CA LEU A 58 -1.15 5.85 10.84
C LEU A 58 0.31 5.40 10.97
N ASP A 59 0.80 5.36 12.20
CA ASP A 59 2.17 4.94 12.47
C ASP A 59 2.42 3.55 11.89
N GLU A 60 1.36 2.77 11.71
CA GLU A 60 1.47 1.43 11.18
C GLU A 60 1.96 1.45 9.73
N ALA A 61 1.43 2.39 8.95
CA ALA A 61 1.82 2.52 7.56
C ALA A 61 3.19 3.20 7.42
N GLU A 62 3.41 4.23 8.23
CA GLU A 62 4.66 4.97 8.19
C GLU A 62 5.84 4.01 8.12
N LYS A 63 5.90 3.07 9.04
CA LYS A 63 6.98 2.09 9.07
C LYS A 63 7.31 1.58 7.67
N GLU A 64 6.25 1.26 6.92
CA GLU A 64 6.42 0.75 5.56
C GLU A 64 6.96 1.85 4.64
N LYS A 65 6.60 3.10 4.94
CA LYS A 65 7.05 4.23 4.14
C LYS A 65 8.57 4.32 4.12
N GLN A 66 9.17 4.29 5.30
CA GLN A 66 10.62 4.37 5.43
C GLN A 66 11.30 3.46 4.41
N GLN A 67 10.70 2.30 4.15
CA GLN A 67 11.24 1.35 3.21
C GLN A 67 11.14 1.88 1.78
N TYR A 68 9.92 2.00 1.28
CA TYR A 68 9.69 2.49 -0.08
C TYR A 68 10.60 3.67 -0.39
N LEU A 69 10.72 4.59 0.57
CA LEU A 69 11.55 5.77 0.40
C LEU A 69 12.94 5.38 -0.10
N LYS A 70 13.62 4.55 0.68
CA LYS A 70 14.96 4.08 0.32
C LYS A 70 15.00 3.58 -1.11
N GLU A 71 14.35 2.45 -1.36
CA GLU A 71 14.31 1.86 -2.69
C GLU A 71 14.27 2.94 -3.76
N LEU A 72 13.24 3.78 -3.70
CA LEU A 72 13.08 4.86 -4.67
C LEU A 72 14.44 5.35 -5.16
N TRP A 73 15.14 6.10 -4.32
CA TRP A 73 16.45 6.63 -4.68
C TRP A 73 17.51 5.53 -4.63
N ALA A 74 17.59 4.84 -3.50
CA ALA A 74 18.56 3.76 -3.33
C ALA A 74 18.72 2.96 -4.63
N TYR A 75 17.67 2.93 -5.44
CA TYR A 75 17.70 2.21 -6.70
C TYR A 75 18.26 3.09 -7.82
N GLN A 76 17.58 4.19 -8.09
CA GLN A 76 18.01 5.11 -9.13
C GLN A 76 19.53 5.25 -9.15
N GLN A 77 20.16 5.02 -8.01
CA GLN A 77 21.60 5.11 -7.88
C GLN A 77 22.28 3.90 -8.51
N SER A 78 21.76 2.71 -8.21
CA SER A 78 22.32 1.48 -8.74
C SER A 78 22.82 1.67 -10.16
N GLU A 79 23.90 0.97 -10.50
CA GLU A 79 24.48 1.07 -11.84
C GLU A 79 23.46 0.67 -12.90
N ALA A 80 22.70 -0.39 -12.63
CA ALA A 80 21.69 -0.87 -13.57
C ALA A 80 20.81 0.27 -14.06
N TYR A 81 20.53 1.22 -13.19
CA TYR A 81 19.70 2.37 -13.53
C TYR A 81 20.32 3.15 -14.69
N LYS A 82 21.61 3.46 -14.56
CA LYS A 82 22.32 4.21 -15.59
C LYS A 82 22.57 3.35 -16.82
N VAL A 83 23.32 2.27 -16.65
CA VAL A 83 23.63 1.36 -17.75
C VAL A 83 23.69 2.11 -19.08
N CYS A 84 24.33 3.27 -19.07
CA CYS A 84 24.46 4.08 -20.27
C CYS A 84 25.88 4.60 -20.43
N THR A 85 26.11 5.40 -21.48
CA THR A 85 27.43 5.95 -21.74
C THR A 85 27.50 7.41 -21.31
N GLU A 86 28.50 7.73 -20.49
CA GLU A 86 28.68 9.09 -19.99
C GLU A 86 30.07 9.27 -19.40
N SER A 87 30.70 10.41 -19.70
CA SER A 87 32.03 10.70 -19.19
C SER A 87 31.97 11.65 -18.00
N GLY A 88 32.64 11.27 -16.92
CA GLY A 88 32.64 12.09 -15.72
C GLY A 88 33.48 13.35 -15.89
N PRO A 89 34.18 13.73 -14.82
CA PRO A 89 35.04 14.92 -14.82
C PRO A 89 36.28 14.75 -15.69
N SER A 90 36.99 15.85 -15.94
CA SER A 90 38.18 15.81 -16.76
C SER A 90 39.43 16.09 -15.93
N SER A 91 40.59 15.91 -16.54
CA SER A 91 41.86 16.14 -15.85
C SER A 91 42.48 17.47 -16.26
N GLY A 92 42.87 18.28 -15.28
CA GLY A 92 43.47 19.56 -15.56
C GLY A 92 42.77 20.70 -14.84
N GLY A 1 5.05 -10.68 -21.06
CA GLY A 1 5.74 -9.67 -20.26
C GLY A 1 5.46 -9.82 -18.78
N SER A 2 5.15 -8.70 -18.12
CA SER A 2 4.86 -8.72 -16.69
C SER A 2 3.38 -8.42 -16.44
N SER A 3 2.62 -9.47 -16.14
CA SER A 3 1.19 -9.32 -15.88
C SER A 3 0.95 -8.64 -14.54
N GLY A 4 1.68 -9.09 -13.52
CA GLY A 4 1.53 -8.51 -12.20
C GLY A 4 2.74 -7.69 -11.78
N SER A 5 3.00 -7.65 -10.48
CA SER A 5 4.12 -6.90 -9.95
C SER A 5 5.36 -7.79 -9.80
N SER A 6 6.53 -7.17 -9.74
CA SER A 6 7.78 -7.91 -9.60
C SER A 6 8.54 -7.45 -8.37
N GLY A 7 8.56 -6.13 -8.15
CA GLY A 7 9.26 -5.58 -7.01
C GLY A 7 8.48 -5.74 -5.70
N PRO A 8 8.83 -4.92 -4.70
CA PRO A 8 8.17 -4.95 -3.40
C PRO A 8 6.74 -4.43 -3.46
N LYS A 9 5.82 -5.17 -2.84
CA LYS A 9 4.42 -4.78 -2.82
C LYS A 9 4.23 -3.43 -2.14
N ALA A 10 4.12 -2.38 -2.95
CA ALA A 10 3.93 -1.03 -2.43
C ALA A 10 3.02 -1.04 -1.20
N PRO A 11 3.44 -0.31 -0.15
CA PRO A 11 2.68 -0.21 1.10
C PRO A 11 1.38 0.59 0.93
N VAL A 12 0.74 0.91 2.04
CA VAL A 12 -0.49 1.67 2.02
C VAL A 12 -0.53 2.71 3.14
N THR A 13 -1.42 3.68 3.01
CA THR A 13 -1.56 4.74 4.00
C THR A 13 -2.33 4.25 5.22
N GLY A 14 -2.08 4.89 6.36
CA GLY A 14 -2.77 4.51 7.59
C GLY A 14 -4.27 4.52 7.44
N TYR A 15 -4.75 5.16 6.38
CA TYR A 15 -6.19 5.24 6.12
C TYR A 15 -6.66 4.10 5.23
N VAL A 16 -5.72 3.48 4.53
CA VAL A 16 -6.03 2.37 3.65
C VAL A 16 -6.01 1.04 4.39
N ARG A 17 -4.85 0.73 4.98
CA ARG A 17 -4.69 -0.51 5.73
C ARG A 17 -5.93 -0.81 6.56
N PHE A 18 -6.57 0.24 7.06
CA PHE A 18 -7.77 0.10 7.88
C PHE A 18 -9.00 -0.17 7.00
N LEU A 19 -9.04 0.48 5.84
CA LEU A 19 -10.15 0.31 4.91
C LEU A 19 -10.29 -1.15 4.49
N ASN A 20 -9.18 -1.76 4.07
CA ASN A 20 -9.19 -3.15 3.65
C ASN A 20 -9.45 -4.08 4.83
N GLU A 21 -8.61 -3.97 5.86
CA GLU A 21 -8.75 -4.80 7.05
C GLU A 21 -10.18 -4.81 7.54
N ARG A 22 -10.82 -3.64 7.54
CA ARG A 22 -12.19 -3.50 7.99
C ARG A 22 -13.16 -3.95 6.90
N ARG A 23 -12.77 -3.76 5.65
CA ARG A 23 -13.61 -4.14 4.52
C ARG A 23 -14.02 -5.60 4.62
N GLU A 24 -13.21 -6.40 5.30
CA GLU A 24 -13.48 -7.83 5.47
C GLU A 24 -14.58 -8.04 6.51
N GLN A 25 -14.47 -7.35 7.64
CA GLN A 25 -15.45 -7.47 8.71
C GLN A 25 -16.87 -7.20 8.19
N ILE A 26 -16.98 -6.22 7.29
CA ILE A 26 -18.28 -5.87 6.71
C ILE A 26 -18.79 -6.98 5.79
N ARG A 27 -18.00 -7.28 4.76
CA ARG A 27 -18.39 -8.33 3.81
C ARG A 27 -19.11 -9.47 4.51
N THR A 28 -18.56 -9.90 5.63
CA THR A 28 -19.15 -11.00 6.40
C THR A 28 -20.57 -10.66 6.82
N ARG A 29 -20.79 -9.43 7.25
CA ARG A 29 -22.11 -8.99 7.68
C ARG A 29 -22.98 -8.65 6.48
N HIS A 30 -22.50 -7.71 5.66
CA HIS A 30 -23.24 -7.29 4.47
C HIS A 30 -22.57 -7.80 3.21
N PRO A 31 -22.74 -9.11 2.93
CA PRO A 31 -22.15 -9.75 1.76
C PRO A 31 -22.83 -9.31 0.47
N ASP A 32 -23.82 -8.44 0.59
CA ASP A 32 -24.55 -7.93 -0.57
C ASP A 32 -24.06 -6.55 -0.95
N LEU A 33 -23.68 -5.76 0.05
CA LEU A 33 -23.19 -4.41 -0.19
C LEU A 33 -22.00 -4.42 -1.15
N PRO A 34 -22.15 -3.70 -2.27
CA PRO A 34 -21.10 -3.61 -3.30
C PRO A 34 -19.89 -2.80 -2.82
N PHE A 35 -18.78 -2.95 -3.51
CA PHE A 35 -17.56 -2.23 -3.17
C PHE A 35 -17.87 -0.78 -2.80
N PRO A 36 -18.50 -0.05 -3.74
CA PRO A 36 -18.87 1.36 -3.53
C PRO A 36 -20.00 1.52 -2.51
N GLU A 37 -20.19 0.49 -1.69
CA GLU A 37 -21.24 0.53 -0.67
C GLU A 37 -20.68 0.11 0.70
N ILE A 38 -19.62 -0.70 0.67
CA ILE A 38 -19.00 -1.17 1.90
C ILE A 38 -17.99 -0.15 2.43
N THR A 39 -17.28 0.50 1.51
CA THR A 39 -16.28 1.50 1.87
C THR A 39 -16.93 2.73 2.47
N LYS A 40 -17.99 3.23 1.83
CA LYS A 40 -18.70 4.40 2.30
C LYS A 40 -18.99 4.30 3.79
N MET A 41 -19.12 3.07 4.29
CA MET A 41 -19.39 2.83 5.69
C MET A 41 -18.12 2.92 6.53
N LEU A 42 -17.07 2.23 6.07
CA LEU A 42 -15.79 2.23 6.78
C LEU A 42 -15.28 3.66 6.96
N GLY A 43 -15.31 4.44 5.89
CA GLY A 43 -14.85 5.82 5.96
C GLY A 43 -15.37 6.54 7.18
N ALA A 44 -16.68 6.44 7.42
CA ALA A 44 -17.30 7.09 8.56
C ALA A 44 -16.67 6.64 9.87
N GLU A 45 -16.36 5.35 9.95
CA GLU A 45 -15.75 4.78 11.15
C GLU A 45 -14.40 5.43 11.42
N TRP A 46 -13.62 5.61 10.36
CA TRP A 46 -12.29 6.21 10.49
C TRP A 46 -12.37 7.57 11.17
N SER A 47 -13.44 8.31 10.89
CA SER A 47 -13.64 9.63 11.47
C SER A 47 -14.11 9.52 12.92
N LYS A 48 -14.80 8.43 13.22
CA LYS A 48 -15.31 8.20 14.57
C LYS A 48 -14.36 7.29 15.36
N LEU A 49 -13.18 7.06 14.81
CA LEU A 49 -12.19 6.21 15.46
C LEU A 49 -11.68 6.86 16.75
N GLN A 50 -10.94 6.09 17.54
CA GLN A 50 -10.40 6.59 18.79
C GLN A 50 -9.07 7.31 18.56
N PRO A 51 -8.68 8.16 19.52
CA PRO A 51 -7.43 8.92 19.44
C PRO A 51 -6.20 8.03 19.60
N ALA A 52 -6.43 6.74 19.79
CA ALA A 52 -5.35 5.78 19.96
C ALA A 52 -5.28 4.81 18.79
N GLU A 53 -6.45 4.44 18.26
CA GLU A 53 -6.52 3.53 17.14
C GLU A 53 -6.19 4.24 15.82
N LYS A 54 -6.88 5.35 15.57
CA LYS A 54 -6.67 6.12 14.36
C LYS A 54 -5.19 6.46 14.19
N GLN A 55 -4.53 6.77 15.30
CA GLN A 55 -3.11 7.12 15.26
C GLN A 55 -2.25 5.88 15.02
N ARG A 56 -2.58 4.80 15.74
CA ARG A 56 -1.84 3.55 15.60
C ARG A 56 -1.80 3.09 14.15
N TYR A 57 -2.86 3.39 13.41
CA TYR A 57 -2.94 3.01 12.00
C TYR A 57 -1.93 3.78 11.17
N LEU A 58 -1.78 5.07 11.48
CA LEU A 58 -0.84 5.92 10.75
C LEU A 58 0.59 5.40 10.90
N ASP A 59 1.05 5.28 12.13
CA ASP A 59 2.40 4.80 12.40
C ASP A 59 2.60 3.41 11.80
N GLU A 60 1.73 2.47 12.16
CA GLU A 60 1.82 1.11 11.66
C GLU A 60 2.13 1.10 10.16
N ALA A 61 1.37 1.88 9.40
CA ALA A 61 1.56 1.96 7.96
C ALA A 61 2.94 2.52 7.62
N GLU A 62 3.38 3.51 8.39
CA GLU A 62 4.69 4.13 8.16
C GLU A 62 5.80 3.08 8.28
N LYS A 63 5.83 2.37 9.39
CA LYS A 63 6.84 1.34 9.62
C LYS A 63 6.89 0.36 8.46
N GLU A 64 5.71 -0.05 7.98
CA GLU A 64 5.63 -0.99 6.89
C GLU A 64 6.35 -0.46 5.65
N LYS A 65 6.22 0.85 5.42
CA LYS A 65 6.85 1.49 4.28
C LYS A 65 8.33 1.15 4.21
N GLN A 66 9.04 1.32 5.34
CA GLN A 66 10.46 1.03 5.42
C GLN A 66 10.77 -0.30 4.76
N GLN A 67 10.03 -1.34 5.15
CA GLN A 67 10.24 -2.67 4.60
C GLN A 67 10.26 -2.64 3.07
N TYR A 68 9.14 -2.23 2.48
CA TYR A 68 9.04 -2.16 1.03
C TYR A 68 10.27 -1.50 0.42
N LEU A 69 10.57 -0.30 0.89
CA LEU A 69 11.73 0.44 0.39
C LEU A 69 12.95 -0.47 0.28
N LYS A 70 13.32 -1.08 1.40
CA LYS A 70 14.47 -1.97 1.43
C LYS A 70 14.42 -2.98 0.28
N GLU A 71 13.37 -3.79 0.27
CA GLU A 71 13.19 -4.80 -0.78
C GLU A 71 13.48 -4.20 -2.16
N LEU A 72 12.74 -3.14 -2.50
CA LEU A 72 12.92 -2.48 -3.78
C LEU A 72 14.36 -2.57 -4.26
N TRP A 73 15.23 -1.77 -3.65
CA TRP A 73 16.64 -1.77 -4.01
C TRP A 73 17.33 -3.04 -3.52
N ALA A 74 17.22 -3.30 -2.21
CA ALA A 74 17.83 -4.48 -1.62
C ALA A 74 17.78 -5.67 -2.57
N TYR A 75 16.73 -5.72 -3.38
CA TYR A 75 16.57 -6.81 -4.34
C TYR A 75 17.30 -6.50 -5.65
N GLN A 76 16.95 -5.38 -6.26
CA GLN A 76 17.57 -4.97 -7.51
C GLN A 76 19.07 -5.23 -7.49
N GLN A 77 19.70 -4.92 -6.36
CA GLN A 77 21.14 -5.12 -6.21
C GLN A 77 21.51 -6.58 -6.46
N SER A 78 20.68 -7.49 -5.97
CA SER A 78 20.93 -8.92 -6.14
C SER A 78 21.34 -9.22 -7.57
N GLU A 79 22.49 -9.88 -7.71
CA GLU A 79 23.01 -10.24 -9.03
C GLU A 79 21.89 -10.80 -9.91
N ALA A 80 21.23 -11.85 -9.44
CA ALA A 80 20.14 -12.47 -10.18
C ALA A 80 19.36 -11.44 -10.98
N TYR A 81 19.21 -10.24 -10.41
CA TYR A 81 18.49 -9.16 -11.07
C TYR A 81 19.22 -8.70 -12.33
N LYS A 82 20.51 -8.47 -12.20
CA LYS A 82 21.33 -8.01 -13.33
C LYS A 82 21.42 -9.10 -14.40
N VAL A 83 21.91 -10.27 -14.00
CA VAL A 83 22.05 -11.40 -14.93
C VAL A 83 20.77 -11.62 -15.72
N CYS A 84 19.63 -11.45 -15.06
CA CYS A 84 18.33 -11.62 -15.70
C CYS A 84 17.83 -10.31 -16.29
N THR A 85 16.83 -10.38 -17.15
CA THR A 85 16.26 -9.20 -17.78
C THR A 85 17.35 -8.25 -18.23
N GLU A 86 18.47 -8.80 -18.68
CA GLU A 86 19.59 -7.99 -19.15
C GLU A 86 19.11 -6.84 -20.04
N SER A 87 19.40 -5.62 -19.63
CA SER A 87 19.00 -4.44 -20.39
C SER A 87 20.01 -3.32 -20.23
N GLY A 88 20.59 -2.89 -21.35
CA GLY A 88 21.58 -1.82 -21.31
C GLY A 88 22.47 -1.82 -22.54
N PRO A 89 22.84 -0.61 -23.01
CA PRO A 89 23.69 -0.45 -24.19
C PRO A 89 25.13 -0.89 -23.92
N SER A 90 25.45 -2.12 -24.30
CA SER A 90 26.79 -2.66 -24.09
C SER A 90 27.71 -2.24 -25.24
N SER A 91 28.98 -1.99 -24.90
CA SER A 91 29.96 -1.57 -25.89
C SER A 91 29.93 -2.49 -27.11
N GLY A 92 29.22 -2.05 -28.15
CA GLY A 92 29.12 -2.84 -29.36
C GLY A 92 27.68 -3.14 -29.74
N GLY A 1 -7.63 -8.79 -17.84
CA GLY A 1 -6.97 -7.95 -16.86
C GLY A 1 -5.48 -7.87 -17.07
N SER A 2 -4.77 -7.34 -16.08
CA SER A 2 -3.32 -7.19 -16.16
C SER A 2 -2.65 -7.77 -14.92
N SER A 3 -1.32 -7.72 -14.90
CA SER A 3 -0.56 -8.24 -13.77
C SER A 3 0.90 -7.81 -13.87
N GLY A 4 1.44 -7.30 -12.76
CA GLY A 4 2.81 -6.86 -12.74
C GLY A 4 2.96 -5.35 -12.80
N SER A 5 3.80 -4.80 -11.95
CA SER A 5 4.02 -3.35 -11.90
C SER A 5 5.50 -3.03 -11.74
N SER A 6 5.91 -1.89 -12.28
CA SER A 6 7.31 -1.46 -12.20
C SER A 6 7.72 -1.24 -10.75
N GLY A 7 9.02 -1.35 -10.49
CA GLY A 7 9.53 -1.16 -9.15
C GLY A 7 8.76 -1.96 -8.12
N PRO A 8 8.91 -1.59 -6.84
CA PRO A 8 8.23 -2.27 -5.73
C PRO A 8 6.72 -2.03 -5.73
N LYS A 9 5.99 -2.91 -5.06
CA LYS A 9 4.53 -2.78 -4.98
C LYS A 9 4.13 -1.81 -3.87
N ALA A 10 3.75 -0.61 -4.26
CA ALA A 10 3.33 0.41 -3.30
C ALA A 10 2.23 -0.12 -2.39
N PRO A 11 2.57 -0.32 -1.10
CA PRO A 11 1.61 -0.82 -0.11
C PRO A 11 0.54 0.20 0.24
N VAL A 12 -0.55 -0.26 0.81
CA VAL A 12 -1.66 0.62 1.19
C VAL A 12 -1.22 1.59 2.30
N THR A 13 -1.94 2.70 2.41
CA THR A 13 -1.63 3.71 3.41
C THR A 13 -2.43 3.48 4.68
N GLY A 14 -1.90 3.95 5.81
CA GLY A 14 -2.57 3.77 7.08
C GLY A 14 -4.08 3.85 6.95
N TYR A 15 -4.56 4.77 6.13
CA TYR A 15 -5.99 4.94 5.92
C TYR A 15 -6.60 3.69 5.29
N VAL A 16 -6.22 3.42 4.05
CA VAL A 16 -6.73 2.24 3.33
C VAL A 16 -6.51 0.97 4.14
N ARG A 17 -5.29 0.79 4.62
CA ARG A 17 -4.93 -0.39 5.41
C ARG A 17 -6.11 -0.83 6.27
N PHE A 18 -6.57 0.06 7.15
CA PHE A 18 -7.68 -0.23 8.04
C PHE A 18 -8.94 -0.59 7.23
N LEU A 19 -9.18 0.17 6.17
CA LEU A 19 -10.35 -0.06 5.33
C LEU A 19 -10.34 -1.48 4.77
N ASN A 20 -9.16 -1.95 4.36
CA ASN A 20 -9.02 -3.29 3.81
C ASN A 20 -9.26 -4.34 4.89
N GLU A 21 -8.49 -4.26 5.98
CA GLU A 21 -8.61 -5.21 7.07
C GLU A 21 -10.06 -5.34 7.51
N ARG A 22 -10.73 -4.21 7.68
CA ARG A 22 -12.13 -4.19 8.11
C ARG A 22 -13.04 -4.65 6.97
N ARG A 23 -12.75 -4.18 5.76
CA ARG A 23 -13.55 -4.53 4.60
C ARG A 23 -14.07 -5.97 4.70
N GLU A 24 -13.15 -6.91 4.91
CA GLU A 24 -13.50 -8.31 5.03
C GLU A 24 -14.60 -8.51 6.06
N GLN A 25 -14.45 -7.87 7.21
CA GLN A 25 -15.44 -7.97 8.29
C GLN A 25 -16.83 -7.64 7.78
N ILE A 26 -16.93 -6.57 7.00
CA ILE A 26 -18.20 -6.14 6.44
C ILE A 26 -18.79 -7.20 5.52
N ARG A 27 -18.07 -7.51 4.45
CA ARG A 27 -18.51 -8.51 3.48
C ARG A 27 -19.26 -9.64 4.18
N THR A 28 -18.68 -10.16 5.25
CA THR A 28 -19.29 -11.24 6.01
C THR A 28 -20.69 -10.87 6.47
N ARG A 29 -20.83 -9.65 6.99
CA ARG A 29 -22.12 -9.17 7.47
C ARG A 29 -23.01 -8.75 6.31
N HIS A 30 -22.52 -7.81 5.51
CA HIS A 30 -23.28 -7.32 4.35
C HIS A 30 -22.68 -7.83 3.05
N PRO A 31 -22.91 -9.12 2.77
CA PRO A 31 -22.40 -9.76 1.54
C PRO A 31 -23.09 -9.25 0.28
N ASP A 32 -24.06 -8.36 0.47
CA ASP A 32 -24.80 -7.79 -0.65
C ASP A 32 -24.27 -6.41 -1.01
N LEU A 33 -23.65 -5.75 -0.03
CA LEU A 33 -23.09 -4.41 -0.25
C LEU A 33 -21.91 -4.46 -1.22
N PRO A 34 -21.99 -3.67 -2.29
CA PRO A 34 -20.94 -3.60 -3.31
C PRO A 34 -19.68 -2.92 -2.79
N PHE A 35 -18.81 -2.51 -3.71
CA PHE A 35 -17.56 -1.84 -3.34
C PHE A 35 -17.83 -0.44 -2.83
N PRO A 36 -18.45 0.40 -3.67
CA PRO A 36 -18.78 1.79 -3.32
C PRO A 36 -19.87 1.87 -2.27
N GLU A 37 -20.09 0.79 -1.54
CA GLU A 37 -21.10 0.74 -0.50
C GLU A 37 -20.51 0.29 0.83
N ILE A 38 -19.44 -0.50 0.76
CA ILE A 38 -18.77 -0.99 1.95
C ILE A 38 -17.76 0.02 2.49
N THR A 39 -17.02 0.64 1.59
CA THR A 39 -16.02 1.64 1.98
C THR A 39 -16.69 2.86 2.62
N LYS A 40 -17.77 3.34 2.01
CA LYS A 40 -18.49 4.48 2.52
C LYS A 40 -18.89 4.27 3.98
N MET A 41 -19.13 3.02 4.34
CA MET A 41 -19.52 2.68 5.71
C MET A 41 -18.33 2.75 6.65
N LEU A 42 -17.20 2.21 6.22
CA LEU A 42 -15.98 2.22 7.02
C LEU A 42 -15.50 3.64 7.26
N GLY A 43 -15.48 4.44 6.20
CA GLY A 43 -15.04 5.82 6.31
C GLY A 43 -15.58 6.50 7.55
N ALA A 44 -16.90 6.44 7.75
CA ALA A 44 -17.53 7.05 8.89
C ALA A 44 -16.84 6.63 10.19
N GLU A 45 -16.44 5.36 10.26
CA GLU A 45 -15.77 4.84 11.45
C GLU A 45 -14.40 5.47 11.62
N TRP A 46 -13.65 5.55 10.52
CA TRP A 46 -12.32 6.13 10.55
C TRP A 46 -12.35 7.55 11.13
N SER A 47 -13.44 8.26 10.87
CA SER A 47 -13.59 9.62 11.35
C SER A 47 -14.08 9.63 12.80
N LYS A 48 -14.74 8.56 13.20
CA LYS A 48 -15.25 8.43 14.56
C LYS A 48 -14.32 7.57 15.42
N LEU A 49 -13.08 7.42 14.97
CA LEU A 49 -12.10 6.62 15.69
C LEU A 49 -11.53 7.41 16.87
N GLN A 50 -10.83 6.71 17.76
CA GLN A 50 -10.23 7.34 18.93
C GLN A 50 -8.87 7.95 18.58
N PRO A 51 -8.41 8.90 19.42
CA PRO A 51 -7.13 9.57 19.22
C PRO A 51 -5.94 8.64 19.46
N ALA A 52 -6.24 7.38 19.76
CA ALA A 52 -5.20 6.39 20.01
C ALA A 52 -5.17 5.33 18.91
N GLU A 53 -6.34 4.94 18.44
CA GLU A 53 -6.45 3.93 17.39
C GLU A 53 -6.10 4.53 16.03
N LYS A 54 -6.79 5.62 15.67
CA LYS A 54 -6.55 6.29 14.40
C LYS A 54 -5.06 6.57 14.19
N GLN A 55 -4.42 7.08 15.25
CA GLN A 55 -3.00 7.40 15.18
C GLN A 55 -2.16 6.13 15.01
N ARG A 56 -2.51 5.09 15.75
CA ARG A 56 -1.79 3.83 15.68
C ARG A 56 -1.75 3.31 14.24
N TYR A 57 -2.90 3.31 13.59
CA TYR A 57 -3.00 2.84 12.21
C TYR A 57 -2.01 3.57 11.32
N LEU A 58 -1.94 4.88 11.48
CA LEU A 58 -1.03 5.70 10.68
C LEU A 58 0.42 5.25 10.86
N ASP A 59 0.85 5.15 12.12
CA ASP A 59 2.21 4.71 12.42
C ASP A 59 2.49 3.33 11.84
N GLU A 60 1.58 2.39 12.09
CA GLU A 60 1.73 1.03 11.59
C GLU A 60 2.07 1.03 10.11
N ALA A 61 1.30 1.78 9.32
CA ALA A 61 1.54 1.87 7.88
C ALA A 61 2.82 2.63 7.58
N GLU A 62 3.14 3.60 8.43
CA GLU A 62 4.34 4.41 8.25
C GLU A 62 5.60 3.55 8.33
N LYS A 63 5.74 2.83 9.43
CA LYS A 63 6.90 1.96 9.63
C LYS A 63 7.06 0.99 8.44
N GLU A 64 6.04 0.16 8.23
CA GLU A 64 6.07 -0.81 7.14
C GLU A 64 6.49 -0.14 5.83
N LYS A 65 5.85 0.98 5.51
CA LYS A 65 6.15 1.71 4.28
C LYS A 65 7.63 1.61 3.95
N GLN A 66 8.47 2.10 4.84
CA GLN A 66 9.92 2.06 4.64
C GLN A 66 10.34 0.77 3.95
N GLN A 67 10.00 -0.36 4.57
CA GLN A 67 10.33 -1.67 4.02
C GLN A 67 10.18 -1.68 2.50
N TYR A 68 9.11 -1.06 2.02
CA TYR A 68 8.84 -1.00 0.59
C TYR A 68 9.68 0.08 -0.08
N LEU A 69 9.92 1.17 0.64
CA LEU A 69 10.72 2.27 0.12
C LEU A 69 12.07 1.78 -0.39
N LYS A 70 12.77 1.03 0.46
CA LYS A 70 14.08 0.49 0.10
C LYS A 70 14.00 -0.32 -1.18
N GLU A 71 12.88 -1.02 -1.36
CA GLU A 71 12.68 -1.84 -2.55
C GLU A 71 12.44 -0.97 -3.78
N LEU A 72 12.40 0.34 -3.57
CA LEU A 72 12.18 1.28 -4.66
C LEU A 72 13.50 1.90 -5.13
N TRP A 73 14.21 2.53 -4.19
CA TRP A 73 15.49 3.15 -4.50
C TRP A 73 16.64 2.17 -4.32
N ALA A 74 16.74 1.60 -3.12
CA ALA A 74 17.79 0.64 -2.81
C ALA A 74 18.00 -0.33 -3.97
N TYR A 75 16.91 -0.71 -4.63
CA TYR A 75 16.97 -1.64 -5.75
C TYR A 75 17.49 -0.95 -7.00
N GLN A 76 17.01 0.27 -7.24
CA GLN A 76 17.43 1.03 -8.40
C GLN A 76 18.91 1.41 -8.31
N GLN A 77 19.47 1.27 -7.12
CA GLN A 77 20.88 1.59 -6.89
C GLN A 77 21.75 0.35 -7.04
N SER A 78 21.11 -0.80 -7.26
CA SER A 78 21.83 -2.06 -7.42
C SER A 78 22.28 -2.25 -8.86
N GLU A 79 23.51 -2.69 -9.04
CA GLU A 79 24.07 -2.92 -10.37
C GLU A 79 23.10 -3.75 -11.22
N ALA A 80 22.64 -4.86 -10.66
CA ALA A 80 21.71 -5.74 -11.36
C ALA A 80 20.71 -4.94 -12.19
N TYR A 81 20.29 -3.79 -11.65
CA TYR A 81 19.32 -2.94 -12.33
C TYR A 81 19.90 -2.43 -13.65
N LYS A 82 21.15 -1.98 -13.63
CA LYS A 82 21.81 -1.47 -14.82
C LYS A 82 22.11 -2.60 -15.80
N VAL A 83 22.91 -3.57 -15.34
CA VAL A 83 23.28 -4.71 -16.18
C VAL A 83 22.05 -5.34 -16.82
N CYS A 84 21.98 -5.26 -18.14
CA CYS A 84 20.86 -5.82 -18.88
C CYS A 84 21.25 -6.12 -20.33
N THR A 85 20.38 -6.82 -21.04
CA THR A 85 20.64 -7.17 -22.44
C THR A 85 19.92 -6.21 -23.39
N GLU A 86 20.69 -5.42 -24.11
CA GLU A 86 20.13 -4.47 -25.06
C GLU A 86 20.33 -4.94 -26.49
N SER A 87 19.24 -5.43 -27.09
CA SER A 87 19.29 -5.92 -28.47
C SER A 87 17.92 -5.84 -29.12
N GLY A 88 17.89 -6.00 -30.44
CA GLY A 88 16.64 -5.94 -31.17
C GLY A 88 16.22 -7.30 -31.72
N PRO A 89 15.58 -8.12 -30.88
CA PRO A 89 15.12 -9.46 -31.28
C PRO A 89 13.97 -9.41 -32.27
N SER A 90 13.11 -8.39 -32.12
CA SER A 90 11.97 -8.23 -33.00
C SER A 90 12.31 -8.64 -34.43
N SER A 91 11.53 -9.55 -34.99
CA SER A 91 11.75 -10.02 -36.34
C SER A 91 11.30 -8.98 -37.36
N GLY A 92 12.22 -8.55 -38.21
CA GLY A 92 11.90 -7.56 -39.22
C GLY A 92 12.32 -6.16 -38.82
N GLY A 1 -4.57 -11.65 -11.41
CA GLY A 1 -4.51 -10.20 -11.48
C GLY A 1 -3.15 -9.66 -11.07
N SER A 2 -2.85 -8.44 -11.48
CA SER A 2 -1.57 -7.81 -11.17
C SER A 2 -1.72 -6.30 -11.09
N SER A 3 -1.53 -5.75 -9.88
CA SER A 3 -1.65 -4.31 -9.67
C SER A 3 -0.99 -3.53 -10.81
N GLY A 4 0.29 -3.79 -11.02
CA GLY A 4 1.01 -3.10 -12.08
C GLY A 4 1.45 -1.71 -11.68
N SER A 5 2.62 -1.60 -11.06
CA SER A 5 3.16 -0.32 -10.62
C SER A 5 4.68 -0.32 -10.64
N SER A 6 5.26 0.57 -11.43
CA SER A 6 6.71 0.68 -11.53
C SER A 6 7.34 1.00 -10.18
N GLY A 7 8.65 0.84 -10.09
CA GLY A 7 9.35 1.14 -8.85
C GLY A 7 8.75 0.40 -7.66
N PRO A 8 8.99 0.93 -6.46
CA PRO A 8 8.48 0.33 -5.23
C PRO A 8 6.97 0.46 -5.09
N LYS A 9 6.31 -0.64 -4.79
CA LYS A 9 4.85 -0.65 -4.64
C LYS A 9 4.44 0.18 -3.43
N ALA A 10 3.81 1.32 -3.69
CA ALA A 10 3.36 2.21 -2.62
C ALA A 10 2.45 1.47 -1.64
N PRO A 11 2.91 1.33 -0.39
CA PRO A 11 2.16 0.65 0.66
C PRO A 11 0.93 1.43 1.09
N VAL A 12 -0.15 0.72 1.37
CA VAL A 12 -1.40 1.35 1.80
C VAL A 12 -1.18 2.18 3.06
N THR A 13 -1.67 3.41 3.03
CA THR A 13 -1.52 4.32 4.17
C THR A 13 -2.45 3.91 5.31
N GLY A 14 -2.13 4.37 6.51
CA GLY A 14 -2.95 4.04 7.68
C GLY A 14 -4.42 4.12 7.39
N TYR A 15 -4.82 5.11 6.58
CA TYR A 15 -6.22 5.29 6.22
C TYR A 15 -6.77 4.07 5.49
N VAL A 16 -6.20 3.78 4.33
CA VAL A 16 -6.63 2.64 3.53
C VAL A 16 -6.43 1.33 4.28
N ARG A 17 -5.22 1.13 4.79
CA ARG A 17 -4.89 -0.08 5.54
C ARG A 17 -6.06 -0.51 6.41
N PHE A 18 -6.66 0.46 7.11
CA PHE A 18 -7.79 0.18 7.98
C PHE A 18 -9.04 -0.16 7.17
N LEU A 19 -9.20 0.50 6.03
CA LEU A 19 -10.34 0.27 5.17
C LEU A 19 -10.26 -1.11 4.51
N ASN A 20 -9.04 -1.59 4.30
CA ASN A 20 -8.83 -2.90 3.70
C ASN A 20 -9.16 -4.02 4.68
N GLU A 21 -8.79 -3.82 5.93
CA GLU A 21 -9.05 -4.82 6.96
C GLU A 21 -10.53 -4.86 7.33
N ARG A 22 -11.09 -3.69 7.62
CA ARG A 22 -12.50 -3.58 7.98
C ARG A 22 -13.39 -4.05 6.83
N ARG A 23 -13.08 -3.60 5.62
CA ARG A 23 -13.85 -3.98 4.45
C ARG A 23 -14.25 -5.45 4.50
N GLU A 24 -13.43 -6.27 5.14
CA GLU A 24 -13.70 -7.69 5.26
C GLU A 24 -14.75 -7.95 6.33
N GLN A 25 -14.66 -7.21 7.44
CA GLN A 25 -15.60 -7.36 8.53
C GLN A 25 -17.04 -7.13 8.07
N ILE A 26 -17.21 -6.17 7.16
CA ILE A 26 -18.52 -5.85 6.62
C ILE A 26 -19.03 -6.97 5.72
N ARG A 27 -18.29 -7.24 4.65
CA ARG A 27 -18.68 -8.29 3.70
C ARG A 27 -19.35 -9.45 4.43
N THR A 28 -18.78 -9.84 5.56
CA THR A 28 -19.34 -10.94 6.34
C THR A 28 -20.78 -10.68 6.74
N ARG A 29 -21.03 -9.48 7.28
CA ARG A 29 -22.37 -9.09 7.70
C ARG A 29 -23.23 -8.75 6.49
N HIS A 30 -22.74 -7.84 5.65
CA HIS A 30 -23.47 -7.42 4.46
C HIS A 30 -22.83 -7.98 3.20
N PRO A 31 -23.06 -9.29 2.95
CA PRO A 31 -22.53 -9.97 1.78
C PRO A 31 -23.17 -9.50 0.48
N ASP A 32 -24.12 -8.59 0.59
CA ASP A 32 -24.80 -8.05 -0.58
C ASP A 32 -24.24 -6.68 -0.96
N LEU A 33 -23.62 -6.01 0.00
CA LEU A 33 -23.04 -4.70 -0.24
C LEU A 33 -21.82 -4.80 -1.16
N PRO A 34 -21.85 -4.04 -2.27
CA PRO A 34 -20.75 -4.03 -3.24
C PRO A 34 -19.50 -3.36 -2.70
N PHE A 35 -18.59 -2.99 -3.59
CA PHE A 35 -17.34 -2.35 -3.20
C PHE A 35 -17.59 -0.91 -2.75
N PRO A 36 -18.17 -0.10 -3.66
CA PRO A 36 -18.48 1.31 -3.37
C PRO A 36 -19.61 1.46 -2.37
N GLU A 37 -19.88 0.41 -1.62
CA GLU A 37 -20.94 0.43 -0.62
C GLU A 37 -20.40 0.02 0.75
N ILE A 38 -19.30 -0.71 0.75
CA ILE A 38 -18.69 -1.16 2.01
C ILE A 38 -17.65 -0.16 2.50
N THR A 39 -16.80 0.30 1.59
CA THR A 39 -15.76 1.26 1.93
C THR A 39 -16.37 2.57 2.42
N LYS A 40 -17.42 3.01 1.75
CA LYS A 40 -18.10 4.25 2.12
C LYS A 40 -18.52 4.23 3.58
N MET A 41 -19.03 3.09 4.03
CA MET A 41 -19.48 2.94 5.41
C MET A 41 -18.29 3.03 6.37
N LEU A 42 -17.19 2.39 6.01
CA LEU A 42 -15.99 2.40 6.83
C LEU A 42 -15.45 3.82 7.00
N GLY A 43 -15.52 4.60 5.93
CA GLY A 43 -15.04 5.97 5.98
C GLY A 43 -15.58 6.74 7.17
N ALA A 44 -16.86 6.52 7.48
CA ALA A 44 -17.50 7.19 8.60
C ALA A 44 -16.90 6.73 9.93
N GLU A 45 -16.46 5.48 9.97
CA GLU A 45 -15.87 4.91 11.18
C GLU A 45 -14.50 5.52 11.45
N TRP A 46 -13.70 5.65 10.39
CA TRP A 46 -12.36 6.21 10.52
C TRP A 46 -12.39 7.50 11.34
N SER A 47 -13.39 8.33 11.10
CA SER A 47 -13.53 9.60 11.82
C SER A 47 -14.00 9.36 13.25
N LYS A 48 -14.67 8.23 13.47
CA LYS A 48 -15.18 7.87 14.78
C LYS A 48 -14.14 7.10 15.58
N LEU A 49 -13.09 6.64 14.89
CA LEU A 49 -12.03 5.88 15.53
C LEU A 49 -11.54 6.59 16.79
N GLN A 50 -10.85 5.84 17.65
CA GLN A 50 -10.32 6.40 18.89
C GLN A 50 -9.04 7.18 18.63
N PRO A 51 -8.70 8.08 19.57
CA PRO A 51 -7.50 8.91 19.47
C PRO A 51 -6.22 8.10 19.63
N ALA A 52 -6.36 6.79 19.80
CA ALA A 52 -5.22 5.91 19.97
C ALA A 52 -5.10 4.93 18.79
N GLU A 53 -6.24 4.50 18.27
CA GLU A 53 -6.26 3.57 17.15
C GLU A 53 -5.98 4.30 15.83
N LYS A 54 -6.70 5.39 15.60
CA LYS A 54 -6.55 6.18 14.38
C LYS A 54 -5.08 6.59 14.21
N GLN A 55 -4.43 6.94 15.31
CA GLN A 55 -3.04 7.36 15.28
C GLN A 55 -2.12 6.18 14.99
N ARG A 56 -2.34 5.08 15.70
CA ARG A 56 -1.52 3.88 15.52
C ARG A 56 -1.51 3.45 14.05
N TYR A 57 -2.69 3.40 13.44
CA TYR A 57 -2.81 3.00 12.05
C TYR A 57 -1.81 3.76 11.18
N LEU A 58 -1.66 5.06 11.44
CA LEU A 58 -0.74 5.88 10.68
C LEU A 58 0.69 5.36 10.79
N ASP A 59 1.19 5.27 12.03
CA ASP A 59 2.54 4.78 12.26
C ASP A 59 2.75 3.42 11.61
N GLU A 60 1.79 2.51 11.81
CA GLU A 60 1.88 1.18 11.23
C GLU A 60 2.30 1.24 9.77
N ALA A 61 1.61 2.08 9.00
CA ALA A 61 1.91 2.22 7.58
C ALA A 61 3.29 2.84 7.38
N GLU A 62 3.60 3.88 8.15
CA GLU A 62 4.89 4.55 8.06
C GLU A 62 6.03 3.55 8.02
N LYS A 63 6.12 2.73 9.07
CA LYS A 63 7.16 1.72 9.17
C LYS A 63 7.41 1.05 7.82
N GLU A 64 6.35 0.52 7.23
CA GLU A 64 6.45 -0.15 5.93
C GLU A 64 6.90 0.84 4.85
N LYS A 65 6.30 2.03 4.86
CA LYS A 65 6.64 3.06 3.89
C LYS A 65 8.14 3.09 3.63
N GLN A 66 8.92 3.01 4.70
CA GLN A 66 10.37 3.04 4.59
C GLN A 66 10.87 2.02 3.56
N GLN A 67 10.36 0.79 3.66
CA GLN A 67 10.75 -0.26 2.73
C GLN A 67 10.55 0.18 1.29
N TYR A 68 9.47 0.93 1.04
CA TYR A 68 9.17 1.41 -0.30
C TYR A 68 10.11 2.54 -0.69
N LEU A 69 10.38 3.44 0.25
CA LEU A 69 11.27 4.57 0.00
C LEU A 69 12.62 4.09 -0.53
N LYS A 70 13.38 3.42 0.33
CA LYS A 70 14.70 2.91 -0.05
C LYS A 70 14.68 2.38 -1.48
N GLU A 71 13.75 1.46 -1.75
CA GLU A 71 13.63 0.86 -3.07
C GLU A 71 13.55 1.94 -4.14
N LEU A 72 12.60 2.86 -3.98
CA LEU A 72 12.42 3.95 -4.94
C LEU A 72 13.75 4.35 -5.57
N TRP A 73 14.66 4.88 -4.75
CA TRP A 73 15.97 5.29 -5.23
C TRP A 73 16.94 4.12 -5.28
N ALA A 74 17.10 3.44 -4.15
CA ALA A 74 17.99 2.29 -4.06
C ALA A 74 18.00 1.52 -5.38
N TYR A 75 16.86 1.44 -6.03
CA TYR A 75 16.73 0.73 -7.30
C TYR A 75 17.13 1.62 -8.46
N GLN A 76 16.60 2.84 -8.49
CA GLN A 76 16.91 3.79 -9.55
C GLN A 76 18.38 3.71 -9.94
N GLN A 77 19.25 3.54 -8.95
CA GLN A 77 20.68 3.45 -9.20
C GLN A 77 21.14 2.00 -9.23
N SER A 78 20.74 1.28 -10.27
CA SER A 78 21.10 -0.12 -10.42
C SER A 78 21.28 -0.49 -11.90
N GLU A 79 22.23 -1.37 -12.17
CA GLU A 79 22.50 -1.80 -13.54
C GLU A 79 21.21 -2.10 -14.29
N ALA A 80 20.29 -2.79 -13.61
CA ALA A 80 19.00 -3.13 -14.20
C ALA A 80 18.31 -1.90 -14.77
N TYR A 81 18.24 -0.85 -13.98
CA TYR A 81 17.60 0.39 -14.40
C TYR A 81 18.04 0.78 -15.81
N LYS A 82 19.32 0.56 -16.11
CA LYS A 82 19.87 0.88 -17.42
C LYS A 82 19.62 -0.26 -18.40
N VAL A 83 20.22 -1.42 -18.12
CA VAL A 83 20.06 -2.59 -18.98
C VAL A 83 19.90 -2.17 -20.45
N CYS A 84 20.68 -1.19 -20.87
CA CYS A 84 20.62 -0.70 -22.24
C CYS A 84 22.03 -0.38 -22.76
N THR A 85 22.11 -0.06 -24.04
CA THR A 85 23.39 0.26 -24.66
C THR A 85 23.48 1.76 -24.99
N GLU A 86 23.91 2.54 -24.01
CA GLU A 86 24.04 3.98 -24.20
C GLU A 86 25.50 4.43 -24.02
N SER A 87 25.79 5.66 -24.43
CA SER A 87 27.14 6.20 -24.31
C SER A 87 27.17 7.37 -23.34
N GLY A 88 28.35 7.64 -22.78
CA GLY A 88 28.49 8.74 -21.84
C GLY A 88 29.90 8.83 -21.28
N PRO A 89 30.24 7.90 -20.38
CA PRO A 89 31.56 7.86 -19.75
C PRO A 89 32.66 7.47 -20.73
N SER A 90 33.88 7.94 -20.45
CA SER A 90 35.02 7.63 -21.31
C SER A 90 36.29 7.50 -20.49
N SER A 91 37.31 6.88 -21.08
CA SER A 91 38.59 6.69 -20.41
C SER A 91 39.11 8.00 -19.84
N GLY A 92 39.47 8.00 -18.56
CA GLY A 92 39.98 9.20 -17.92
C GLY A 92 41.23 9.73 -18.60
N GLY A 1 -6.88 -6.19 -14.67
CA GLY A 1 -5.48 -5.88 -14.90
C GLY A 1 -4.54 -6.96 -14.39
N SER A 2 -3.26 -6.81 -14.68
CA SER A 2 -2.26 -7.79 -14.25
C SER A 2 -1.23 -7.14 -13.33
N SER A 3 -0.91 -7.84 -12.23
CA SER A 3 0.05 -7.33 -11.26
C SER A 3 1.48 -7.47 -11.80
N GLY A 4 2.45 -6.97 -11.03
CA GLY A 4 3.83 -7.05 -11.45
C GLY A 4 4.69 -7.82 -10.46
N SER A 5 5.82 -8.33 -10.93
CA SER A 5 6.72 -9.10 -10.09
C SER A 5 7.97 -8.29 -9.76
N SER A 6 8.59 -7.70 -10.78
CA SER A 6 9.79 -6.90 -10.59
C SER A 6 9.48 -5.63 -9.81
N GLY A 7 10.34 -5.31 -8.84
CA GLY A 7 10.13 -4.12 -8.03
C GLY A 7 9.35 -4.40 -6.76
N PRO A 8 9.53 -3.54 -5.76
CA PRO A 8 8.85 -3.68 -4.46
C PRO A 8 7.35 -3.40 -4.56
N LYS A 9 6.57 -4.16 -3.82
CA LYS A 9 5.12 -4.00 -3.83
C LYS A 9 4.69 -2.86 -2.89
N ALA A 10 4.17 -1.79 -3.47
CA ALA A 10 3.73 -0.63 -2.70
C ALA A 10 2.76 -1.06 -1.60
N PRO A 11 3.12 -0.76 -0.34
CA PRO A 11 2.29 -1.11 0.82
C PRO A 11 1.03 -0.27 0.90
N VAL A 12 0.35 -0.33 2.04
CA VAL A 12 -0.88 0.43 2.23
C VAL A 12 -0.70 1.51 3.31
N THR A 13 -1.52 2.55 3.23
CA THR A 13 -1.45 3.64 4.19
C THR A 13 -2.38 3.41 5.36
N GLY A 14 -2.00 3.92 6.53
CA GLY A 14 -2.82 3.75 7.72
C GLY A 14 -4.30 3.82 7.42
N TYR A 15 -4.68 4.70 6.50
CA TYR A 15 -6.07 4.87 6.13
C TYR A 15 -6.61 3.62 5.45
N VAL A 16 -5.88 3.15 4.44
CA VAL A 16 -6.28 1.96 3.70
C VAL A 16 -6.14 0.71 4.56
N ARG A 17 -4.93 0.46 5.05
CA ARG A 17 -4.67 -0.70 5.88
C ARG A 17 -5.85 -1.01 6.78
N PHE A 18 -6.37 0.02 7.46
CA PHE A 18 -7.50 -0.14 8.36
C PHE A 18 -8.78 -0.44 7.56
N LEU A 19 -8.96 0.28 6.46
CA LEU A 19 -10.14 0.09 5.62
C LEU A 19 -10.28 -1.36 5.20
N ASN A 20 -9.17 -1.98 4.82
CA ASN A 20 -9.17 -3.37 4.39
C ASN A 20 -9.58 -4.30 5.54
N GLU A 21 -8.80 -4.28 6.61
CA GLU A 21 -9.08 -5.10 7.78
C GLU A 21 -10.58 -5.14 8.07
N ARG A 22 -11.19 -3.97 8.15
CA ARG A 22 -12.61 -3.85 8.42
C ARG A 22 -13.43 -4.33 7.23
N ARG A 23 -13.05 -3.88 6.03
CA ARG A 23 -13.76 -4.26 4.81
C ARG A 23 -14.22 -5.71 4.89
N GLU A 24 -13.32 -6.60 5.29
CA GLU A 24 -13.64 -8.02 5.40
C GLU A 24 -14.82 -8.24 6.35
N GLN A 25 -14.75 -7.63 7.52
CA GLN A 25 -15.81 -7.76 8.51
C GLN A 25 -17.17 -7.44 7.91
N ILE A 26 -17.20 -6.41 7.06
CA ILE A 26 -18.44 -6.00 6.41
C ILE A 26 -18.90 -7.04 5.40
N ARG A 27 -18.03 -7.40 4.47
CA ARG A 27 -18.35 -8.39 3.45
C ARG A 27 -19.10 -9.57 4.07
N THR A 28 -18.70 -9.96 5.28
CA THR A 28 -19.32 -11.07 5.97
C THR A 28 -20.77 -10.76 6.34
N ARG A 29 -20.99 -9.56 6.86
CA ARG A 29 -22.32 -9.13 7.26
C ARG A 29 -23.19 -8.85 6.04
N HIS A 30 -22.70 -7.98 5.16
CA HIS A 30 -23.43 -7.62 3.95
C HIS A 30 -22.64 -8.00 2.70
N PRO A 31 -22.72 -9.29 2.32
CA PRO A 31 -22.01 -9.82 1.15
C PRO A 31 -22.59 -9.28 -0.16
N ASP A 32 -23.64 -8.47 -0.05
CA ASP A 32 -24.28 -7.89 -1.23
C ASP A 32 -23.80 -6.47 -1.46
N LEU A 33 -23.48 -5.77 -0.38
CA LEU A 33 -23.00 -4.39 -0.48
C LEU A 33 -21.83 -4.29 -1.44
N PRO A 34 -22.02 -3.50 -2.52
CA PRO A 34 -20.99 -3.29 -3.54
C PRO A 34 -19.82 -2.46 -3.01
N PHE A 35 -18.70 -2.50 -3.74
CA PHE A 35 -17.51 -1.76 -3.35
C PHE A 35 -17.88 -0.36 -2.86
N PRO A 36 -18.56 0.41 -3.73
CA PRO A 36 -18.98 1.78 -3.42
C PRO A 36 -20.09 1.81 -2.38
N GLU A 37 -20.24 0.72 -1.64
CA GLU A 37 -21.26 0.63 -0.61
C GLU A 37 -20.68 0.13 0.71
N ILE A 38 -19.59 -0.61 0.62
CA ILE A 38 -18.92 -1.15 1.80
C ILE A 38 -17.96 -0.12 2.40
N THR A 39 -17.35 0.69 1.54
CA THR A 39 -16.41 1.71 1.98
C THR A 39 -17.13 2.86 2.67
N LYS A 40 -18.22 3.32 2.06
CA LYS A 40 -19.00 4.42 2.61
C LYS A 40 -19.32 4.17 4.09
N MET A 41 -19.39 2.89 4.47
CA MET A 41 -19.68 2.53 5.85
C MET A 41 -18.42 2.58 6.70
N LEU A 42 -17.33 2.05 6.17
CA LEU A 42 -16.06 2.04 6.89
C LEU A 42 -15.57 3.46 7.15
N GLY A 43 -15.63 4.30 6.12
CA GLY A 43 -15.17 5.67 6.26
C GLY A 43 -15.67 6.32 7.54
N ALA A 44 -16.96 6.20 7.81
CA ALA A 44 -17.55 6.76 9.02
C ALA A 44 -16.78 6.33 10.26
N GLU A 45 -16.36 5.07 10.27
CA GLU A 45 -15.61 4.53 11.41
C GLU A 45 -14.27 5.25 11.58
N TRP A 46 -13.59 5.47 10.46
CA TRP A 46 -12.29 6.15 10.49
C TRP A 46 -12.41 7.52 11.15
N SER A 47 -13.55 8.18 10.95
CA SER A 47 -13.78 9.50 11.53
C SER A 47 -14.14 9.38 13.00
N LYS A 48 -14.83 8.29 13.36
CA LYS A 48 -15.23 8.06 14.74
C LYS A 48 -14.20 7.20 15.47
N LEU A 49 -12.98 7.18 14.95
CA LEU A 49 -11.90 6.40 15.57
C LEU A 49 -11.31 7.15 16.76
N GLN A 50 -10.75 6.40 17.70
CA GLN A 50 -10.14 6.99 18.89
C GLN A 50 -8.87 7.75 18.53
N PRO A 51 -8.51 8.74 19.36
CA PRO A 51 -7.32 9.56 19.15
C PRO A 51 -6.03 8.77 19.37
N ALA A 52 -6.17 7.48 19.63
CA ALA A 52 -5.01 6.61 19.85
C ALA A 52 -4.88 5.58 18.74
N GLU A 53 -6.02 5.13 18.22
CA GLU A 53 -6.03 4.13 17.16
C GLU A 53 -5.78 4.77 15.80
N LYS A 54 -6.59 5.78 15.48
CA LYS A 54 -6.45 6.49 14.21
C LYS A 54 -5.01 6.89 13.95
N GLN A 55 -4.26 7.11 15.03
CA GLN A 55 -2.85 7.49 14.93
C GLN A 55 -1.96 6.26 14.78
N ARG A 56 -2.19 5.27 15.63
CA ARG A 56 -1.40 4.04 15.59
C ARG A 56 -1.44 3.41 14.20
N TYR A 57 -2.56 3.59 13.50
CA TYR A 57 -2.73 3.05 12.16
C TYR A 57 -1.76 3.71 11.18
N LEU A 58 -1.69 5.04 11.23
CA LEU A 58 -0.82 5.79 10.34
C LEU A 58 0.62 5.30 10.46
N ASP A 59 1.11 5.18 11.69
CA ASP A 59 2.47 4.71 11.94
C ASP A 59 2.69 3.32 11.36
N GLU A 60 1.89 2.36 11.82
CA GLU A 60 1.99 0.98 11.35
C GLU A 60 2.34 0.95 9.86
N ALA A 61 1.61 1.74 9.07
CA ALA A 61 1.84 1.80 7.64
C ALA A 61 3.22 2.37 7.32
N GLU A 62 3.59 3.43 8.01
CA GLU A 62 4.88 4.07 7.81
C GLU A 62 6.01 3.05 7.88
N LYS A 63 6.09 2.35 9.01
CA LYS A 63 7.13 1.34 9.20
C LYS A 63 7.37 0.55 7.92
N GLU A 64 6.29 0.04 7.34
CA GLU A 64 6.39 -0.73 6.11
C GLU A 64 7.04 0.09 4.99
N LYS A 65 6.56 1.32 4.83
CA LYS A 65 7.08 2.22 3.80
C LYS A 65 8.61 2.16 3.76
N GLN A 66 9.24 2.34 4.91
CA GLN A 66 10.70 2.30 5.00
C GLN A 66 11.24 1.00 4.43
N GLN A 67 10.47 -0.08 4.58
CA GLN A 67 10.89 -1.39 4.08
C GLN A 67 10.72 -1.46 2.57
N TYR A 68 9.57 -1.02 2.08
CA TYR A 68 9.28 -1.04 0.65
C TYR A 68 10.20 -0.08 -0.10
N LEU A 69 10.75 0.89 0.62
CA LEU A 69 11.65 1.87 0.02
C LEU A 69 12.98 1.25 -0.35
N LYS A 70 13.62 0.62 0.63
CA LYS A 70 14.92 -0.03 0.41
C LYS A 70 14.79 -1.14 -0.63
N GLU A 71 13.58 -1.66 -0.80
CA GLU A 71 13.33 -2.72 -1.76
C GLU A 71 13.14 -2.16 -3.17
N LEU A 72 13.25 -0.84 -3.28
CA LEU A 72 13.09 -0.17 -4.57
C LEU A 72 14.44 0.21 -5.16
N TRP A 73 15.32 0.75 -4.31
CA TRP A 73 16.66 1.15 -4.75
C TRP A 73 17.70 0.10 -4.36
N ALA A 74 17.78 -0.21 -3.07
CA ALA A 74 18.72 -1.20 -2.57
C ALA A 74 18.76 -2.42 -3.48
N TYR A 75 17.68 -2.64 -4.21
CA TYR A 75 17.59 -3.78 -5.12
C TYR A 75 18.07 -3.41 -6.51
N GLN A 76 17.56 -2.31 -7.04
CA GLN A 76 17.94 -1.84 -8.36
C GLN A 76 19.46 -1.69 -8.48
N GLN A 77 20.05 -0.96 -7.54
CA GLN A 77 21.49 -0.74 -7.54
C GLN A 77 22.20 -1.85 -6.76
N SER A 78 22.19 -3.05 -7.32
CA SER A 78 22.84 -4.20 -6.67
C SER A 78 23.44 -5.14 -7.71
N GLU A 79 24.44 -5.90 -7.29
CA GLU A 79 25.11 -6.85 -8.18
C GLU A 79 24.09 -7.72 -8.91
N ALA A 80 23.04 -8.11 -8.19
CA ALA A 80 22.00 -8.95 -8.76
C ALA A 80 21.32 -8.26 -9.94
N TYR A 81 21.09 -6.96 -9.81
CA TYR A 81 20.45 -6.18 -10.86
C TYR A 81 21.28 -6.22 -12.15
N LYS A 82 22.58 -6.07 -12.00
CA LYS A 82 23.49 -6.10 -13.15
C LYS A 82 23.66 -7.51 -13.69
N VAL A 83 24.13 -8.41 -12.83
CA VAL A 83 24.33 -9.80 -13.21
C VAL A 83 23.06 -10.39 -13.82
N CYS A 84 23.16 -10.80 -15.08
CA CYS A 84 22.02 -11.39 -15.78
C CYS A 84 22.46 -12.03 -17.10
N THR A 85 21.54 -12.76 -17.73
CA THR A 85 21.84 -13.42 -18.99
C THR A 85 21.50 -12.53 -20.17
N GLU A 86 22.46 -12.38 -21.08
CA GLU A 86 22.27 -11.56 -22.27
C GLU A 86 23.46 -11.69 -23.22
N SER A 87 23.28 -11.19 -24.44
CA SER A 87 24.33 -11.24 -25.45
C SER A 87 25.64 -10.67 -24.92
N GLY A 88 26.71 -11.45 -25.03
CA GLY A 88 28.00 -11.00 -24.54
C GLY A 88 28.63 -9.96 -25.44
N PRO A 89 29.38 -9.01 -24.84
CA PRO A 89 30.03 -7.93 -25.57
C PRO A 89 31.19 -8.44 -26.44
N SER A 90 32.00 -7.52 -26.93
CA SER A 90 33.14 -7.87 -27.77
C SER A 90 34.18 -8.65 -26.98
N SER A 91 34.42 -8.21 -25.75
CA SER A 91 35.40 -8.87 -24.88
C SER A 91 34.74 -9.96 -24.05
N GLY A 92 33.83 -9.55 -23.16
CA GLY A 92 33.15 -10.52 -22.31
C GLY A 92 32.46 -11.61 -23.12
N GLY A 1 1.88 -12.59 -6.10
CA GLY A 1 0.63 -12.68 -6.85
C GLY A 1 0.45 -11.53 -7.82
N SER A 2 1.21 -11.57 -8.90
CA SER A 2 1.15 -10.51 -9.92
C SER A 2 1.86 -10.95 -11.20
N SER A 3 1.18 -10.76 -12.32
CA SER A 3 1.74 -11.13 -13.62
C SER A 3 3.03 -10.36 -13.90
N GLY A 4 2.95 -9.04 -13.81
CA GLY A 4 4.11 -8.21 -14.06
C GLY A 4 4.66 -7.60 -12.79
N SER A 5 5.98 -7.68 -12.61
CA SER A 5 6.63 -7.14 -11.43
C SER A 5 7.46 -5.91 -11.78
N SER A 6 6.85 -4.74 -11.68
CA SER A 6 7.52 -3.49 -11.99
C SER A 6 7.76 -2.67 -10.73
N GLY A 7 9.02 -2.60 -10.30
CA GLY A 7 9.36 -1.85 -9.11
C GLY A 7 8.63 -2.35 -7.87
N PRO A 8 8.82 -1.64 -6.75
CA PRO A 8 8.17 -2.00 -5.48
C PRO A 8 6.67 -1.77 -5.50
N LYS A 9 5.95 -2.48 -4.63
CA LYS A 9 4.50 -2.35 -4.55
C LYS A 9 4.10 -1.37 -3.46
N ALA A 10 3.56 -0.22 -3.86
CA ALA A 10 3.14 0.80 -2.91
C ALA A 10 2.25 0.20 -1.82
N PRO A 11 2.77 0.19 -0.58
CA PRO A 11 2.05 -0.35 0.58
C PRO A 11 0.86 0.52 0.98
N VAL A 12 -0.28 -0.13 1.24
CA VAL A 12 -1.48 0.59 1.63
C VAL A 12 -1.18 1.62 2.71
N THR A 13 -1.95 2.71 2.71
CA THR A 13 -1.77 3.77 3.68
C THR A 13 -2.58 3.52 4.94
N GLY A 14 -2.04 3.95 6.08
CA GLY A 14 -2.74 3.75 7.34
C GLY A 14 -4.24 3.87 7.21
N TYR A 15 -4.69 4.75 6.32
CA TYR A 15 -6.11 4.97 6.10
C TYR A 15 -6.73 3.77 5.37
N VAL A 16 -6.08 3.33 4.30
CA VAL A 16 -6.56 2.21 3.52
C VAL A 16 -6.44 0.90 4.31
N ARG A 17 -5.25 0.65 4.84
CA ARG A 17 -5.00 -0.56 5.62
C ARG A 17 -6.19 -0.88 6.52
N PHE A 18 -6.60 0.10 7.30
CA PHE A 18 -7.74 -0.07 8.21
C PHE A 18 -9.01 -0.41 7.45
N LEU A 19 -9.16 0.21 6.28
CA LEU A 19 -10.34 -0.03 5.45
C LEU A 19 -10.36 -1.46 4.93
N ASN A 20 -9.20 -1.94 4.48
CA ASN A 20 -9.09 -3.29 3.96
C ASN A 20 -9.38 -4.32 5.05
N GLU A 21 -8.68 -4.21 6.17
CA GLU A 21 -8.86 -5.13 7.28
C GLU A 21 -10.32 -5.16 7.72
N ARG A 22 -10.89 -3.98 7.96
CA ARG A 22 -12.27 -3.88 8.40
C ARG A 22 -13.22 -4.38 7.31
N ARG A 23 -12.96 -3.99 6.07
CA ARG A 23 -13.79 -4.40 4.95
C ARG A 23 -14.29 -5.84 5.14
N GLU A 24 -13.36 -6.75 5.36
CA GLU A 24 -13.71 -8.16 5.56
C GLU A 24 -14.88 -8.29 6.52
N GLN A 25 -14.74 -7.71 7.70
CA GLN A 25 -15.79 -7.76 8.71
C GLN A 25 -17.16 -7.44 8.10
N ILE A 26 -17.19 -6.43 7.24
CA ILE A 26 -18.43 -6.03 6.59
C ILE A 26 -18.93 -7.10 5.63
N ARG A 27 -18.06 -7.51 4.71
CA ARG A 27 -18.41 -8.53 3.73
C ARG A 27 -19.18 -9.67 4.39
N THR A 28 -18.81 -10.00 5.63
CA THR A 28 -19.45 -11.07 6.37
C THR A 28 -20.89 -10.71 6.70
N ARG A 29 -21.13 -9.44 7.01
CA ARG A 29 -22.46 -8.97 7.36
C ARG A 29 -23.28 -8.71 6.10
N HIS A 30 -22.77 -7.88 5.21
CA HIS A 30 -23.45 -7.54 3.97
C HIS A 30 -22.60 -7.93 2.76
N PRO A 31 -22.63 -9.23 2.40
CA PRO A 31 -21.87 -9.76 1.26
C PRO A 31 -22.42 -9.27 -0.07
N ASP A 32 -23.49 -8.48 -0.01
CA ASP A 32 -24.11 -7.95 -1.22
C ASP A 32 -23.70 -6.50 -1.47
N LEU A 33 -23.15 -5.87 -0.43
CA LEU A 33 -22.71 -4.49 -0.52
C LEU A 33 -21.48 -4.36 -1.42
N PRO A 34 -21.62 -3.59 -2.51
CA PRO A 34 -20.53 -3.37 -3.46
C PRO A 34 -19.41 -2.51 -2.88
N PHE A 35 -18.26 -2.53 -3.54
CA PHE A 35 -17.11 -1.76 -3.09
C PHE A 35 -17.54 -0.37 -2.64
N PRO A 36 -18.17 0.38 -3.56
CA PRO A 36 -18.64 1.75 -3.28
C PRO A 36 -19.82 1.76 -2.31
N GLU A 37 -19.99 0.67 -1.57
CA GLU A 37 -21.08 0.56 -0.61
C GLU A 37 -20.55 0.09 0.74
N ILE A 38 -19.40 -0.55 0.74
CA ILE A 38 -18.80 -1.06 1.97
C ILE A 38 -17.83 -0.04 2.56
N THR A 39 -17.11 0.67 1.70
CA THR A 39 -16.15 1.67 2.14
C THR A 39 -16.86 2.88 2.74
N LYS A 40 -17.93 3.31 2.08
CA LYS A 40 -18.70 4.46 2.56
C LYS A 40 -19.12 4.26 4.01
N MET A 41 -19.30 3.02 4.42
CA MET A 41 -19.71 2.69 5.78
C MET A 41 -18.51 2.78 6.72
N LEU A 42 -17.39 2.20 6.32
CA LEU A 42 -16.18 2.22 7.13
C LEU A 42 -15.66 3.64 7.32
N GLY A 43 -15.61 4.40 6.23
CA GLY A 43 -15.15 5.77 6.30
C GLY A 43 -15.70 6.51 7.50
N ALA A 44 -17.01 6.41 7.71
CA ALA A 44 -17.66 7.07 8.83
C ALA A 44 -17.02 6.67 10.16
N GLU A 45 -16.55 5.42 10.23
CA GLU A 45 -15.91 4.92 11.44
C GLU A 45 -14.53 5.55 11.63
N TRP A 46 -13.79 5.68 10.53
CA TRP A 46 -12.46 6.26 10.57
C TRP A 46 -12.47 7.62 11.26
N SER A 47 -13.53 8.39 11.00
CA SER A 47 -13.67 9.72 11.60
C SER A 47 -14.05 9.62 13.07
N LYS A 48 -14.73 8.54 13.43
CA LYS A 48 -15.15 8.32 14.81
C LYS A 48 -14.16 7.42 15.55
N LEU A 49 -13.01 7.19 14.94
CA LEU A 49 -11.98 6.36 15.55
C LEU A 49 -11.35 7.05 16.74
N GLN A 50 -10.83 6.25 17.68
CA GLN A 50 -10.20 6.78 18.87
C GLN A 50 -8.90 7.50 18.53
N PRO A 51 -8.50 8.46 19.38
CA PRO A 51 -7.27 9.23 19.19
C PRO A 51 -6.02 8.40 19.38
N ALA A 52 -6.21 7.11 19.62
CA ALA A 52 -5.08 6.20 19.83
C ALA A 52 -5.00 5.17 18.69
N GLU A 53 -6.15 4.78 18.18
CA GLU A 53 -6.21 3.80 17.09
C GLU A 53 -5.92 4.46 15.74
N LYS A 54 -6.66 5.52 15.44
CA LYS A 54 -6.48 6.24 14.19
C LYS A 54 -5.02 6.61 13.98
N GLN A 55 -4.36 7.03 15.05
CA GLN A 55 -2.96 7.42 14.98
C GLN A 55 -2.07 6.19 14.78
N ARG A 56 -2.37 5.12 15.49
CA ARG A 56 -1.61 3.89 15.38
C ARG A 56 -1.66 3.33 13.96
N TYR A 57 -2.78 3.53 13.29
CA TYR A 57 -2.96 3.04 11.93
C TYR A 57 -2.01 3.75 10.97
N LEU A 58 -1.89 5.07 11.12
CA LEU A 58 -1.01 5.86 10.28
C LEU A 58 0.42 5.34 10.34
N ASP A 59 0.92 5.17 11.56
CA ASP A 59 2.29 4.68 11.75
C ASP A 59 2.45 3.28 11.15
N GLU A 60 1.55 2.38 11.51
CA GLU A 60 1.60 1.01 11.01
C GLU A 60 1.95 0.99 9.52
N ALA A 61 1.29 1.85 8.75
CA ALA A 61 1.52 1.94 7.32
C ALA A 61 2.84 2.66 7.02
N GLU A 62 3.09 3.74 7.76
CA GLU A 62 4.31 4.52 7.57
C GLU A 62 5.54 3.63 7.64
N LYS A 63 5.68 2.89 8.75
CA LYS A 63 6.80 2.00 8.94
C LYS A 63 7.15 1.27 7.66
N GLU A 64 6.13 0.80 6.94
CA GLU A 64 6.33 0.08 5.69
C GLU A 64 6.68 1.05 4.57
N LYS A 65 6.00 2.19 4.53
CA LYS A 65 6.24 3.20 3.51
C LYS A 65 7.74 3.49 3.37
N GLN A 66 8.42 3.63 4.50
CA GLN A 66 9.85 3.90 4.49
C GLN A 66 10.62 2.76 3.83
N GLN A 67 10.15 1.55 4.04
CA GLN A 67 10.79 0.36 3.46
C GLN A 67 10.54 0.30 1.95
N TYR A 68 9.29 0.48 1.56
CA TYR A 68 8.91 0.43 0.15
C TYR A 68 9.63 1.52 -0.64
N LEU A 69 9.74 2.70 -0.05
CA LEU A 69 10.42 3.82 -0.70
C LEU A 69 11.80 3.42 -1.19
N LYS A 70 12.65 3.00 -0.25
CA LYS A 70 14.00 2.58 -0.59
C LYS A 70 13.99 1.47 -1.65
N GLU A 71 12.91 0.69 -1.66
CA GLU A 71 12.78 -0.40 -2.61
C GLU A 71 12.35 0.12 -3.98
N LEU A 72 12.32 1.44 -4.12
CA LEU A 72 11.93 2.06 -5.38
C LEU A 72 13.12 2.76 -6.04
N TRP A 73 13.88 3.51 -5.24
CA TRP A 73 15.05 4.21 -5.74
C TRP A 73 16.32 3.45 -5.43
N ALA A 74 16.49 3.06 -4.17
CA ALA A 74 17.66 2.32 -3.75
C ALA A 74 17.93 1.13 -4.67
N TYR A 75 16.91 0.74 -5.42
CA TYR A 75 17.04 -0.39 -6.33
C TYR A 75 17.24 0.10 -7.76
N GLN A 76 16.72 1.28 -8.06
CA GLN A 76 16.84 1.86 -9.40
C GLN A 76 18.26 2.36 -9.63
N GLN A 77 19.02 2.53 -8.56
CA GLN A 77 20.39 3.01 -8.66
C GLN A 77 21.38 1.92 -8.26
N SER A 78 21.05 0.68 -8.62
CA SER A 78 21.91 -0.46 -8.30
C SER A 78 22.67 -0.93 -9.53
N GLU A 79 23.87 -1.45 -9.32
CA GLU A 79 24.69 -1.94 -10.42
C GLU A 79 23.96 -3.00 -11.23
N ALA A 80 23.06 -3.72 -10.58
CA ALA A 80 22.28 -4.77 -11.24
C ALA A 80 21.35 -4.17 -12.27
N TYR A 81 20.65 -3.09 -11.90
CA TYR A 81 19.72 -2.42 -12.80
C TYR A 81 20.35 -2.19 -14.17
N LYS A 82 21.61 -1.75 -14.16
CA LYS A 82 22.32 -1.48 -15.40
C LYS A 82 22.94 -2.75 -15.95
N VAL A 83 23.95 -3.29 -15.25
CA VAL A 83 24.62 -4.50 -15.67
C VAL A 83 24.84 -4.51 -17.18
N CYS A 84 25.17 -3.35 -17.74
CA CYS A 84 25.41 -3.22 -19.16
C CYS A 84 26.89 -3.04 -19.45
N THR A 85 27.40 -3.81 -20.41
CA THR A 85 28.81 -3.75 -20.78
C THR A 85 28.98 -3.23 -22.20
N GLU A 86 28.21 -3.81 -23.12
CA GLU A 86 28.28 -3.40 -24.53
C GLU A 86 27.93 -1.93 -24.69
N SER A 87 28.94 -1.11 -24.93
CA SER A 87 28.74 0.33 -25.11
C SER A 87 28.17 0.95 -23.84
N GLY A 88 28.70 0.54 -22.69
CA GLY A 88 28.24 1.06 -21.42
C GLY A 88 29.34 1.16 -20.39
N PRO A 89 29.19 2.10 -19.44
CA PRO A 89 30.18 2.31 -18.37
C PRO A 89 30.19 1.16 -17.37
N SER A 90 31.18 0.28 -17.49
CA SER A 90 31.30 -0.87 -16.61
C SER A 90 32.26 -0.55 -15.46
N SER A 91 32.33 -1.47 -14.49
CA SER A 91 33.21 -1.29 -13.33
C SER A 91 34.57 -1.93 -13.58
N GLY A 92 35.62 -1.20 -13.24
CA GLY A 92 36.97 -1.71 -13.43
C GLY A 92 37.47 -2.47 -12.21
N GLY A 1 -7.62 -3.52 -11.38
CA GLY A 1 -6.68 -2.50 -11.82
C GLY A 1 -5.36 -3.08 -12.27
N SER A 2 -4.71 -2.41 -13.21
CA SER A 2 -3.42 -2.87 -13.73
C SER A 2 -2.28 -2.30 -12.91
N SER A 3 -1.54 -3.19 -12.25
CA SER A 3 -0.40 -2.77 -11.43
C SER A 3 0.90 -2.82 -12.22
N GLY A 4 1.19 -3.98 -12.81
CA GLY A 4 2.40 -4.13 -13.59
C GLY A 4 3.60 -4.48 -12.73
N SER A 5 3.85 -5.77 -12.55
CA SER A 5 4.97 -6.22 -11.74
C SER A 5 6.25 -5.49 -12.12
N SER A 6 6.63 -4.52 -11.30
CA SER A 6 7.84 -3.74 -11.56
C SER A 6 8.18 -2.85 -10.36
N GLY A 7 9.29 -3.16 -9.70
CA GLY A 7 9.71 -2.39 -8.54
C GLY A 7 8.93 -2.74 -7.30
N PRO A 8 9.01 -1.87 -6.27
CA PRO A 8 8.31 -2.08 -5.00
C PRO A 8 6.80 -1.92 -5.14
N LYS A 9 6.06 -2.70 -4.36
CA LYS A 9 4.60 -2.65 -4.40
C LYS A 9 4.08 -1.59 -3.43
N ALA A 10 3.50 -0.52 -3.98
CA ALA A 10 2.96 0.56 -3.18
C ALA A 10 2.10 0.02 -2.04
N PRO A 11 2.60 0.16 -0.80
CA PRO A 11 1.90 -0.30 0.40
C PRO A 11 0.64 0.52 0.69
N VAL A 12 -0.18 0.03 1.62
CA VAL A 12 -1.40 0.73 2.00
C VAL A 12 -1.17 1.65 3.19
N THR A 13 -1.63 2.88 3.08
CA THR A 13 -1.47 3.87 4.16
C THR A 13 -2.44 3.58 5.30
N GLY A 14 -2.12 4.10 6.48
CA GLY A 14 -2.96 3.89 7.63
C GLY A 14 -4.43 3.95 7.30
N TYR A 15 -4.79 4.82 6.37
CA TYR A 15 -6.18 4.98 5.95
C TYR A 15 -6.71 3.70 5.31
N VAL A 16 -6.08 3.30 4.20
CA VAL A 16 -6.48 2.09 3.49
C VAL A 16 -6.30 0.86 4.36
N ARG A 17 -5.08 0.68 4.88
CA ARG A 17 -4.78 -0.46 5.72
C ARG A 17 -5.97 -0.84 6.59
N PHE A 18 -6.47 0.12 7.35
CA PHE A 18 -7.62 -0.10 8.23
C PHE A 18 -8.86 -0.44 7.41
N LEU A 19 -9.01 0.23 6.26
CA LEU A 19 -10.16 0.00 5.40
C LEU A 19 -10.19 -1.43 4.89
N ASN A 20 -9.01 -1.99 4.61
CA ASN A 20 -8.90 -3.36 4.13
C ASN A 20 -9.32 -4.35 5.21
N GLU A 21 -8.63 -4.29 6.35
CA GLU A 21 -8.93 -5.19 7.46
C GLU A 21 -10.42 -5.16 7.80
N ARG A 22 -10.97 -3.96 7.98
CA ARG A 22 -12.37 -3.80 8.31
C ARG A 22 -13.26 -4.29 7.16
N ARG A 23 -12.94 -3.85 5.95
CA ARG A 23 -13.71 -4.24 4.77
C ARG A 23 -14.18 -5.68 4.88
N GLU A 24 -13.23 -6.60 5.05
CA GLU A 24 -13.54 -8.02 5.17
C GLU A 24 -14.65 -8.24 6.19
N GLN A 25 -14.50 -7.63 7.36
CA GLN A 25 -15.48 -7.77 8.43
C GLN A 25 -16.88 -7.43 7.93
N ILE A 26 -16.96 -6.44 7.04
CA ILE A 26 -18.24 -6.01 6.48
C ILE A 26 -18.79 -7.06 5.52
N ARG A 27 -17.98 -7.45 4.55
CA ARG A 27 -18.39 -8.45 3.55
C ARG A 27 -19.14 -9.59 4.23
N THR A 28 -18.66 -10.00 5.41
CA THR A 28 -19.29 -11.09 6.15
C THR A 28 -20.70 -10.73 6.56
N ARG A 29 -20.89 -9.51 7.06
CA ARG A 29 -22.20 -9.04 7.49
C ARG A 29 -23.10 -8.77 6.29
N HIS A 30 -22.62 -7.94 5.38
CA HIS A 30 -23.39 -7.60 4.18
C HIS A 30 -22.62 -7.99 2.92
N PRO A 31 -22.70 -9.27 2.55
CA PRO A 31 -22.03 -9.81 1.36
C PRO A 31 -22.64 -9.29 0.07
N ASP A 32 -23.69 -8.48 0.19
CA ASP A 32 -24.37 -7.92 -0.96
C ASP A 32 -23.92 -6.49 -1.23
N LEU A 33 -23.48 -5.81 -0.17
CA LEU A 33 -23.02 -4.43 -0.29
C LEU A 33 -21.86 -4.32 -1.27
N PRO A 34 -22.07 -3.55 -2.35
CA PRO A 34 -21.05 -3.34 -3.38
C PRO A 34 -19.88 -2.51 -2.88
N PHE A 35 -18.78 -2.55 -3.63
CA PHE A 35 -17.59 -1.79 -3.27
C PHE A 35 -17.95 -0.39 -2.79
N PRO A 36 -18.64 0.37 -3.65
CA PRO A 36 -19.07 1.74 -3.34
C PRO A 36 -20.17 1.77 -2.29
N GLU A 37 -20.30 0.68 -1.53
CA GLU A 37 -21.32 0.59 -0.48
C GLU A 37 -20.70 0.10 0.82
N ILE A 38 -19.58 -0.59 0.72
CA ILE A 38 -18.89 -1.11 1.90
C ILE A 38 -17.88 -0.10 2.44
N THR A 39 -17.26 0.65 1.53
CA THR A 39 -16.28 1.65 1.91
C THR A 39 -16.93 2.86 2.56
N LYS A 40 -18.05 3.30 1.98
CA LYS A 40 -18.78 4.44 2.51
C LYS A 40 -19.11 4.24 3.99
N MET A 41 -19.27 2.99 4.39
CA MET A 41 -19.59 2.66 5.77
C MET A 41 -18.34 2.74 6.65
N LEU A 42 -17.26 2.12 6.19
CA LEU A 42 -16.01 2.11 6.93
C LEU A 42 -15.50 3.54 7.15
N GLY A 43 -15.46 4.32 6.08
CA GLY A 43 -15.00 5.70 6.17
C GLY A 43 -15.48 6.39 7.44
N ALA A 44 -16.79 6.47 7.61
CA ALA A 44 -17.37 7.09 8.78
C ALA A 44 -16.69 6.62 10.06
N GLU A 45 -16.45 5.31 10.14
CA GLU A 45 -15.80 4.73 11.31
C GLU A 45 -14.42 5.33 11.52
N TRP A 46 -13.69 5.52 10.42
CA TRP A 46 -12.35 6.08 10.49
C TRP A 46 -12.36 7.46 11.13
N SER A 47 -13.31 8.30 10.71
CA SER A 47 -13.43 9.65 11.25
C SER A 47 -13.94 9.62 12.69
N LYS A 48 -14.57 8.51 13.06
CA LYS A 48 -15.11 8.35 14.42
C LYS A 48 -14.16 7.52 15.27
N LEU A 49 -12.96 7.26 14.75
CA LEU A 49 -11.98 6.47 15.47
C LEU A 49 -11.47 7.22 16.70
N GLN A 50 -10.74 6.51 17.56
CA GLN A 50 -10.19 7.12 18.77
C GLN A 50 -8.83 7.77 18.50
N PRO A 51 -8.43 8.69 19.37
CA PRO A 51 -7.14 9.39 19.25
C PRO A 51 -5.95 8.48 19.50
N ALA A 52 -6.23 7.21 19.75
CA ALA A 52 -5.18 6.23 20.01
C ALA A 52 -5.12 5.18 18.90
N GLU A 53 -6.29 4.78 18.40
CA GLU A 53 -6.37 3.78 17.35
C GLU A 53 -6.00 4.38 15.99
N LYS A 54 -6.67 5.48 15.64
CA LYS A 54 -6.42 6.15 14.37
C LYS A 54 -4.92 6.42 14.19
N GLN A 55 -4.26 6.85 15.26
CA GLN A 55 -2.84 7.14 15.23
C GLN A 55 -2.04 5.86 15.03
N ARG A 56 -2.44 4.79 15.71
CA ARG A 56 -1.76 3.51 15.61
C ARG A 56 -1.75 3.01 14.17
N TYR A 57 -2.76 3.40 13.41
CA TYR A 57 -2.87 2.98 12.01
C TYR A 57 -1.99 3.85 11.12
N LEU A 58 -2.01 5.15 11.37
CA LEU A 58 -1.22 6.09 10.59
C LEU A 58 0.28 5.83 10.76
N ASP A 59 0.65 5.32 11.93
CA ASP A 59 2.05 5.01 12.22
C ASP A 59 2.39 3.59 11.77
N GLU A 60 1.42 2.69 11.86
CA GLU A 60 1.62 1.30 11.47
C GLU A 60 1.88 1.19 9.97
N ALA A 61 1.49 2.22 9.23
CA ALA A 61 1.68 2.24 7.79
C ALA A 61 2.89 3.09 7.41
N GLU A 62 3.02 4.25 8.05
CA GLU A 62 4.14 5.15 7.77
C GLU A 62 5.47 4.43 7.92
N LYS A 63 5.50 3.42 8.78
CA LYS A 63 6.71 2.65 9.00
C LYS A 63 6.98 1.69 7.84
N GLU A 64 5.91 1.23 7.20
CA GLU A 64 6.04 0.32 6.07
C GLU A 64 6.35 1.09 4.79
N LYS A 65 5.95 2.35 4.74
CA LYS A 65 6.18 3.19 3.57
C LYS A 65 7.66 3.55 3.45
N GLN A 66 8.32 3.70 4.59
CA GLN A 66 9.74 4.04 4.60
C GLN A 66 10.57 2.96 3.91
N GLN A 67 10.20 1.70 4.14
CA GLN A 67 10.92 0.59 3.53
C GLN A 67 10.56 0.45 2.06
N TYR A 68 9.30 0.70 1.72
CA TYR A 68 8.85 0.61 0.34
C TYR A 68 9.57 1.61 -0.54
N LEU A 69 9.74 2.83 -0.02
CA LEU A 69 10.42 3.88 -0.76
C LEU A 69 11.81 3.43 -1.21
N LYS A 70 12.62 3.00 -0.25
CA LYS A 70 13.98 2.54 -0.55
C LYS A 70 13.95 1.46 -1.63
N GLU A 71 12.99 0.55 -1.53
CA GLU A 71 12.87 -0.53 -2.49
C GLU A 71 12.64 0.02 -3.90
N LEU A 72 12.32 1.31 -3.98
CA LEU A 72 12.08 1.96 -5.27
C LEU A 72 13.37 2.55 -5.83
N TRP A 73 14.03 3.37 -5.03
CA TRP A 73 15.29 3.99 -5.45
C TRP A 73 16.49 3.18 -4.98
N ALA A 74 16.52 2.86 -3.69
CA ALA A 74 17.61 2.08 -3.13
C ALA A 74 17.90 0.85 -3.97
N TYR A 75 16.94 0.46 -4.79
CA TYR A 75 17.10 -0.71 -5.66
C TYR A 75 17.52 -0.29 -7.06
N GLN A 76 16.97 0.82 -7.54
CA GLN A 76 17.28 1.32 -8.87
C GLN A 76 18.73 1.78 -8.94
N GLN A 77 19.42 1.76 -7.81
CA GLN A 77 20.81 2.17 -7.74
C GLN A 77 21.67 1.10 -7.08
N SER A 78 21.59 -0.13 -7.60
CA SER A 78 22.35 -1.24 -7.06
C SER A 78 23.25 -1.86 -8.13
N GLU A 79 24.36 -2.45 -7.69
CA GLU A 79 25.30 -3.08 -8.62
C GLU A 79 24.57 -4.02 -9.57
N ALA A 80 23.45 -4.57 -9.12
CA ALA A 80 22.66 -5.49 -9.94
C ALA A 80 21.89 -4.74 -11.02
N TYR A 81 21.19 -3.68 -10.62
CA TYR A 81 20.40 -2.89 -11.55
C TYR A 81 21.19 -2.63 -12.83
N LYS A 82 22.50 -2.45 -12.70
CA LYS A 82 23.36 -2.20 -13.84
C LYS A 82 23.86 -3.50 -14.45
N VAL A 83 24.59 -4.28 -13.65
CA VAL A 83 25.12 -5.56 -14.10
C VAL A 83 25.44 -5.53 -15.59
N CYS A 84 25.97 -4.39 -16.05
CA CYS A 84 26.32 -4.22 -17.45
C CYS A 84 27.61 -3.43 -17.60
N THR A 85 28.43 -3.82 -18.57
CA THR A 85 29.71 -3.15 -18.81
C THR A 85 29.70 -2.44 -20.16
N GLU A 86 30.55 -1.42 -20.29
CA GLU A 86 30.64 -0.66 -21.53
C GLU A 86 32.09 -0.31 -21.84
N SER A 87 32.48 -0.48 -23.10
CA SER A 87 33.85 -0.17 -23.52
C SER A 87 34.32 1.14 -22.92
N GLY A 88 35.46 1.10 -22.24
CA GLY A 88 36.02 2.30 -21.63
C GLY A 88 37.45 2.55 -22.05
N PRO A 89 38.12 3.46 -21.33
CA PRO A 89 39.52 3.82 -21.61
C PRO A 89 40.48 2.70 -21.27
N SER A 90 40.01 1.72 -20.51
CA SER A 90 40.84 0.59 -20.12
C SER A 90 41.65 0.08 -21.30
N SER A 91 42.96 -0.10 -21.09
CA SER A 91 43.85 -0.58 -22.14
C SER A 91 43.81 -2.10 -22.23
N GLY A 92 43.89 -2.61 -23.46
CA GLY A 92 43.87 -4.04 -23.66
C GLY A 92 45.18 -4.58 -24.17
N GLY A 1 -4.36 -11.38 -18.94
CA GLY A 1 -2.92 -11.32 -18.87
C GLY A 1 -2.42 -10.71 -17.58
N SER A 2 -1.13 -10.88 -17.29
CA SER A 2 -0.54 -10.34 -16.08
C SER A 2 -0.14 -8.88 -16.27
N SER A 3 -1.01 -7.97 -15.86
CA SER A 3 -0.74 -6.54 -15.98
C SER A 3 0.01 -6.01 -14.77
N GLY A 4 0.69 -4.88 -14.94
CA GLY A 4 1.44 -4.29 -13.84
C GLY A 4 2.69 -5.08 -13.50
N SER A 5 2.76 -5.57 -12.27
CA SER A 5 3.91 -6.34 -11.81
C SER A 5 5.21 -5.58 -12.08
N SER A 6 5.23 -4.31 -11.72
CA SER A 6 6.41 -3.47 -11.92
C SER A 6 7.02 -3.06 -10.58
N GLY A 7 8.25 -3.50 -10.33
CA GLY A 7 8.92 -3.16 -9.10
C GLY A 7 8.10 -3.50 -7.88
N PRO A 8 8.32 -2.77 -6.78
CA PRO A 8 7.60 -2.97 -5.52
C PRO A 8 6.13 -2.55 -5.62
N LYS A 9 5.27 -3.25 -4.89
CA LYS A 9 3.85 -2.95 -4.89
C LYS A 9 3.50 -1.92 -3.81
N ALA A 10 3.16 -0.71 -4.25
CA ALA A 10 2.81 0.36 -3.32
C ALA A 10 1.86 -0.14 -2.24
N PRO A 11 2.34 -0.17 -0.99
CA PRO A 11 1.54 -0.62 0.16
C PRO A 11 0.43 0.35 0.51
N VAL A 12 -0.54 -0.13 1.28
CA VAL A 12 -1.68 0.70 1.69
C VAL A 12 -1.29 1.62 2.84
N THR A 13 -1.99 2.75 2.95
CA THR A 13 -1.72 3.72 4.01
C THR A 13 -2.61 3.48 5.22
N GLY A 14 -2.18 3.97 6.37
CA GLY A 14 -2.96 3.80 7.58
C GLY A 14 -4.45 3.89 7.34
N TYR A 15 -4.85 4.83 6.49
CA TYR A 15 -6.26 5.02 6.18
C TYR A 15 -6.82 3.81 5.44
N VAL A 16 -6.22 3.50 4.28
CA VAL A 16 -6.67 2.37 3.47
C VAL A 16 -6.56 1.07 4.25
N ARG A 17 -5.36 0.75 4.71
CA ARG A 17 -5.13 -0.47 5.49
C ARG A 17 -6.33 -0.79 6.36
N PHE A 18 -6.71 0.16 7.22
CA PHE A 18 -7.84 -0.01 8.12
C PHE A 18 -9.12 -0.30 7.34
N LEU A 19 -9.29 0.37 6.21
CA LEU A 19 -10.46 0.18 5.37
C LEU A 19 -10.49 -1.21 4.76
N ASN A 20 -9.30 -1.79 4.57
CA ASN A 20 -9.20 -3.13 4.01
C ASN A 20 -9.43 -4.20 5.08
N GLU A 21 -8.89 -3.96 6.28
CA GLU A 21 -9.05 -4.90 7.37
C GLU A 21 -10.49 -4.93 7.86
N ARG A 22 -11.06 -3.75 8.09
CA ARG A 22 -12.43 -3.63 8.57
C ARG A 22 -13.41 -4.19 7.53
N ARG A 23 -13.22 -3.81 6.27
CA ARG A 23 -14.09 -4.28 5.20
C ARG A 23 -14.53 -5.71 5.43
N GLU A 24 -13.55 -6.61 5.55
CA GLU A 24 -13.83 -8.02 5.77
C GLU A 24 -15.04 -8.20 6.68
N GLN A 25 -15.01 -7.54 7.84
CA GLN A 25 -16.11 -7.62 8.79
C GLN A 25 -17.45 -7.34 8.11
N ILE A 26 -17.46 -6.35 7.23
CA ILE A 26 -18.68 -5.98 6.52
C ILE A 26 -19.10 -7.09 5.55
N ARG A 27 -18.22 -7.40 4.60
CA ARG A 27 -18.51 -8.43 3.62
C ARG A 27 -19.32 -9.56 4.24
N THR A 28 -18.95 -9.96 5.45
CA THR A 28 -19.63 -11.03 6.16
C THR A 28 -21.09 -10.69 6.40
N ARG A 29 -21.33 -9.51 6.96
CA ARG A 29 -22.68 -9.05 7.25
C ARG A 29 -23.44 -8.76 5.95
N HIS A 30 -22.85 -7.94 5.09
CA HIS A 30 -23.47 -7.57 3.83
C HIS A 30 -22.60 -8.02 2.65
N PRO A 31 -22.67 -9.32 2.31
CA PRO A 31 -21.90 -9.88 1.21
C PRO A 31 -22.38 -9.41 -0.15
N ASP A 32 -23.42 -8.57 -0.15
CA ASP A 32 -23.98 -8.03 -1.38
C ASP A 32 -23.46 -6.62 -1.64
N LEU A 33 -23.23 -5.87 -0.56
CA LEU A 33 -22.75 -4.50 -0.67
C LEU A 33 -21.48 -4.44 -1.52
N PRO A 34 -21.56 -3.69 -2.63
CA PRO A 34 -20.43 -3.53 -3.55
C PRO A 34 -19.31 -2.69 -2.94
N PHE A 35 -18.13 -2.77 -3.55
CA PHE A 35 -16.97 -2.02 -3.08
C PHE A 35 -17.36 -0.60 -2.67
N PRO A 36 -17.93 0.14 -3.63
CA PRO A 36 -18.38 1.52 -3.40
C PRO A 36 -19.59 1.61 -2.49
N GLU A 37 -19.82 0.54 -1.73
CA GLU A 37 -20.95 0.49 -0.80
C GLU A 37 -20.50 0.03 0.58
N ILE A 38 -19.33 -0.59 0.64
CA ILE A 38 -18.78 -1.08 1.90
C ILE A 38 -17.80 -0.08 2.50
N THR A 39 -17.08 0.63 1.64
CA THR A 39 -16.12 1.63 2.08
C THR A 39 -16.82 2.87 2.63
N LYS A 40 -17.89 3.29 1.96
CA LYS A 40 -18.65 4.45 2.39
C LYS A 40 -19.09 4.32 3.84
N MET A 41 -19.33 3.08 4.27
CA MET A 41 -19.75 2.82 5.64
C MET A 41 -18.57 2.87 6.60
N LEU A 42 -17.54 2.11 6.29
CA LEU A 42 -16.34 2.07 7.12
C LEU A 42 -15.81 3.47 7.40
N GLY A 43 -15.72 4.28 6.35
CA GLY A 43 -15.24 5.64 6.50
C GLY A 43 -15.67 6.27 7.81
N ALA A 44 -16.98 6.29 8.04
CA ALA A 44 -17.53 6.86 9.25
C ALA A 44 -16.75 6.40 10.49
N GLU A 45 -16.46 5.10 10.53
CA GLU A 45 -15.73 4.53 11.65
C GLU A 45 -14.36 5.19 11.80
N TRP A 46 -13.68 5.39 10.68
CA TRP A 46 -12.36 6.01 10.68
C TRP A 46 -12.40 7.37 11.37
N SER A 47 -13.46 8.12 11.12
CA SER A 47 -13.61 9.45 11.70
C SER A 47 -14.08 9.34 13.15
N LYS A 48 -14.75 8.24 13.47
CA LYS A 48 -15.25 8.02 14.83
C LYS A 48 -14.26 7.19 15.64
N LEU A 49 -13.06 7.01 15.10
CA LEU A 49 -12.03 6.23 15.77
C LEU A 49 -11.49 6.99 16.99
N GLN A 50 -10.55 6.36 17.70
CA GLN A 50 -9.96 6.96 18.88
C GLN A 50 -8.67 7.71 18.53
N PRO A 51 -8.26 8.62 19.40
CA PRO A 51 -7.04 9.42 19.21
C PRO A 51 -5.77 8.59 19.33
N ALA A 52 -5.95 7.29 19.55
CA ALA A 52 -4.82 6.37 19.69
C ALA A 52 -4.79 5.36 18.55
N GLU A 53 -5.96 4.88 18.17
CA GLU A 53 -6.08 3.91 17.09
C GLU A 53 -5.82 4.56 15.74
N LYS A 54 -6.58 5.62 15.45
CA LYS A 54 -6.44 6.34 14.19
C LYS A 54 -4.98 6.71 13.93
N GLN A 55 -4.29 7.16 14.97
CA GLN A 55 -2.89 7.55 14.86
C GLN A 55 -2.01 6.33 14.62
N ARG A 56 -2.17 5.32 15.47
CA ARG A 56 -1.38 4.09 15.36
C ARG A 56 -1.43 3.55 13.93
N TYR A 57 -2.62 3.50 13.36
CA TYR A 57 -2.80 2.99 12.00
C TYR A 57 -1.83 3.68 11.04
N LEU A 58 -1.72 5.00 11.16
CA LEU A 58 -0.83 5.79 10.31
C LEU A 58 0.60 5.27 10.40
N ASP A 59 1.12 5.20 11.62
CA ASP A 59 2.49 4.73 11.84
C ASP A 59 2.66 3.31 11.30
N GLU A 60 1.76 2.41 11.70
CA GLU A 60 1.82 1.03 11.25
C GLU A 60 2.03 0.95 9.74
N ALA A 61 1.24 1.71 9.00
CA ALA A 61 1.34 1.74 7.54
C ALA A 61 2.71 2.26 7.09
N GLU A 62 3.05 3.45 7.57
CA GLU A 62 4.32 4.07 7.21
C GLU A 62 5.44 3.03 7.19
N LYS A 63 5.57 2.28 8.27
CA LYS A 63 6.59 1.24 8.37
C LYS A 63 6.82 0.57 7.02
N GLU A 64 5.73 0.15 6.38
CA GLU A 64 5.81 -0.52 5.09
C GLU A 64 6.49 0.39 4.06
N LYS A 65 6.03 1.63 3.97
CA LYS A 65 6.60 2.59 3.03
C LYS A 65 8.11 2.51 3.01
N GLN A 66 8.70 2.20 4.16
CA GLN A 66 10.14 2.09 4.28
C GLN A 66 10.66 0.89 3.49
N GLN A 67 10.30 -0.31 3.94
CA GLN A 67 10.73 -1.53 3.27
C GLN A 67 10.39 -1.50 1.78
N TYR A 68 9.25 -0.87 1.46
CA TYR A 68 8.81 -0.76 0.08
C TYR A 68 9.67 0.21 -0.71
N LEU A 69 10.07 1.29 -0.05
CA LEU A 69 10.90 2.31 -0.69
C LEU A 69 12.17 1.68 -1.27
N LYS A 70 12.98 1.09 -0.42
CA LYS A 70 14.22 0.44 -0.85
C LYS A 70 13.94 -0.61 -1.91
N GLU A 71 12.78 -1.26 -1.81
CA GLU A 71 12.40 -2.29 -2.77
C GLU A 71 12.16 -1.69 -4.15
N LEU A 72 12.19 -0.36 -4.23
CA LEU A 72 11.98 0.34 -5.49
C LEU A 72 13.31 0.71 -6.13
N TRP A 73 14.20 1.31 -5.34
CA TRP A 73 15.52 1.71 -5.84
C TRP A 73 16.58 0.68 -5.48
N ALA A 74 16.67 0.36 -4.19
CA ALA A 74 17.65 -0.61 -3.71
C ALA A 74 17.69 -1.84 -4.63
N TYR A 75 16.59 -2.09 -5.33
CA TYR A 75 16.51 -3.22 -6.24
C TYR A 75 17.00 -2.85 -7.63
N GLN A 76 16.48 -1.74 -8.15
CA GLN A 76 16.86 -1.27 -9.49
C GLN A 76 18.38 -1.24 -9.62
N GLN A 77 19.06 -0.89 -8.54
CA GLN A 77 20.53 -0.83 -8.55
C GLN A 77 21.13 -2.12 -9.08
N SER A 78 20.60 -3.25 -8.62
CA SER A 78 21.08 -4.56 -9.04
C SER A 78 21.41 -4.55 -10.54
N GLU A 79 22.50 -5.24 -10.89
CA GLU A 79 22.92 -5.31 -12.29
C GLU A 79 21.84 -5.94 -13.16
N ALA A 80 21.30 -7.06 -12.71
CA ALA A 80 20.26 -7.76 -13.45
C ALA A 80 19.23 -6.78 -13.99
N TYR A 81 18.91 -5.75 -13.20
CA TYR A 81 17.93 -4.75 -13.60
C TYR A 81 18.32 -4.11 -14.93
N LYS A 82 19.58 -3.69 -15.03
CA LYS A 82 20.08 -3.07 -16.26
C LYS A 82 20.26 -4.10 -17.36
N VAL A 83 21.17 -5.04 -17.14
CA VAL A 83 21.43 -6.09 -18.12
C VAL A 83 20.14 -6.74 -18.59
N CYS A 84 20.00 -6.84 -19.91
CA CYS A 84 18.80 -7.44 -20.51
C CYS A 84 18.98 -7.67 -22.00
N THR A 85 17.95 -8.19 -22.65
CA THR A 85 17.99 -8.44 -24.08
C THR A 85 18.63 -7.28 -24.83
N GLU A 86 19.35 -7.59 -25.90
CA GLU A 86 20.01 -6.56 -26.70
C GLU A 86 20.45 -5.39 -25.83
N SER A 87 21.18 -5.71 -24.76
CA SER A 87 21.66 -4.68 -23.85
C SER A 87 22.02 -3.40 -24.60
N GLY A 88 21.86 -2.26 -23.93
CA GLY A 88 22.17 -0.99 -24.56
C GLY A 88 23.65 -0.64 -24.47
N PRO A 89 24.18 -0.05 -25.55
CA PRO A 89 25.58 0.35 -25.62
C PRO A 89 25.92 1.51 -24.68
N SER A 90 26.44 1.18 -23.51
CA SER A 90 26.81 2.20 -22.53
C SER A 90 28.24 2.01 -22.05
N SER A 91 28.97 3.12 -21.94
CA SER A 91 30.35 3.08 -21.50
C SER A 91 30.90 4.48 -21.26
N GLY A 92 32.01 4.57 -20.56
CA GLY A 92 32.61 5.86 -20.27
C GLY A 92 32.93 6.05 -18.79
N GLY A 1 -3.27 -10.52 -3.80
CA GLY A 1 -3.36 -10.48 -5.25
C GLY A 1 -2.12 -11.04 -5.92
N SER A 2 -1.37 -10.16 -6.58
CA SER A 2 -0.15 -10.58 -7.27
C SER A 2 0.67 -9.36 -7.69
N SER A 3 1.96 -9.38 -7.36
CA SER A 3 2.85 -8.28 -7.71
C SER A 3 3.14 -8.26 -9.20
N GLY A 4 3.46 -7.08 -9.72
CA GLY A 4 3.76 -6.94 -11.13
C GLY A 4 4.86 -5.93 -11.40
N SER A 5 4.81 -4.81 -10.69
CA SER A 5 5.80 -3.75 -10.86
C SER A 5 7.20 -4.26 -10.50
N SER A 6 8.21 -3.55 -10.98
CA SER A 6 9.61 -3.93 -10.72
C SER A 6 10.10 -3.31 -9.42
N GLY A 7 9.65 -2.09 -9.15
CA GLY A 7 10.06 -1.39 -7.94
C GLY A 7 9.39 -1.95 -6.70
N PRO A 8 9.58 -1.27 -5.56
CA PRO A 8 9.00 -1.68 -4.28
C PRO A 8 7.49 -1.52 -4.24
N LYS A 9 6.79 -2.57 -3.83
CA LYS A 9 5.34 -2.54 -3.74
C LYS A 9 4.87 -1.48 -2.76
N ALA A 10 4.41 -0.34 -3.28
CA ALA A 10 3.93 0.75 -2.44
C ALA A 10 2.92 0.25 -1.41
N PRO A 11 3.34 0.26 -0.13
CA PRO A 11 2.49 -0.20 0.98
C PRO A 11 1.33 0.75 1.25
N VAL A 12 0.14 0.19 1.39
CA VAL A 12 -1.06 0.98 1.66
C VAL A 12 -0.87 1.87 2.89
N THR A 13 -1.49 3.04 2.86
CA THR A 13 -1.40 3.98 3.97
C THR A 13 -2.26 3.54 5.15
N GLY A 14 -2.09 4.20 6.29
CA GLY A 14 -2.85 3.86 7.47
C GLY A 14 -4.35 4.00 7.25
N TYR A 15 -4.74 4.99 6.47
CA TYR A 15 -6.15 5.23 6.17
C TYR A 15 -6.75 4.05 5.44
N VAL A 16 -5.97 3.44 4.56
CA VAL A 16 -6.43 2.30 3.78
C VAL A 16 -6.31 1.01 4.58
N ARG A 17 -5.16 0.79 5.20
CA ARG A 17 -4.92 -0.40 5.99
C ARG A 17 -6.14 -0.73 6.85
N PHE A 18 -6.87 0.30 7.25
CA PHE A 18 -8.06 0.11 8.07
C PHE A 18 -9.27 -0.21 7.21
N LEU A 19 -9.33 0.41 6.03
CA LEU A 19 -10.44 0.19 5.10
C LEU A 19 -10.39 -1.22 4.51
N ASN A 20 -9.17 -1.75 4.38
CA ASN A 20 -8.99 -3.08 3.82
C ASN A 20 -9.49 -4.15 4.79
N GLU A 21 -8.89 -4.19 5.98
CA GLU A 21 -9.27 -5.16 7.00
C GLU A 21 -10.76 -5.06 7.31
N ARG A 22 -11.24 -3.84 7.51
CA ARG A 22 -12.64 -3.61 7.82
C ARG A 22 -13.53 -4.03 6.66
N ARG A 23 -13.17 -3.61 5.45
CA ARG A 23 -13.93 -3.94 4.25
C ARG A 23 -14.30 -5.43 4.25
N GLU A 24 -13.52 -6.23 4.97
CA GLU A 24 -13.78 -7.67 5.05
C GLU A 24 -14.85 -7.98 6.09
N GLN A 25 -14.66 -7.45 7.29
CA GLN A 25 -15.61 -7.68 8.38
C GLN A 25 -17.04 -7.44 7.91
N ILE A 26 -17.23 -6.46 7.04
CA ILE A 26 -18.55 -6.13 6.51
C ILE A 26 -19.03 -7.21 5.55
N ARG A 27 -18.25 -7.47 4.51
CA ARG A 27 -18.61 -8.48 3.52
C ARG A 27 -19.26 -9.68 4.19
N THR A 28 -18.75 -10.06 5.36
CA THR A 28 -19.29 -11.20 6.10
C THR A 28 -20.71 -10.93 6.56
N ARG A 29 -20.95 -9.72 7.08
CA ARG A 29 -22.27 -9.35 7.55
C ARG A 29 -23.20 -8.99 6.38
N HIS A 30 -22.75 -8.05 5.55
CA HIS A 30 -23.53 -7.62 4.40
C HIS A 30 -22.90 -8.12 3.10
N PRO A 31 -23.16 -9.40 2.77
CA PRO A 31 -22.63 -10.04 1.57
C PRO A 31 -23.27 -9.48 0.29
N ASP A 32 -24.21 -8.56 0.47
CA ASP A 32 -24.89 -7.94 -0.67
C ASP A 32 -24.30 -6.57 -0.99
N LEU A 33 -23.60 -6.00 -0.02
CA LEU A 33 -22.98 -4.70 -0.19
C LEU A 33 -21.76 -4.78 -1.11
N PRO A 34 -21.81 -4.03 -2.22
CA PRO A 34 -20.73 -4.01 -3.21
C PRO A 34 -19.48 -3.31 -2.67
N PHE A 35 -18.58 -2.93 -3.58
CA PHE A 35 -17.35 -2.25 -3.19
C PHE A 35 -17.63 -0.81 -2.78
N PRO A 36 -18.21 -0.03 -3.70
CA PRO A 36 -18.55 1.38 -3.45
C PRO A 36 -19.68 1.54 -2.44
N GLU A 37 -19.92 0.49 -1.67
CA GLU A 37 -20.98 0.51 -0.66
C GLU A 37 -20.43 0.19 0.73
N ILE A 38 -19.29 -0.50 0.75
CA ILE A 38 -18.66 -0.88 2.01
C ILE A 38 -17.64 0.16 2.45
N THR A 39 -16.74 0.53 1.53
CA THR A 39 -15.72 1.52 1.82
C THR A 39 -16.33 2.83 2.31
N LYS A 40 -17.56 3.11 1.85
CA LYS A 40 -18.26 4.32 2.24
C LYS A 40 -18.68 4.28 3.70
N MET A 41 -19.07 3.09 4.16
CA MET A 41 -19.50 2.90 5.53
C MET A 41 -18.32 3.02 6.49
N LEU A 42 -17.27 2.26 6.22
CA LEU A 42 -16.07 2.28 7.06
C LEU A 42 -15.55 3.71 7.23
N GLY A 43 -15.55 4.47 6.14
CA GLY A 43 -15.08 5.84 6.18
C GLY A 43 -15.53 6.56 7.44
N ALA A 44 -16.85 6.60 7.65
CA ALA A 44 -17.42 7.26 8.82
C ALA A 44 -16.75 6.78 10.10
N GLU A 45 -16.48 5.48 10.18
CA GLU A 45 -15.84 4.90 11.35
C GLU A 45 -14.46 5.49 11.57
N TRP A 46 -13.67 5.53 10.50
CA TRP A 46 -12.31 6.07 10.57
C TRP A 46 -12.29 7.42 11.28
N SER A 47 -13.31 8.24 11.00
CA SER A 47 -13.42 9.55 11.61
C SER A 47 -13.89 9.45 13.06
N LYS A 48 -14.54 8.35 13.38
CA LYS A 48 -15.05 8.12 14.73
C LYS A 48 -14.04 7.31 15.56
N LEU A 49 -12.95 6.91 14.93
CA LEU A 49 -11.91 6.13 15.60
C LEU A 49 -11.38 6.89 16.81
N GLN A 50 -10.77 6.15 17.74
CA GLN A 50 -10.21 6.75 18.95
C GLN A 50 -8.90 7.48 18.64
N PRO A 51 -8.53 8.44 19.50
CA PRO A 51 -7.31 9.22 19.33
C PRO A 51 -6.06 8.38 19.58
N ALA A 52 -6.25 7.10 19.86
CA ALA A 52 -5.13 6.20 20.12
C ALA A 52 -5.01 5.16 19.01
N GLU A 53 -6.15 4.78 18.43
CA GLU A 53 -6.17 3.79 17.36
C GLU A 53 -5.89 4.45 16.01
N LYS A 54 -6.66 5.48 15.70
CA LYS A 54 -6.49 6.20 14.44
C LYS A 54 -5.03 6.57 14.21
N GLN A 55 -4.37 7.02 15.27
CA GLN A 55 -2.97 7.41 15.19
C GLN A 55 -2.08 6.20 14.90
N ARG A 56 -2.32 5.12 15.61
CA ARG A 56 -1.55 3.90 15.43
C ARG A 56 -1.51 3.48 13.97
N TYR A 57 -2.67 3.50 13.33
CA TYR A 57 -2.77 3.13 11.92
C TYR A 57 -1.82 3.95 11.06
N LEU A 58 -1.61 5.20 11.46
CA LEU A 58 -0.71 6.09 10.73
C LEU A 58 0.73 5.62 10.84
N ASP A 59 1.21 5.46 12.06
CA ASP A 59 2.57 5.01 12.31
C ASP A 59 2.81 3.63 11.69
N GLU A 60 1.97 2.67 12.06
CA GLU A 60 2.09 1.31 11.54
C GLU A 60 2.44 1.32 10.05
N ALA A 61 1.65 2.06 9.26
CA ALA A 61 1.88 2.15 7.83
C ALA A 61 3.28 2.70 7.53
N GLU A 62 3.70 3.68 8.32
CA GLU A 62 5.02 4.29 8.14
C GLU A 62 6.12 3.26 8.32
N LYS A 63 6.16 2.65 9.50
CA LYS A 63 7.17 1.64 9.81
C LYS A 63 7.40 0.71 8.62
N GLU A 64 6.32 0.44 7.88
CA GLU A 64 6.41 -0.43 6.70
C GLU A 64 6.99 0.32 5.50
N LYS A 65 6.50 1.53 5.28
CA LYS A 65 6.97 2.36 4.18
C LYS A 65 8.48 2.37 4.10
N GLN A 66 9.13 2.29 5.27
CA GLN A 66 10.59 2.29 5.33
C GLN A 66 11.17 1.22 4.41
N GLN A 67 10.63 0.01 4.51
CA GLN A 67 11.08 -1.11 3.69
C GLN A 67 10.96 -0.79 2.21
N TYR A 68 9.79 -0.28 1.82
CA TYR A 68 9.53 0.07 0.42
C TYR A 68 10.54 1.11 -0.07
N LEU A 69 10.81 2.10 0.77
CA LEU A 69 11.75 3.16 0.41
C LEU A 69 13.09 2.58 -0.02
N LYS A 70 13.84 2.06 0.94
CA LYS A 70 15.15 1.47 0.65
C LYS A 70 15.14 0.76 -0.70
N GLU A 71 14.20 -0.17 -0.87
CA GLU A 71 14.08 -0.92 -2.11
C GLU A 71 14.03 0.01 -3.31
N LEU A 72 13.10 0.97 -3.27
CA LEU A 72 12.94 1.94 -4.34
C LEU A 72 14.28 2.25 -5.00
N TRP A 73 15.19 2.85 -4.24
CA TRP A 73 16.51 3.20 -4.75
C TRP A 73 17.46 2.01 -4.66
N ALA A 74 17.60 1.47 -3.45
CA ALA A 74 18.47 0.33 -3.22
C ALA A 74 18.50 -0.60 -4.43
N TYR A 75 17.36 -0.73 -5.08
CA TYR A 75 17.24 -1.59 -6.26
C TYR A 75 17.72 -0.86 -7.51
N GLN A 76 17.17 0.32 -7.75
CA GLN A 76 17.55 1.12 -8.92
C GLN A 76 19.06 1.05 -9.15
N GLN A 77 19.83 1.10 -8.07
CA GLN A 77 21.28 1.05 -8.16
C GLN A 77 21.73 -0.11 -9.04
N SER A 78 21.09 -1.27 -8.84
CA SER A 78 21.43 -2.46 -9.61
C SER A 78 21.48 -2.16 -11.10
N GLU A 79 22.48 -2.70 -11.78
CA GLU A 79 22.65 -2.48 -13.21
C GLU A 79 21.39 -2.90 -13.97
N ALA A 80 20.81 -4.03 -13.56
CA ALA A 80 19.60 -4.54 -14.21
C ALA A 80 18.56 -3.44 -14.36
N TYR A 81 18.67 -2.41 -13.54
CA TYR A 81 17.73 -1.29 -13.58
C TYR A 81 17.92 -0.47 -14.85
N LYS A 82 19.16 -0.06 -15.10
CA LYS A 82 19.48 0.74 -16.27
C LYS A 82 19.30 -0.08 -17.55
N VAL A 83 19.99 -1.21 -17.63
CA VAL A 83 19.91 -2.09 -18.79
C VAL A 83 18.45 -2.41 -19.12
N CYS A 84 18.04 -2.06 -20.33
CA CYS A 84 16.67 -2.32 -20.77
C CYS A 84 16.49 -1.95 -22.24
N THR A 85 15.29 -2.17 -22.76
CA THR A 85 14.99 -1.85 -24.16
C THR A 85 13.55 -1.39 -24.31
N GLU A 86 13.33 -0.47 -25.25
CA GLU A 86 11.99 0.07 -25.49
C GLU A 86 11.10 -1.00 -26.13
N SER A 87 9.78 -0.79 -26.02
CA SER A 87 8.82 -1.73 -26.57
C SER A 87 7.59 -1.00 -27.11
N GLY A 88 6.72 -1.74 -27.79
CA GLY A 88 5.52 -1.15 -28.35
C GLY A 88 4.27 -1.61 -27.63
N PRO A 89 3.11 -1.50 -28.33
CA PRO A 89 1.82 -1.90 -27.76
C PRO A 89 1.70 -3.42 -27.61
N SER A 90 0.53 -3.87 -27.18
CA SER A 90 0.29 -5.30 -26.98
C SER A 90 0.40 -6.05 -28.30
N SER A 91 0.79 -7.32 -28.21
CA SER A 91 0.94 -8.15 -29.41
C SER A 91 -0.34 -8.16 -30.23
N GLY A 92 -0.34 -7.40 -31.33
CA GLY A 92 -1.51 -7.33 -32.18
C GLY A 92 -1.28 -8.00 -33.53
N GLY A 1 -2.74 -12.63 -12.16
CA GLY A 1 -1.69 -13.38 -12.84
C GLY A 1 -1.46 -12.90 -14.25
N SER A 2 -0.88 -11.71 -14.39
CA SER A 2 -0.62 -11.14 -15.70
C SER A 2 0.88 -10.87 -15.88
N SER A 3 1.30 -10.73 -17.13
CA SER A 3 2.70 -10.48 -17.44
C SER A 3 3.04 -9.01 -17.27
N GLY A 4 3.83 -8.71 -16.25
CA GLY A 4 4.22 -7.33 -15.98
C GLY A 4 4.36 -7.04 -14.50
N SER A 5 5.46 -7.51 -13.91
CA SER A 5 5.71 -7.31 -12.49
C SER A 5 7.20 -7.05 -12.23
N SER A 6 7.49 -6.02 -11.45
CA SER A 6 8.87 -5.67 -11.12
C SER A 6 8.91 -4.53 -10.12
N GLY A 7 9.91 -4.58 -9.23
CA GLY A 7 10.06 -3.54 -8.22
C GLY A 7 9.16 -3.78 -7.02
N PRO A 8 9.33 -2.95 -5.98
CA PRO A 8 8.54 -3.05 -4.75
C PRO A 8 7.08 -2.66 -4.96
N LYS A 9 6.19 -3.33 -4.24
CA LYS A 9 4.76 -3.05 -4.35
C LYS A 9 4.35 -1.91 -3.42
N ALA A 10 3.99 -0.78 -4.01
CA ALA A 10 3.57 0.39 -3.23
C ALA A 10 2.51 0.01 -2.20
N PRO A 11 2.86 0.13 -0.91
CA PRO A 11 1.95 -0.19 0.19
C PRO A 11 0.81 0.81 0.31
N VAL A 12 -0.15 0.51 1.18
CA VAL A 12 -1.30 1.39 1.39
C VAL A 12 -1.03 2.36 2.54
N THR A 13 -1.91 3.35 2.67
CA THR A 13 -1.77 4.35 3.73
C THR A 13 -2.63 3.98 4.94
N GLY A 14 -2.15 4.32 6.12
CA GLY A 14 -2.88 4.02 7.34
C GLY A 14 -4.39 4.14 7.16
N TYR A 15 -4.80 5.12 6.37
CA TYR A 15 -6.22 5.34 6.12
C TYR A 15 -6.84 4.17 5.38
N VAL A 16 -6.24 3.82 4.25
CA VAL A 16 -6.72 2.70 3.43
C VAL A 16 -6.53 1.37 4.17
N ARG A 17 -5.34 1.17 4.72
CA ARG A 17 -5.03 -0.05 5.44
C ARG A 17 -6.21 -0.48 6.32
N PHE A 18 -6.69 0.45 7.14
CA PHE A 18 -7.80 0.17 8.04
C PHE A 18 -9.05 -0.24 7.24
N LEU A 19 -9.28 0.46 6.14
CA LEU A 19 -10.43 0.18 5.29
C LEU A 19 -10.37 -1.24 4.73
N ASN A 20 -9.17 -1.66 4.33
CA ASN A 20 -8.98 -3.00 3.79
C ASN A 20 -9.19 -4.06 4.86
N GLU A 21 -8.84 -3.71 6.09
CA GLU A 21 -9.00 -4.64 7.21
C GLU A 21 -10.46 -4.85 7.54
N ARG A 22 -11.20 -3.76 7.67
CA ARG A 22 -12.62 -3.83 7.99
C ARG A 22 -13.43 -4.38 6.81
N ARG A 23 -13.00 -4.03 5.60
CA ARG A 23 -13.67 -4.49 4.39
C ARG A 23 -14.13 -5.93 4.53
N GLU A 24 -13.44 -6.68 5.39
CA GLU A 24 -13.78 -8.08 5.61
C GLU A 24 -14.94 -8.21 6.59
N GLN A 25 -14.80 -7.59 7.76
CA GLN A 25 -15.84 -7.64 8.77
C GLN A 25 -17.19 -7.18 8.21
N ILE A 26 -17.14 -6.18 7.33
CA ILE A 26 -18.35 -5.65 6.71
C ILE A 26 -18.95 -6.66 5.73
N ARG A 27 -18.09 -7.33 4.98
CA ARG A 27 -18.53 -8.32 4.01
C ARG A 27 -19.35 -9.43 4.69
N THR A 28 -18.77 -10.04 5.71
CA THR A 28 -19.44 -11.11 6.44
C THR A 28 -20.87 -10.72 6.78
N ARG A 29 -21.05 -9.51 7.28
CA ARG A 29 -22.38 -9.02 7.65
C ARG A 29 -23.21 -8.72 6.40
N HIS A 30 -22.73 -7.81 5.57
CA HIS A 30 -23.44 -7.44 4.34
C HIS A 30 -22.67 -7.91 3.12
N PRO A 31 -22.79 -9.21 2.80
CA PRO A 31 -22.13 -9.82 1.64
C PRO A 31 -22.71 -9.34 0.32
N ASP A 32 -23.72 -8.49 0.40
CA ASP A 32 -24.36 -7.95 -0.80
C ASP A 32 -23.87 -6.54 -1.09
N LEU A 33 -23.30 -5.90 -0.09
CA LEU A 33 -22.79 -4.54 -0.24
C LEU A 33 -21.57 -4.52 -1.17
N PRO A 34 -21.71 -3.83 -2.29
CA PRO A 34 -20.63 -3.71 -3.29
C PRO A 34 -19.48 -2.85 -2.78
N PHE A 35 -18.34 -2.96 -3.47
CA PHE A 35 -17.16 -2.18 -3.09
C PHE A 35 -17.53 -0.75 -2.73
N PRO A 36 -18.16 -0.05 -3.69
CA PRO A 36 -18.58 1.35 -3.50
C PRO A 36 -19.74 1.47 -2.52
N GLU A 37 -19.93 0.44 -1.69
CA GLU A 37 -20.99 0.44 -0.71
C GLU A 37 -20.46 0.04 0.67
N ILE A 38 -19.35 -0.69 0.68
CA ILE A 38 -18.75 -1.13 1.94
C ILE A 38 -17.76 -0.08 2.45
N THR A 39 -17.02 0.54 1.54
CA THR A 39 -16.04 1.55 1.91
C THR A 39 -16.73 2.79 2.48
N LYS A 40 -17.79 3.23 1.82
CA LYS A 40 -18.53 4.41 2.26
C LYS A 40 -18.92 4.29 3.72
N MET A 41 -19.17 3.06 4.17
CA MET A 41 -19.55 2.81 5.55
C MET A 41 -18.33 2.93 6.48
N LEU A 42 -17.22 2.36 6.04
CA LEU A 42 -15.99 2.40 6.83
C LEU A 42 -15.47 3.83 6.96
N GLY A 43 -15.51 4.57 5.86
CA GLY A 43 -15.05 5.94 5.87
C GLY A 43 -15.59 6.73 7.05
N ALA A 44 -16.71 6.28 7.59
CA ALA A 44 -17.34 6.95 8.73
C ALA A 44 -16.66 6.55 10.04
N GLU A 45 -16.26 5.28 10.13
CA GLU A 45 -15.61 4.77 11.33
C GLU A 45 -14.27 5.47 11.55
N TRP A 46 -13.53 5.69 10.48
CA TRP A 46 -12.23 6.35 10.57
C TRP A 46 -12.35 7.68 11.31
N SER A 47 -13.40 8.43 11.01
CA SER A 47 -13.61 9.72 11.65
C SER A 47 -14.08 9.55 13.08
N LYS A 48 -14.71 8.42 13.36
CA LYS A 48 -15.21 8.12 14.70
C LYS A 48 -14.27 7.18 15.44
N LEU A 49 -13.06 7.01 14.90
CA LEU A 49 -12.05 6.14 15.51
C LEU A 49 -11.48 6.79 16.76
N GLN A 50 -10.89 5.96 17.62
CA GLN A 50 -10.30 6.45 18.86
C GLN A 50 -8.97 7.16 18.59
N PRO A 51 -8.58 8.03 19.52
CA PRO A 51 -7.33 8.80 19.41
C PRO A 51 -6.09 7.92 19.55
N ALA A 52 -6.31 6.62 19.75
CA ALA A 52 -5.21 5.67 19.90
C ALA A 52 -5.13 4.73 18.71
N GLU A 53 -6.29 4.39 18.15
CA GLU A 53 -6.36 3.49 17.01
C GLU A 53 -6.04 4.23 15.71
N LYS A 54 -6.77 5.31 15.47
CA LYS A 54 -6.57 6.11 14.27
C LYS A 54 -5.11 6.50 14.11
N GLN A 55 -4.47 6.87 15.22
CA GLN A 55 -3.06 7.27 15.20
C GLN A 55 -2.17 6.06 14.91
N ARG A 56 -2.39 4.98 15.64
CA ARG A 56 -1.61 3.76 15.47
C ARG A 56 -1.62 3.32 14.00
N TYR A 57 -2.77 3.45 13.35
CA TYR A 57 -2.92 3.05 11.95
C TYR A 57 -1.95 3.82 11.07
N LEU A 58 -1.73 5.09 11.41
CA LEU A 58 -0.81 5.94 10.65
C LEU A 58 0.62 5.43 10.74
N ASP A 59 1.13 5.38 11.97
CA ASP A 59 2.50 4.91 12.21
C ASP A 59 2.68 3.49 11.68
N GLU A 60 1.78 2.60 12.07
CA GLU A 60 1.85 1.21 11.64
C GLU A 60 2.11 1.12 10.14
N ALA A 61 1.23 1.74 9.35
CA ALA A 61 1.36 1.73 7.90
C ALA A 61 2.73 2.24 7.48
N GLU A 62 3.10 3.42 7.98
CA GLU A 62 4.39 4.02 7.64
C GLU A 62 5.50 2.96 7.66
N LYS A 63 5.61 2.25 8.78
CA LYS A 63 6.62 1.22 8.94
C LYS A 63 6.75 0.39 7.66
N GLU A 64 5.61 0.08 7.06
CA GLU A 64 5.59 -0.72 5.83
C GLU A 64 6.24 0.04 4.68
N LYS A 65 5.93 1.33 4.58
CA LYS A 65 6.48 2.17 3.53
C LYS A 65 8.00 2.06 3.47
N GLN A 66 8.64 2.26 4.61
CA GLN A 66 10.10 2.17 4.70
C GLN A 66 10.62 0.93 3.98
N GLN A 67 9.94 -0.20 4.20
CA GLN A 67 10.32 -1.45 3.56
C GLN A 67 10.31 -1.33 2.05
N TYR A 68 9.18 -0.90 1.51
CA TYR A 68 9.04 -0.74 0.07
C TYR A 68 10.15 0.14 -0.50
N LEU A 69 10.47 1.21 0.21
CA LEU A 69 11.51 2.13 -0.22
C LEU A 69 12.82 1.39 -0.47
N LYS A 70 13.30 0.70 0.55
CA LYS A 70 14.55 -0.06 0.44
C LYS A 70 14.55 -0.93 -0.82
N GLU A 71 13.57 -1.83 -0.91
CA GLU A 71 13.46 -2.71 -2.07
C GLU A 71 13.69 -1.95 -3.36
N LEU A 72 12.89 -0.92 -3.59
CA LEU A 72 13.01 -0.11 -4.80
C LEU A 72 14.46 -0.04 -5.27
N TRP A 73 15.26 0.73 -4.56
CA TRP A 73 16.68 0.88 -4.89
C TRP A 73 17.47 -0.36 -4.50
N ALA A 74 17.38 -0.74 -3.23
CA ALA A 74 18.09 -1.91 -2.73
C ALA A 74 18.19 -2.99 -3.80
N TYR A 75 17.14 -3.11 -4.62
CA TYR A 75 17.10 -4.10 -5.68
C TYR A 75 17.79 -3.58 -6.93
N GLN A 76 17.41 -2.37 -7.34
CA GLN A 76 17.99 -1.76 -8.53
C GLN A 76 19.50 -1.94 -8.56
N GLN A 77 20.11 -2.00 -7.38
CA GLN A 77 21.55 -2.16 -7.26
C GLN A 77 21.97 -3.58 -7.66
N SER A 78 21.14 -4.55 -7.31
CA SER A 78 21.42 -5.95 -7.63
C SER A 78 22.02 -6.08 -9.02
N GLU A 79 23.08 -6.87 -9.13
CA GLU A 79 23.75 -7.08 -10.40
C GLU A 79 22.77 -7.58 -11.46
N ALA A 80 21.97 -8.58 -11.08
CA ALA A 80 20.99 -9.16 -11.98
C ALA A 80 20.23 -8.06 -12.73
N TYR A 81 20.01 -6.93 -12.06
CA TYR A 81 19.29 -5.81 -12.65
C TYR A 81 20.13 -5.15 -13.74
N LYS A 82 21.40 -4.91 -13.44
CA LYS A 82 22.31 -4.28 -14.38
C LYS A 82 22.65 -5.23 -15.54
N VAL A 83 23.13 -6.42 -15.19
CA VAL A 83 23.50 -7.41 -16.20
C VAL A 83 22.43 -7.51 -17.28
N CYS A 84 21.16 -7.53 -16.86
CA CYS A 84 20.05 -7.62 -17.78
C CYS A 84 20.03 -6.43 -18.73
N THR A 85 19.24 -6.55 -19.80
CA THR A 85 19.13 -5.47 -20.79
C THR A 85 18.83 -4.14 -20.11
N GLU A 86 19.78 -3.20 -20.23
CA GLU A 86 19.61 -1.87 -19.63
C GLU A 86 20.74 -0.95 -20.07
N SER A 87 20.37 0.25 -20.52
CA SER A 87 21.34 1.24 -20.97
C SER A 87 22.54 1.28 -20.03
N GLY A 88 23.74 1.13 -20.59
CA GLY A 88 24.94 1.16 -19.79
C GLY A 88 26.02 2.06 -20.38
N PRO A 89 25.90 3.37 -20.12
CA PRO A 89 26.86 4.37 -20.62
C PRO A 89 28.22 4.25 -19.95
N SER A 90 28.21 3.96 -18.65
CA SER A 90 29.45 3.82 -17.89
C SER A 90 30.47 3.01 -18.67
N SER A 91 31.58 3.66 -19.02
CA SER A 91 32.65 3.00 -19.78
C SER A 91 33.20 1.80 -19.00
N GLY A 92 33.76 2.08 -17.82
CA GLY A 92 34.31 1.01 -17.00
C GLY A 92 35.72 1.33 -16.51
N GLY A 1 -2.91 -7.25 -5.04
CA GLY A 1 -2.56 -8.10 -6.17
C GLY A 1 -2.29 -7.32 -7.44
N SER A 2 -1.13 -6.70 -7.52
CA SER A 2 -0.76 -5.90 -8.68
C SER A 2 0.62 -6.30 -9.20
N SER A 3 0.84 -6.10 -10.49
CA SER A 3 2.11 -6.44 -11.12
C SER A 3 2.26 -5.76 -12.48
N GLY A 4 3.17 -4.79 -12.55
CA GLY A 4 3.38 -4.08 -13.80
C GLY A 4 3.25 -2.59 -13.63
N SER A 5 4.13 -1.99 -12.83
CA SER A 5 4.09 -0.55 -12.59
C SER A 5 5.50 0.03 -12.59
N SER A 6 5.60 1.33 -12.86
CA SER A 6 6.89 2.01 -12.88
C SER A 6 7.36 2.34 -11.46
N GLY A 7 8.65 2.63 -11.32
CA GLY A 7 9.20 2.97 -10.02
C GLY A 7 8.65 2.08 -8.92
N PRO A 8 8.72 2.56 -7.67
CA PRO A 8 8.24 1.82 -6.51
C PRO A 8 6.72 1.71 -6.48
N LYS A 9 6.22 0.72 -5.74
CA LYS A 9 4.79 0.50 -5.64
C LYS A 9 4.20 1.24 -4.43
N ALA A 10 3.45 2.29 -4.69
CA ALA A 10 2.83 3.07 -3.62
C ALA A 10 1.97 2.19 -2.72
N PRO A 11 2.43 1.97 -1.49
CA PRO A 11 1.72 1.15 -0.50
C PRO A 11 0.44 1.82 0.00
N VAL A 12 -0.17 1.23 1.02
CA VAL A 12 -1.40 1.78 1.58
C VAL A 12 -1.11 2.57 2.85
N THR A 13 -1.77 3.72 2.98
CA THR A 13 -1.59 4.58 4.15
C THR A 13 -2.53 4.18 5.28
N GLY A 14 -2.29 4.74 6.47
CA GLY A 14 -3.13 4.43 7.61
C GLY A 14 -4.61 4.46 7.27
N TYR A 15 -4.95 5.14 6.18
CA TYR A 15 -6.34 5.24 5.75
C TYR A 15 -6.79 3.96 5.03
N VAL A 16 -6.25 3.74 3.84
CA VAL A 16 -6.59 2.56 3.05
C VAL A 16 -6.28 1.28 3.83
N ARG A 17 -5.18 1.30 4.58
CA ARG A 17 -4.77 0.14 5.36
C ARG A 17 -5.91 -0.32 6.28
N PHE A 18 -6.62 0.64 6.86
CA PHE A 18 -7.72 0.34 7.76
C PHE A 18 -8.99 0.05 6.97
N LEU A 19 -9.09 0.62 5.78
CA LEU A 19 -10.26 0.43 4.93
C LEU A 19 -10.37 -1.02 4.48
N ASN A 20 -9.24 -1.60 4.06
CA ASN A 20 -9.21 -2.98 3.62
C ASN A 20 -9.48 -3.94 4.77
N GLU A 21 -8.77 -3.73 5.88
CA GLU A 21 -8.93 -4.57 7.05
C GLU A 21 -10.41 -4.69 7.45
N ARG A 22 -11.07 -3.54 7.57
CA ARG A 22 -12.47 -3.50 7.93
C ARG A 22 -13.35 -3.97 6.78
N ARG A 23 -13.03 -3.51 5.58
CA ARG A 23 -13.79 -3.89 4.39
C ARG A 23 -14.18 -5.36 4.42
N GLU A 24 -13.40 -6.15 5.15
CA GLU A 24 -13.67 -7.58 5.27
C GLU A 24 -14.74 -7.85 6.32
N GLN A 25 -14.51 -7.36 7.53
CA GLN A 25 -15.46 -7.55 8.62
C GLN A 25 -16.89 -7.25 8.16
N ILE A 26 -17.03 -6.26 7.29
CA ILE A 26 -18.34 -5.88 6.77
C ILE A 26 -18.89 -6.96 5.85
N ARG A 27 -18.11 -7.33 4.84
CA ARG A 27 -18.54 -8.35 3.89
C ARG A 27 -19.22 -9.51 4.60
N THR A 28 -18.74 -9.84 5.79
CA THR A 28 -19.29 -10.92 6.58
C THR A 28 -20.71 -10.60 7.04
N ARG A 29 -20.91 -9.37 7.51
CA ARG A 29 -22.21 -8.94 7.99
C ARG A 29 -23.14 -8.64 6.81
N HIS A 30 -22.69 -7.77 5.92
CA HIS A 30 -23.48 -7.41 4.74
C HIS A 30 -22.88 -8.00 3.48
N PRO A 31 -23.18 -9.28 3.22
CA PRO A 31 -22.68 -9.99 2.04
C PRO A 31 -23.31 -9.50 0.75
N ASP A 32 -24.23 -8.53 0.88
CA ASP A 32 -24.90 -7.97 -0.28
C ASP A 32 -24.28 -6.63 -0.68
N LEU A 33 -23.63 -5.98 0.28
CA LEU A 33 -22.98 -4.70 0.02
C LEU A 33 -21.78 -4.86 -0.91
N PRO A 34 -21.83 -4.19 -2.06
CA PRO A 34 -20.75 -4.25 -3.06
C PRO A 34 -19.50 -3.53 -2.58
N PHE A 35 -18.60 -3.22 -3.52
CA PHE A 35 -17.37 -2.53 -3.21
C PHE A 35 -17.63 -1.07 -2.88
N PRO A 36 -18.23 -0.34 -3.83
CA PRO A 36 -18.55 1.08 -3.67
C PRO A 36 -19.67 1.31 -2.66
N GLU A 37 -19.91 0.32 -1.82
CA GLU A 37 -20.95 0.41 -0.81
C GLU A 37 -20.39 0.17 0.59
N ILE A 38 -19.25 -0.52 0.65
CA ILE A 38 -18.61 -0.83 1.92
C ILE A 38 -17.57 0.23 2.28
N THR A 39 -16.69 0.53 1.34
CA THR A 39 -15.65 1.52 1.55
C THR A 39 -16.24 2.87 1.98
N LYS A 40 -17.50 3.10 1.58
CA LYS A 40 -18.18 4.34 1.91
C LYS A 40 -18.57 4.36 3.39
N MET A 41 -18.91 3.19 3.92
CA MET A 41 -19.31 3.06 5.32
C MET A 41 -18.10 3.24 6.24
N LEU A 42 -17.04 2.49 5.97
CA LEU A 42 -15.83 2.56 6.77
C LEU A 42 -15.36 4.00 6.93
N GLY A 43 -15.29 4.73 5.81
CA GLY A 43 -14.87 6.11 5.85
C GLY A 43 -15.38 6.84 7.07
N ALA A 44 -16.65 6.62 7.40
CA ALA A 44 -17.26 7.27 8.55
C ALA A 44 -16.65 6.77 9.85
N GLU A 45 -16.31 5.49 9.88
CA GLU A 45 -15.72 4.88 11.08
C GLU A 45 -14.35 5.49 11.36
N TRP A 46 -13.55 5.65 10.31
CA TRP A 46 -12.21 6.22 10.45
C TRP A 46 -12.24 7.50 11.27
N SER A 47 -13.28 8.30 11.06
CA SER A 47 -13.42 9.56 11.78
C SER A 47 -13.94 9.32 13.20
N LYS A 48 -14.75 8.29 13.36
CA LYS A 48 -15.31 7.94 14.66
C LYS A 48 -14.39 6.98 15.41
N LEU A 49 -13.15 6.85 14.94
CA LEU A 49 -12.18 5.97 15.55
C LEU A 49 -11.66 6.56 16.86
N GLN A 50 -11.00 5.72 17.66
CA GLN A 50 -10.45 6.17 18.94
C GLN A 50 -9.11 6.87 18.73
N PRO A 51 -8.72 7.69 19.72
CA PRO A 51 -7.46 8.44 19.68
C PRO A 51 -6.25 7.52 19.84
N ALA A 52 -6.50 6.23 19.95
CA ALA A 52 -5.43 5.25 20.10
C ALA A 52 -5.30 4.37 18.86
N GLU A 53 -6.43 4.04 18.25
CA GLU A 53 -6.44 3.21 17.06
C GLU A 53 -6.06 4.01 15.83
N LYS A 54 -6.76 5.12 15.61
CA LYS A 54 -6.49 5.98 14.46
C LYS A 54 -5.02 6.38 14.42
N GLN A 55 -4.50 6.82 15.57
CA GLN A 55 -3.11 7.24 15.67
C GLN A 55 -2.17 6.07 15.38
N ARG A 56 -2.55 4.89 15.84
CA ARG A 56 -1.73 3.69 15.63
C ARG A 56 -1.68 3.32 14.16
N TYR A 57 -2.81 3.47 13.48
CA TYR A 57 -2.89 3.14 12.06
C TYR A 57 -1.93 4.00 11.24
N LEU A 58 -1.90 5.29 11.54
CA LEU A 58 -1.02 6.22 10.85
C LEU A 58 0.44 5.78 10.95
N ASP A 59 0.87 5.48 12.17
CA ASP A 59 2.24 5.04 12.41
C ASP A 59 2.53 3.73 11.68
N GLU A 60 1.68 2.74 11.91
CA GLU A 60 1.84 1.43 11.28
C GLU A 60 2.07 1.59 9.77
N ALA A 61 1.14 2.27 9.11
CA ALA A 61 1.23 2.49 7.67
C ALA A 61 2.50 3.27 7.32
N GLU A 62 2.78 4.33 8.07
CA GLU A 62 3.95 5.15 7.83
C GLU A 62 5.18 4.28 7.62
N LYS A 63 5.46 3.40 8.58
CA LYS A 63 6.61 2.50 8.48
C LYS A 63 6.76 1.95 7.08
N GLU A 64 5.63 1.72 6.41
CA GLU A 64 5.63 1.18 5.06
C GLU A 64 5.65 2.31 4.03
N LYS A 65 5.17 3.48 4.42
CA LYS A 65 5.12 4.64 3.54
C LYS A 65 6.53 5.18 3.29
N GLN A 66 7.33 5.24 4.35
CA GLN A 66 8.71 5.74 4.24
C GLN A 66 9.57 4.79 3.42
N GLN A 67 9.42 3.50 3.67
CA GLN A 67 10.18 2.48 2.95
C GLN A 67 10.02 2.65 1.44
N TYR A 68 8.77 2.80 1.00
CA TYR A 68 8.48 2.95 -0.41
C TYR A 68 8.95 4.31 -0.92
N LEU A 69 8.79 5.34 -0.08
CA LEU A 69 9.20 6.69 -0.44
C LEU A 69 10.64 6.70 -0.97
N LYS A 70 11.57 6.30 -0.12
CA LYS A 70 12.98 6.26 -0.49
C LYS A 70 13.17 5.46 -1.77
N GLU A 71 12.30 4.49 -2.00
CA GLU A 71 12.37 3.65 -3.19
C GLU A 71 11.85 4.39 -4.42
N LEU A 72 11.58 5.68 -4.26
CA LEU A 72 11.08 6.50 -5.35
C LEU A 72 12.09 7.57 -5.74
N TRP A 73 12.69 8.21 -4.74
CA TRP A 73 13.68 9.25 -4.99
C TRP A 73 15.10 8.72 -4.78
N ALA A 74 15.31 8.08 -3.63
CA ALA A 74 16.62 7.52 -3.31
C ALA A 74 17.19 6.72 -4.48
N TYR A 75 16.29 6.28 -5.36
CA TYR A 75 16.70 5.50 -6.52
C TYR A 75 16.93 6.39 -7.74
N GLN A 76 15.96 7.24 -8.03
CA GLN A 76 16.05 8.15 -9.17
C GLN A 76 17.35 8.95 -9.11
N GLN A 77 17.69 9.43 -7.92
CA GLN A 77 18.91 10.20 -7.73
C GLN A 77 20.14 9.41 -8.16
N SER A 78 20.03 8.08 -8.11
CA SER A 78 21.13 7.21 -8.48
C SER A 78 21.63 7.54 -9.90
N GLU A 79 22.94 7.53 -10.06
CA GLU A 79 23.55 7.82 -11.36
C GLU A 79 22.99 6.90 -12.44
N ALA A 80 22.84 5.62 -12.10
CA ALA A 80 22.33 4.64 -13.05
C ALA A 80 21.00 5.12 -13.65
N TYR A 81 20.34 6.03 -12.97
CA TYR A 81 19.07 6.56 -13.44
C TYR A 81 19.28 7.70 -14.44
N LYS A 82 20.22 8.58 -14.14
CA LYS A 82 20.53 9.71 -15.00
C LYS A 82 21.25 9.24 -16.27
N VAL A 83 22.23 8.37 -16.09
CA VAL A 83 23.00 7.84 -17.22
C VAL A 83 22.10 7.11 -18.20
N CYS A 84 22.27 7.41 -19.49
CA CYS A 84 21.47 6.78 -20.52
C CYS A 84 22.35 5.96 -21.47
N THR A 85 23.10 6.66 -22.32
CA THR A 85 23.98 5.99 -23.26
C THR A 85 25.40 6.55 -23.18
N GLU A 86 26.36 5.84 -23.77
CA GLU A 86 27.74 6.26 -23.76
C GLU A 86 27.91 7.65 -24.39
N SER A 87 28.49 8.57 -23.65
CA SER A 87 28.70 9.93 -24.13
C SER A 87 30.14 10.38 -23.90
N GLY A 88 30.45 11.58 -24.35
CA GLY A 88 31.80 12.11 -24.18
C GLY A 88 31.87 13.18 -23.11
N PRO A 89 33.10 13.52 -22.69
CA PRO A 89 33.32 14.54 -21.66
C PRO A 89 33.00 15.94 -22.15
N SER A 90 33.24 16.93 -21.31
CA SER A 90 32.97 18.32 -21.66
C SER A 90 34.21 19.19 -21.41
N SER A 91 34.40 20.19 -22.26
CA SER A 91 35.54 21.10 -22.13
C SER A 91 35.25 22.20 -21.12
N GLY A 92 35.93 22.15 -19.99
CA GLY A 92 35.74 23.15 -18.95
C GLY A 92 35.76 22.56 -17.55
N GLY A 1 -2.16 3.34 -11.04
CA GLY A 1 -2.98 2.22 -11.44
C GLY A 1 -2.97 1.09 -10.43
N SER A 2 -4.03 0.28 -10.44
CA SER A 2 -4.14 -0.84 -9.51
C SER A 2 -3.59 -2.12 -10.13
N SER A 3 -3.93 -2.36 -11.39
CA SER A 3 -3.48 -3.56 -12.09
C SER A 3 -2.00 -3.45 -12.44
N GLY A 4 -1.21 -4.41 -11.96
CA GLY A 4 0.21 -4.41 -12.23
C GLY A 4 0.89 -3.14 -11.76
N SER A 5 2.21 -3.14 -11.76
CA SER A 5 2.98 -1.98 -11.32
C SER A 5 4.48 -2.20 -11.54
N SER A 6 5.25 -1.11 -11.50
CA SER A 6 6.69 -1.19 -11.69
C SER A 6 7.42 -0.72 -10.45
N GLY A 7 8.37 -1.53 -9.99
CA GLY A 7 9.15 -1.18 -8.80
C GLY A 7 8.59 -1.80 -7.54
N PRO A 8 8.83 -1.16 -6.40
CA PRO A 8 8.36 -1.64 -5.09
C PRO A 8 6.84 -1.54 -4.95
N LYS A 9 6.23 -2.60 -4.43
CA LYS A 9 4.79 -2.63 -4.25
C LYS A 9 4.36 -1.63 -3.18
N ALA A 10 3.95 -0.44 -3.62
CA ALA A 10 3.51 0.60 -2.70
C ALA A 10 2.47 0.07 -1.72
N PRO A 11 2.77 0.18 -0.42
CA PRO A 11 1.86 -0.28 0.65
C PRO A 11 0.61 0.58 0.76
N VAL A 12 -0.42 0.03 1.39
CA VAL A 12 -1.68 0.74 1.56
C VAL A 12 -1.58 1.77 2.69
N THR A 13 -2.04 2.99 2.41
CA THR A 13 -2.00 4.06 3.39
C THR A 13 -2.76 3.68 4.66
N GLY A 14 -2.18 4.01 5.81
CA GLY A 14 -2.81 3.70 7.08
C GLY A 14 -4.33 3.82 7.02
N TYR A 15 -4.82 4.76 6.20
CA TYR A 15 -6.25 4.98 6.06
C TYR A 15 -6.90 3.80 5.34
N VAL A 16 -6.25 3.33 4.28
CA VAL A 16 -6.78 2.21 3.50
C VAL A 16 -6.62 0.90 4.26
N ARG A 17 -5.40 0.63 4.75
CA ARG A 17 -5.13 -0.58 5.48
C ARG A 17 -6.29 -0.94 6.40
N PHE A 18 -6.80 0.05 7.13
CA PHE A 18 -7.91 -0.17 8.04
C PHE A 18 -9.17 -0.58 7.28
N LEU A 19 -9.42 0.09 6.16
CA LEU A 19 -10.57 -0.20 5.33
C LEU A 19 -10.59 -1.66 4.87
N ASN A 20 -9.46 -2.11 4.34
CA ASN A 20 -9.32 -3.48 3.86
C ASN A 20 -9.54 -4.47 5.01
N GLU A 21 -8.78 -4.30 6.08
CA GLU A 21 -8.89 -5.18 7.24
C GLU A 21 -10.32 -5.23 7.75
N ARG A 22 -10.94 -4.05 7.86
CA ARG A 22 -12.32 -3.96 8.35
C ARG A 22 -13.31 -4.40 7.27
N ARG A 23 -12.89 -4.28 6.01
CA ARG A 23 -13.75 -4.67 4.90
C ARG A 23 -14.33 -6.06 5.11
N GLU A 24 -13.44 -7.05 5.24
CA GLU A 24 -13.86 -8.43 5.46
C GLU A 24 -15.06 -8.50 6.40
N GLN A 25 -14.87 -7.97 7.61
CA GLN A 25 -15.94 -7.97 8.61
C GLN A 25 -17.25 -7.46 8.02
N ILE A 26 -17.14 -6.48 7.12
CA ILE A 26 -18.32 -5.90 6.48
C ILE A 26 -18.86 -6.84 5.40
N ARG A 27 -17.96 -7.44 4.63
CA ARG A 27 -18.36 -8.36 3.57
C ARG A 27 -19.12 -9.55 4.14
N THR A 28 -18.66 -10.08 5.26
CA THR A 28 -19.30 -11.22 5.91
C THR A 28 -20.74 -10.90 6.27
N ARG A 29 -20.97 -9.71 6.81
CA ARG A 29 -22.30 -9.28 7.21
C ARG A 29 -23.15 -8.96 5.98
N HIS A 30 -22.62 -8.09 5.12
CA HIS A 30 -23.34 -7.69 3.90
C HIS A 30 -22.53 -8.07 2.65
N PRO A 31 -22.64 -9.34 2.25
CA PRO A 31 -21.93 -9.85 1.06
C PRO A 31 -22.49 -9.28 -0.23
N ASP A 32 -23.51 -8.44 -0.12
CA ASP A 32 -24.13 -7.83 -1.29
C ASP A 32 -23.64 -6.40 -1.47
N LEU A 33 -23.29 -5.74 -0.37
CA LEU A 33 -22.81 -4.37 -0.41
C LEU A 33 -21.63 -4.24 -1.37
N PRO A 34 -21.82 -3.44 -2.44
CA PRO A 34 -20.79 -3.20 -3.45
C PRO A 34 -19.62 -2.38 -2.91
N PHE A 35 -18.50 -2.42 -3.63
CA PHE A 35 -17.32 -1.67 -3.23
C PHE A 35 -17.69 -0.27 -2.72
N PRO A 36 -18.35 0.51 -3.58
CA PRO A 36 -18.79 1.86 -3.24
C PRO A 36 -19.91 1.88 -2.20
N GLU A 37 -20.05 0.77 -1.48
CA GLU A 37 -21.08 0.66 -0.45
C GLU A 37 -20.49 0.15 0.86
N ILE A 38 -19.34 -0.50 0.76
CA ILE A 38 -18.66 -1.04 1.94
C ILE A 38 -17.67 -0.04 2.53
N THR A 39 -17.07 0.77 1.65
CA THR A 39 -16.11 1.77 2.07
C THR A 39 -16.79 2.94 2.77
N LYS A 40 -17.94 3.34 2.23
CA LYS A 40 -18.70 4.46 2.79
C LYS A 40 -19.07 4.17 4.24
N MET A 41 -19.22 2.89 4.57
CA MET A 41 -19.58 2.49 5.94
C MET A 41 -18.35 2.52 6.84
N LEU A 42 -17.27 1.89 6.40
CA LEU A 42 -16.03 1.84 7.18
C LEU A 42 -15.44 3.23 7.33
N GLY A 43 -15.68 4.09 6.34
CA GLY A 43 -15.15 5.44 6.38
C GLY A 43 -15.61 6.21 7.60
N ALA A 44 -16.93 6.21 7.83
CA ALA A 44 -17.50 6.90 8.98
C ALA A 44 -16.81 6.49 10.27
N GLU A 45 -16.38 5.24 10.34
CA GLU A 45 -15.70 4.73 11.52
C GLU A 45 -14.34 5.40 11.71
N TRP A 46 -13.60 5.54 10.63
CA TRP A 46 -12.29 6.16 10.67
C TRP A 46 -12.37 7.57 11.25
N SER A 47 -13.41 8.31 10.86
CA SER A 47 -13.60 9.66 11.34
C SER A 47 -14.05 9.67 12.80
N LYS A 48 -14.61 8.56 13.24
CA LYS A 48 -15.09 8.43 14.62
C LYS A 48 -14.10 7.60 15.44
N LEU A 49 -12.88 7.49 14.96
CA LEU A 49 -11.84 6.73 15.66
C LEU A 49 -11.27 7.53 16.83
N GLN A 50 -10.64 6.83 17.77
CA GLN A 50 -10.04 7.49 18.93
C GLN A 50 -8.70 8.11 18.56
N PRO A 51 -8.26 9.08 19.39
CA PRO A 51 -6.99 9.79 19.17
C PRO A 51 -5.78 8.89 19.42
N ALA A 52 -6.04 7.62 19.74
CA ALA A 52 -4.98 6.67 20.00
C ALA A 52 -4.94 5.58 18.93
N GLU A 53 -6.12 5.18 18.47
CA GLU A 53 -6.23 4.14 17.44
C GLU A 53 -5.92 4.71 16.07
N LYS A 54 -6.63 5.77 15.69
CA LYS A 54 -6.43 6.40 14.40
C LYS A 54 -4.95 6.67 14.14
N GLN A 55 -4.26 7.14 15.16
CA GLN A 55 -2.83 7.43 15.05
C GLN A 55 -2.03 6.16 14.82
N ARG A 56 -2.33 5.13 15.62
CA ARG A 56 -1.64 3.85 15.51
C ARG A 56 -1.68 3.33 14.08
N TYR A 57 -2.85 3.42 13.45
CA TYR A 57 -3.03 2.96 12.09
C TYR A 57 -2.06 3.66 11.14
N LEU A 58 -1.96 4.98 11.29
CA LEU A 58 -1.07 5.77 10.45
C LEU A 58 0.36 5.28 10.55
N ASP A 59 0.78 4.95 11.77
CA ASP A 59 2.13 4.46 12.01
C ASP A 59 2.33 3.08 11.40
N GLU A 60 1.37 2.19 11.64
CA GLU A 60 1.44 0.84 11.11
C GLU A 60 1.78 0.85 9.62
N ALA A 61 1.06 1.67 8.86
CA ALA A 61 1.28 1.78 7.43
C ALA A 61 2.61 2.46 7.14
N GLU A 62 2.87 3.57 7.81
CA GLU A 62 4.11 4.32 7.62
C GLU A 62 5.32 3.39 7.66
N LYS A 63 5.46 2.66 8.76
CA LYS A 63 6.57 1.73 8.93
C LYS A 63 6.81 0.94 7.65
N GLU A 64 5.73 0.41 7.08
CA GLU A 64 5.83 -0.37 5.85
C GLU A 64 6.42 0.47 4.71
N LYS A 65 5.98 1.71 4.61
CA LYS A 65 6.46 2.62 3.58
C LYS A 65 7.98 2.57 3.48
N GLN A 66 8.64 2.79 4.62
CA GLN A 66 10.09 2.78 4.66
C GLN A 66 10.67 1.72 3.72
N GLN A 67 10.17 0.50 3.84
CA GLN A 67 10.64 -0.60 3.00
C GLN A 67 10.46 -0.26 1.52
N TYR A 68 9.23 0.01 1.12
CA TYR A 68 8.94 0.35 -0.26
C TYR A 68 9.86 1.45 -0.77
N LEU A 69 9.89 2.57 -0.05
CA LEU A 69 10.73 3.70 -0.42
C LEU A 69 12.14 3.23 -0.77
N LYS A 70 12.79 2.56 0.17
CA LYS A 70 14.14 2.05 -0.04
C LYS A 70 14.24 1.32 -1.38
N GLU A 71 13.46 0.25 -1.51
CA GLU A 71 13.47 -0.54 -2.75
C GLU A 71 13.40 0.36 -3.98
N LEU A 72 12.37 1.19 -4.04
CA LEU A 72 12.20 2.12 -5.16
C LEU A 72 13.55 2.54 -5.73
N TRP A 73 14.23 3.43 -5.02
CA TRP A 73 15.53 3.92 -5.45
C TRP A 73 16.60 2.84 -5.28
N ALA A 74 16.70 2.30 -4.07
CA ALA A 74 17.68 1.26 -3.78
C ALA A 74 17.85 0.31 -4.97
N TYR A 75 16.78 0.15 -5.73
CA TYR A 75 16.80 -0.73 -6.89
C TYR A 75 17.28 0.01 -8.13
N GLN A 76 16.72 1.20 -8.36
CA GLN A 76 17.09 2.01 -9.51
C GLN A 76 18.61 2.13 -9.63
N GLN A 77 19.31 1.86 -8.53
CA GLN A 77 20.76 1.93 -8.52
C GLN A 77 21.38 0.63 -9.01
N SER A 78 20.79 -0.49 -8.60
CA SER A 78 21.29 -1.80 -8.99
C SER A 78 21.82 -1.77 -10.43
N GLU A 79 23.07 -2.20 -10.59
CA GLU A 79 23.69 -2.23 -11.91
C GLU A 79 22.76 -2.84 -12.95
N ALA A 80 22.22 -4.01 -12.62
CA ALA A 80 21.31 -4.71 -13.52
C ALA A 80 20.36 -3.73 -14.20
N TYR A 81 20.01 -2.66 -13.49
CA TYR A 81 19.11 -1.65 -14.04
C TYR A 81 19.75 -0.90 -15.20
N LYS A 82 21.01 -0.53 -15.02
CA LYS A 82 21.75 0.19 -16.04
C LYS A 82 22.10 -0.72 -17.21
N VAL A 83 22.83 -1.80 -16.92
CA VAL A 83 23.23 -2.75 -17.95
C VAL A 83 22.05 -3.14 -18.83
N CYS A 84 20.87 -3.23 -18.22
CA CYS A 84 19.66 -3.59 -18.94
C CYS A 84 19.11 -2.39 -19.71
N THR A 85 18.53 -2.66 -20.87
CA THR A 85 17.96 -1.62 -21.71
C THR A 85 19.04 -0.64 -22.18
N GLU A 86 20.22 -1.17 -22.46
CA GLU A 86 21.34 -0.35 -22.93
C GLU A 86 21.28 -0.16 -24.43
N SER A 87 22.08 0.78 -24.94
CA SER A 87 22.12 1.06 -26.37
C SER A 87 23.53 0.86 -26.92
N GLY A 88 23.62 0.73 -28.24
CA GLY A 88 24.91 0.53 -28.88
C GLY A 88 26.00 1.38 -28.26
N PRO A 89 25.83 2.71 -28.33
CA PRO A 89 26.80 3.66 -27.78
C PRO A 89 26.83 3.65 -26.26
N SER A 90 27.87 3.05 -25.69
CA SER A 90 28.00 2.97 -24.23
C SER A 90 29.17 3.83 -23.75
N SER A 91 29.00 4.44 -22.58
CA SER A 91 30.03 5.29 -22.01
C SER A 91 30.49 4.76 -20.65
N GLY A 92 31.59 5.30 -20.14
CA GLY A 92 32.11 4.87 -18.86
C GLY A 92 33.08 3.70 -18.99
N GLY A 1 -3.47 -10.77 -12.20
CA GLY A 1 -3.33 -9.35 -12.49
C GLY A 1 -1.87 -8.92 -12.58
N SER A 2 -1.62 -7.65 -12.31
CA SER A 2 -0.26 -7.11 -12.37
C SER A 2 0.35 -7.04 -10.97
N SER A 3 -0.27 -6.26 -10.10
CA SER A 3 0.22 -6.10 -8.74
C SER A 3 1.61 -5.49 -8.72
N GLY A 4 1.82 -4.47 -9.55
CA GLY A 4 3.11 -3.82 -9.62
C GLY A 4 3.87 -4.16 -10.90
N SER A 5 3.46 -3.54 -12.00
CA SER A 5 4.09 -3.79 -13.29
C SER A 5 5.53 -3.25 -13.30
N SER A 6 5.67 -1.98 -12.92
CA SER A 6 6.98 -1.34 -12.89
C SER A 6 7.23 -0.68 -11.54
N GLY A 7 8.51 -0.55 -11.18
CA GLY A 7 8.86 0.07 -9.92
C GLY A 7 8.12 -0.55 -8.74
N PRO A 8 8.27 0.05 -7.56
CA PRO A 8 7.62 -0.43 -6.33
C PRO A 8 6.11 -0.21 -6.36
N LYS A 9 5.38 -1.07 -5.66
CA LYS A 9 3.93 -0.98 -5.59
C LYS A 9 3.50 -0.18 -4.38
N ALA A 10 2.97 1.02 -4.62
CA ALA A 10 2.51 1.88 -3.54
C ALA A 10 1.69 1.09 -2.51
N PRO A 11 2.26 0.92 -1.31
CA PRO A 11 1.61 0.19 -0.23
C PRO A 11 0.41 0.94 0.34
N VAL A 12 -0.40 0.25 1.14
CA VAL A 12 -1.57 0.86 1.75
C VAL A 12 -1.21 1.64 3.00
N THR A 13 -1.64 2.90 3.06
CA THR A 13 -1.35 3.76 4.19
C THR A 13 -2.34 3.50 5.33
N GLY A 14 -1.97 3.95 6.53
CA GLY A 14 -2.84 3.75 7.68
C GLY A 14 -4.30 3.84 7.33
N TYR A 15 -4.64 4.74 6.41
CA TYR A 15 -6.02 4.93 5.99
C TYR A 15 -6.56 3.67 5.32
N VAL A 16 -5.93 3.27 4.21
CA VAL A 16 -6.34 2.08 3.48
C VAL A 16 -6.13 0.82 4.31
N ARG A 17 -4.92 0.66 4.84
CA ARG A 17 -4.59 -0.51 5.66
C ARG A 17 -5.76 -0.88 6.56
N PHE A 18 -6.35 0.13 7.19
CA PHE A 18 -7.48 -0.09 8.10
C PHE A 18 -8.75 -0.43 7.31
N LEU A 19 -9.00 0.35 6.26
CA LEU A 19 -10.17 0.14 5.42
C LEU A 19 -10.27 -1.31 4.97
N ASN A 20 -9.13 -1.89 4.62
CA ASN A 20 -9.09 -3.28 4.16
C ASN A 20 -9.43 -4.23 5.30
N GLU A 21 -8.58 -4.26 6.33
CA GLU A 21 -8.80 -5.13 7.48
C GLU A 21 -10.28 -5.13 7.88
N ARG A 22 -10.89 -3.95 7.91
CA ARG A 22 -12.28 -3.82 8.28
C ARG A 22 -13.20 -4.22 7.12
N ARG A 23 -12.80 -3.86 5.90
CA ARG A 23 -13.57 -4.18 4.71
C ARG A 23 -14.09 -5.61 4.77
N GLU A 24 -13.25 -6.52 5.27
CA GLU A 24 -13.63 -7.93 5.38
C GLU A 24 -14.79 -8.10 6.35
N GLN A 25 -14.76 -7.35 7.44
CA GLN A 25 -15.81 -7.43 8.45
C GLN A 25 -17.15 -7.00 7.87
N ILE A 26 -17.12 -6.01 6.98
CA ILE A 26 -18.33 -5.51 6.35
C ILE A 26 -18.90 -6.52 5.35
N ARG A 27 -18.00 -7.20 4.64
CA ARG A 27 -18.41 -8.19 3.66
C ARG A 27 -19.03 -9.41 4.33
N THR A 28 -18.42 -9.84 5.43
CA THR A 28 -18.91 -11.00 6.17
C THR A 28 -20.34 -10.77 6.66
N ARG A 29 -20.64 -9.54 7.06
CA ARG A 29 -21.97 -9.19 7.54
C ARG A 29 -22.92 -8.91 6.39
N HIS A 30 -22.47 -8.08 5.45
CA HIS A 30 -23.28 -7.75 4.28
C HIS A 30 -22.56 -8.11 2.99
N PRO A 31 -22.63 -9.39 2.61
CA PRO A 31 -21.99 -9.90 1.40
C PRO A 31 -22.67 -9.38 0.13
N ASP A 32 -23.73 -8.60 0.30
CA ASP A 32 -24.46 -8.05 -0.82
C ASP A 32 -24.05 -6.60 -1.08
N LEU A 33 -23.58 -5.93 -0.04
CA LEU A 33 -23.15 -4.54 -0.15
C LEU A 33 -22.07 -4.38 -1.22
N PRO A 34 -22.37 -3.59 -2.25
CA PRO A 34 -21.42 -3.34 -3.35
C PRO A 34 -20.23 -2.50 -2.91
N PHE A 35 -19.18 -2.50 -3.73
CA PHE A 35 -17.98 -1.73 -3.42
C PHE A 35 -18.35 -0.34 -2.89
N PRO A 36 -19.10 0.42 -3.69
CA PRO A 36 -19.53 1.76 -3.32
C PRO A 36 -20.56 1.76 -2.20
N GLU A 37 -20.62 0.65 -1.47
CA GLU A 37 -21.56 0.53 -0.36
C GLU A 37 -20.86 0.03 0.90
N ILE A 38 -19.69 -0.58 0.72
CA ILE A 38 -18.92 -1.09 1.84
C ILE A 38 -17.90 -0.07 2.33
N THR A 39 -17.34 0.69 1.39
CA THR A 39 -16.34 1.70 1.72
C THR A 39 -17.00 2.90 2.42
N LYS A 40 -18.20 3.25 1.97
CA LYS A 40 -18.93 4.37 2.56
C LYS A 40 -19.17 4.15 4.05
N MET A 41 -19.35 2.88 4.43
CA MET A 41 -19.58 2.53 5.83
C MET A 41 -18.28 2.56 6.62
N LEU A 42 -17.18 2.22 5.96
CA LEU A 42 -15.87 2.22 6.61
C LEU A 42 -15.33 3.64 6.75
N GLY A 43 -15.13 4.31 5.63
CA GLY A 43 -14.62 5.67 5.65
C GLY A 43 -15.20 6.48 6.79
N ALA A 44 -16.49 6.31 7.04
CA ALA A 44 -17.16 7.04 8.12
C ALA A 44 -16.61 6.64 9.48
N GLU A 45 -16.31 5.35 9.64
CA GLU A 45 -15.78 4.85 10.90
C GLU A 45 -14.41 5.45 11.20
N TRP A 46 -13.56 5.50 10.18
CA TRP A 46 -12.22 6.06 10.32
C TRP A 46 -12.26 7.37 11.10
N SER A 47 -13.25 8.20 10.81
CA SER A 47 -13.41 9.48 11.48
C SER A 47 -13.92 9.30 12.91
N LYS A 48 -14.66 8.23 13.12
CA LYS A 48 -15.21 7.93 14.44
C LYS A 48 -14.25 7.08 15.26
N LEU A 49 -13.00 7.04 14.82
CA LEU A 49 -11.98 6.26 15.51
C LEU A 49 -11.48 6.98 16.75
N GLN A 50 -10.87 6.24 17.66
CA GLN A 50 -10.34 6.82 18.90
C GLN A 50 -9.02 7.53 18.65
N PRO A 51 -8.66 8.45 19.56
CA PRO A 51 -7.42 9.22 19.46
C PRO A 51 -6.18 8.35 19.70
N ALA A 52 -6.40 7.06 19.91
CA ALA A 52 -5.30 6.13 20.14
C ALA A 52 -5.17 5.14 19.00
N GLU A 53 -6.30 4.72 18.45
CA GLU A 53 -6.30 3.77 17.34
C GLU A 53 -5.93 4.46 16.03
N LYS A 54 -6.67 5.51 15.70
CA LYS A 54 -6.42 6.26 14.46
C LYS A 54 -4.93 6.60 14.33
N GLN A 55 -4.35 7.11 15.41
CA GLN A 55 -2.94 7.47 15.41
C GLN A 55 -2.06 6.25 15.14
N ARG A 56 -2.31 5.18 15.88
CA ARG A 56 -1.54 3.95 15.73
C ARG A 56 -1.47 3.53 14.26
N TYR A 57 -2.64 3.36 13.64
CA TYR A 57 -2.71 2.95 12.25
C TYR A 57 -1.73 3.75 11.40
N LEU A 58 -1.85 5.07 11.43
CA LEU A 58 -0.96 5.94 10.68
C LEU A 58 0.50 5.56 10.88
N ASP A 59 0.84 5.20 12.11
CA ASP A 59 2.20 4.80 12.43
C ASP A 59 2.47 3.37 12.00
N GLU A 60 1.41 2.57 11.92
CA GLU A 60 1.54 1.17 11.52
C GLU A 60 1.79 1.07 10.02
N ALA A 61 1.46 2.13 9.28
CA ALA A 61 1.67 2.14 7.84
C ALA A 61 2.91 2.95 7.47
N GLU A 62 3.05 4.12 8.09
CA GLU A 62 4.20 4.99 7.82
C GLU A 62 5.50 4.19 7.84
N LYS A 63 5.55 3.15 8.65
CA LYS A 63 6.72 2.30 8.76
C LYS A 63 6.92 1.48 7.49
N GLU A 64 5.82 0.95 6.97
CA GLU A 64 5.87 0.14 5.74
C GLU A 64 6.20 1.00 4.53
N LYS A 65 5.77 2.26 4.57
CA LYS A 65 6.02 3.19 3.48
C LYS A 65 7.51 3.29 3.18
N GLN A 66 8.32 3.41 4.23
CA GLN A 66 9.76 3.52 4.07
C GLN A 66 10.30 2.36 3.25
N GLN A 67 9.71 1.17 3.43
CA GLN A 67 10.14 -0.01 2.71
C GLN A 67 9.78 0.09 1.23
N TYR A 68 8.88 1.00 0.91
CA TYR A 68 8.44 1.20 -0.47
C TYR A 68 9.27 2.28 -1.14
N LEU A 69 9.72 3.26 -0.36
CA LEU A 69 10.52 4.36 -0.89
C LEU A 69 11.80 3.84 -1.52
N LYS A 70 12.59 3.11 -0.74
CA LYS A 70 13.85 2.55 -1.22
C LYS A 70 13.62 1.72 -2.47
N GLU A 71 12.55 0.93 -2.48
CA GLU A 71 12.23 0.09 -3.62
C GLU A 71 11.99 0.94 -4.87
N LEU A 72 11.90 2.25 -4.67
CA LEU A 72 11.67 3.16 -5.79
C LEU A 72 12.99 3.66 -6.37
N TRP A 73 13.86 4.16 -5.49
CA TRP A 73 15.16 4.67 -5.91
C TRP A 73 16.25 3.61 -5.71
N ALA A 74 16.31 3.06 -4.50
CA ALA A 74 17.31 2.04 -4.18
C ALA A 74 17.37 0.97 -5.27
N TYR A 75 16.29 0.86 -6.05
CA TYR A 75 16.23 -0.12 -7.12
C TYR A 75 16.58 0.52 -8.47
N GLN A 76 15.98 1.68 -8.73
CA GLN A 76 16.23 2.39 -9.98
C GLN A 76 17.72 2.60 -10.20
N GLN A 77 18.41 3.07 -9.16
CA GLN A 77 19.84 3.31 -9.25
C GLN A 77 20.63 2.12 -8.73
N SER A 78 20.67 1.06 -9.53
CA SER A 78 21.40 -0.16 -9.16
C SER A 78 21.80 -0.96 -10.40
N GLU A 79 22.90 -1.69 -10.29
CA GLU A 79 23.39 -2.50 -11.40
C GLU A 79 22.27 -3.35 -11.99
N ALA A 80 21.45 -3.93 -11.10
CA ALA A 80 20.35 -4.78 -11.53
C ALA A 80 19.41 -4.02 -12.47
N TYR A 81 19.11 -2.78 -12.12
CA TYR A 81 18.22 -1.95 -12.93
C TYR A 81 18.60 -2.04 -14.40
N LYS A 82 19.89 -1.93 -14.68
CA LYS A 82 20.39 -2.00 -16.05
C LYS A 82 20.53 -3.45 -16.52
N VAL A 83 21.29 -4.23 -15.77
CA VAL A 83 21.51 -5.63 -16.09
C VAL A 83 21.41 -5.87 -17.59
N CYS A 84 22.02 -4.98 -18.37
CA CYS A 84 21.99 -5.09 -19.83
C CYS A 84 23.25 -4.46 -20.44
N THR A 85 23.37 -4.57 -21.76
CA THR A 85 24.52 -4.03 -22.46
C THR A 85 24.96 -2.70 -21.85
N GLU A 86 26.21 -2.66 -21.39
CA GLU A 86 26.76 -1.45 -20.79
C GLU A 86 28.29 -1.47 -20.79
N SER A 87 28.88 -0.40 -21.30
CA SER A 87 30.33 -0.29 -21.37
C SER A 87 30.96 -0.35 -19.98
N GLY A 88 30.51 0.55 -19.11
CA GLY A 88 31.04 0.59 -17.76
C GLY A 88 32.02 1.72 -17.55
N PRO A 89 32.21 2.12 -16.28
CA PRO A 89 33.13 3.21 -15.92
C PRO A 89 34.59 2.82 -16.11
N SER A 90 35.49 3.78 -15.94
CA SER A 90 36.92 3.54 -16.10
C SER A 90 37.33 2.28 -15.35
N SER A 91 38.03 1.39 -16.04
CA SER A 91 38.49 0.13 -15.45
C SER A 91 39.33 0.41 -14.21
N GLY A 92 40.36 1.23 -14.36
CA GLY A 92 41.23 1.56 -13.25
C GLY A 92 42.69 1.58 -13.65
#